data_9VVN
# 
_entry.id   9VVN 
# 
_audit_conform.dict_name       mmcif_pdbx.dic 
_audit_conform.dict_version    5.404 
_audit_conform.dict_location   http://mmcif.pdb.org/dictionaries/ascii/mmcif_pdbx.dic 
# 
loop_
_database_2.database_id 
_database_2.database_code 
_database_2.pdbx_database_accession 
_database_2.pdbx_DOI 
PDB   9VVN         pdb_00009vvn 10.2210/pdb9vvn/pdb 
WWPDB D_1300061198 ?            ?                   
# 
_pdbx_audit_revision_history.ordinal             1 
_pdbx_audit_revision_history.data_content_type   'Structure model' 
_pdbx_audit_revision_history.major_revision      1 
_pdbx_audit_revision_history.minor_revision      0 
_pdbx_audit_revision_history.revision_date       2025-08-13 
_pdbx_audit_revision_history.part_number         ? 
# 
_pdbx_audit_revision_details.ordinal             1 
_pdbx_audit_revision_details.revision_ordinal    1 
_pdbx_audit_revision_details.data_content_type   'Structure model' 
_pdbx_audit_revision_details.provider            repository 
_pdbx_audit_revision_details.type                'Initial release' 
_pdbx_audit_revision_details.description         ? 
_pdbx_audit_revision_details.details             ? 
# 
_pdbx_database_status.status_code                     REL 
_pdbx_database_status.status_code_sf                  REL 
_pdbx_database_status.status_code_mr                  ? 
_pdbx_database_status.entry_id                        9VVN 
_pdbx_database_status.recvd_initial_deposition_date   2025-07-16 
_pdbx_database_status.SG_entry                        N 
_pdbx_database_status.deposit_site                    PDBJ 
_pdbx_database_status.process_site                    PDBC 
_pdbx_database_status.status_code_cs                  ? 
_pdbx_database_status.status_code_nmr_data            ? 
_pdbx_database_status.methods_development_category    ? 
_pdbx_database_status.pdb_format_compatible           Y 
# 
_pdbx_contact_author.id                 2 
_pdbx_contact_author.email              12237050@zju.edu.cn 
_pdbx_contact_author.name_first         Yunhao 
_pdbx_contact_author.name_last          Li 
_pdbx_contact_author.name_mi            ? 
_pdbx_contact_author.role               'principal investigator/group leader' 
_pdbx_contact_author.identifier_ORCID   0009-0003-9061-9340 
# 
loop_
_audit_author.name 
_audit_author.pdbx_ordinal 
_audit_author.identifier_ORCID 
'Tang, X.'  1 ? 
'Li, Y.H.'  2 ? 
'Xu, Y.L.'  3 ? 
'Kou, L.Y.' 4 ? 
'Ji, P.F.'  5 ? 
# 
_citation.abstract                  ? 
_citation.abstract_id_CAS           ? 
_citation.book_id_ISBN              ? 
_citation.book_publisher            ? 
_citation.book_publisher_city       ? 
_citation.book_title                ? 
_citation.coordinate_linkage        ? 
_citation.country                   ? 
_citation.database_id_Medline       ? 
_citation.details                   ? 
_citation.id                        primary 
_citation.journal_abbrev            'To Be Published' 
_citation.journal_id_ASTM           ? 
_citation.journal_id_CSD            0353 
_citation.journal_id_ISSN           ? 
_citation.journal_full              ? 
_citation.journal_issue             ? 
_citation.journal_volume            ? 
_citation.language                  ? 
_citation.page_first                ? 
_citation.page_last                 ? 
_citation.title                     'Computational design of verteporfin binding protein' 
_citation.year                      ? 
_citation.database_id_CSD           ? 
_citation.pdbx_database_id_DOI      ? 
_citation.pdbx_database_id_PubMed   ? 
_citation.pdbx_database_id_patent   ? 
_citation.unpublished_flag          ? 
# 
loop_
_citation_author.citation_id 
_citation_author.name 
_citation_author.ordinal 
_citation_author.identifier_ORCID 
primary 'Tang, X.'  1 ? 
primary 'Li, Y.H.'  2 ? 
primary 'Xu, Y.L.'  3 ? 
primary 'Kou, L.Y.' 4 ? 
primary 'Ji, P.F.'  5 ? 
# 
loop_
_entity.id 
_entity.type 
_entity.src_method 
_entity.pdbx_description 
_entity.formula_weight 
_entity.pdbx_number_of_molecules 
_entity.pdbx_ec 
_entity.pdbx_mutation 
_entity.pdbx_fragment 
_entity.details 
1 polymer     man VTP-4                                 20361.348 1   ? ? ? ? 
2 non-polymer syn 1,2-ETHANEDIOL                        62.068    2   ? ? ? ? 
3 non-polymer syn 2,5,8,11,14,17-HEXAOXANONADECAN-19-OL 296.357   1   ? ? ? ? 
4 water       nat water                                 18.015    135 ? ? ? ? 
# 
_entity_poly.entity_id                      1 
_entity_poly.type                           'polypeptide(L)' 
_entity_poly.nstd_linkage                   no 
_entity_poly.nstd_monomer                   no 
_entity_poly.pdbx_seq_one_letter_code       
;MGSHHHHHHENLYFQGSIKFRVIFKVTVLSEDEVEVVFEVYLGDELVVKLVNFVTEYVAPAWTRAVPPEVAEALRKAVIE
WGKGVAELFKKFVKKYGIPYGSVFEIVIGYDAATDTSFNEILVDGKPVISFDGEKFVVNEGAPKEFEPVVEELNANKELI
EGLKFFLNVLGPLAARRLAAAA
;
_entity_poly.pdbx_seq_one_letter_code_can   
;MGSHHHHHHENLYFQGSIKFRVIFKVTVLSEDEVEVVFEVYLGDELVVKLVNFVTEYVAPAWTRAVPPEVAEALRKAVIE
WGKGVAELFKKFVKKYGIPYGSVFEIVIGYDAATDTSFNEILVDGKPVISFDGEKFVVNEGAPKEFEPVVEELNANKELI
EGLKFFLNVLGPLAARRLAAAA
;
_entity_poly.pdbx_strand_id                 A 
_entity_poly.pdbx_target_identifier         ? 
# 
loop_
_pdbx_entity_nonpoly.entity_id 
_pdbx_entity_nonpoly.name 
_pdbx_entity_nonpoly.comp_id 
2 1,2-ETHANEDIOL                        EDO 
3 2,5,8,11,14,17-HEXAOXANONADECAN-19-OL P15 
4 water                                 HOH 
# 
loop_
_entity_poly_seq.entity_id 
_entity_poly_seq.num 
_entity_poly_seq.mon_id 
_entity_poly_seq.hetero 
1 1   MET n 
1 2   GLY n 
1 3   SER n 
1 4   HIS n 
1 5   HIS n 
1 6   HIS n 
1 7   HIS n 
1 8   HIS n 
1 9   HIS n 
1 10  GLU n 
1 11  ASN n 
1 12  LEU n 
1 13  TYR n 
1 14  PHE n 
1 15  GLN n 
1 16  GLY n 
1 17  SER n 
1 18  ILE n 
1 19  LYS n 
1 20  PHE n 
1 21  ARG n 
1 22  VAL n 
1 23  ILE n 
1 24  PHE n 
1 25  LYS n 
1 26  VAL n 
1 27  THR n 
1 28  VAL n 
1 29  LEU n 
1 30  SER n 
1 31  GLU n 
1 32  ASP n 
1 33  GLU n 
1 34  VAL n 
1 35  GLU n 
1 36  VAL n 
1 37  VAL n 
1 38  PHE n 
1 39  GLU n 
1 40  VAL n 
1 41  TYR n 
1 42  LEU n 
1 43  GLY n 
1 44  ASP n 
1 45  GLU n 
1 46  LEU n 
1 47  VAL n 
1 48  VAL n 
1 49  LYS n 
1 50  LEU n 
1 51  VAL n 
1 52  ASN n 
1 53  PHE n 
1 54  VAL n 
1 55  THR n 
1 56  GLU n 
1 57  TYR n 
1 58  VAL n 
1 59  ALA n 
1 60  PRO n 
1 61  ALA n 
1 62  TRP n 
1 63  THR n 
1 64  ARG n 
1 65  ALA n 
1 66  VAL n 
1 67  PRO n 
1 68  PRO n 
1 69  GLU n 
1 70  VAL n 
1 71  ALA n 
1 72  GLU n 
1 73  ALA n 
1 74  LEU n 
1 75  ARG n 
1 76  LYS n 
1 77  ALA n 
1 78  VAL n 
1 79  ILE n 
1 80  GLU n 
1 81  TRP n 
1 82  GLY n 
1 83  LYS n 
1 84  GLY n 
1 85  VAL n 
1 86  ALA n 
1 87  GLU n 
1 88  LEU n 
1 89  PHE n 
1 90  LYS n 
1 91  LYS n 
1 92  PHE n 
1 93  VAL n 
1 94  LYS n 
1 95  LYS n 
1 96  TYR n 
1 97  GLY n 
1 98  ILE n 
1 99  PRO n 
1 100 TYR n 
1 101 GLY n 
1 102 SER n 
1 103 VAL n 
1 104 PHE n 
1 105 GLU n 
1 106 ILE n 
1 107 VAL n 
1 108 ILE n 
1 109 GLY n 
1 110 TYR n 
1 111 ASP n 
1 112 ALA n 
1 113 ALA n 
1 114 THR n 
1 115 ASP n 
1 116 THR n 
1 117 SER n 
1 118 PHE n 
1 119 ASN n 
1 120 GLU n 
1 121 ILE n 
1 122 LEU n 
1 123 VAL n 
1 124 ASP n 
1 125 GLY n 
1 126 LYS n 
1 127 PRO n 
1 128 VAL n 
1 129 ILE n 
1 130 SER n 
1 131 PHE n 
1 132 ASP n 
1 133 GLY n 
1 134 GLU n 
1 135 LYS n 
1 136 PHE n 
1 137 VAL n 
1 138 VAL n 
1 139 ASN n 
1 140 GLU n 
1 141 GLY n 
1 142 ALA n 
1 143 PRO n 
1 144 LYS n 
1 145 GLU n 
1 146 PHE n 
1 147 GLU n 
1 148 PRO n 
1 149 VAL n 
1 150 VAL n 
1 151 GLU n 
1 152 GLU n 
1 153 LEU n 
1 154 ASN n 
1 155 ALA n 
1 156 ASN n 
1 157 LYS n 
1 158 GLU n 
1 159 LEU n 
1 160 ILE n 
1 161 GLU n 
1 162 GLY n 
1 163 LEU n 
1 164 LYS n 
1 165 PHE n 
1 166 PHE n 
1 167 LEU n 
1 168 ASN n 
1 169 VAL n 
1 170 LEU n 
1 171 GLY n 
1 172 PRO n 
1 173 LEU n 
1 174 ALA n 
1 175 ALA n 
1 176 ARG n 
1 177 ARG n 
1 178 LEU n 
1 179 ALA n 
1 180 ALA n 
1 181 ALA n 
1 182 ALA n 
# 
_entity_src_gen.entity_id                          1 
_entity_src_gen.pdbx_src_id                        1 
_entity_src_gen.pdbx_alt_source_flag               sample 
_entity_src_gen.pdbx_seq_type                      'Biological sequence' 
_entity_src_gen.pdbx_beg_seq_num                   1 
_entity_src_gen.pdbx_end_seq_num                   182 
_entity_src_gen.gene_src_common_name               ? 
_entity_src_gen.gene_src_genus                     ? 
_entity_src_gen.pdbx_gene_src_gene                 ? 
_entity_src_gen.gene_src_species                   ? 
_entity_src_gen.gene_src_strain                    ? 
_entity_src_gen.gene_src_tissue                    ? 
_entity_src_gen.gene_src_tissue_fraction           ? 
_entity_src_gen.gene_src_details                   ? 
_entity_src_gen.pdbx_gene_src_fragment             ? 
_entity_src_gen.pdbx_gene_src_scientific_name      'synthetic construct' 
_entity_src_gen.pdbx_gene_src_ncbi_taxonomy_id     32630 
_entity_src_gen.pdbx_gene_src_variant              ? 
_entity_src_gen.pdbx_gene_src_cell_line            ? 
_entity_src_gen.pdbx_gene_src_atcc                 ? 
_entity_src_gen.pdbx_gene_src_organ                ? 
_entity_src_gen.pdbx_gene_src_organelle            ? 
_entity_src_gen.pdbx_gene_src_cell                 ? 
_entity_src_gen.pdbx_gene_src_cellular_location    ? 
_entity_src_gen.host_org_common_name               ? 
_entity_src_gen.pdbx_host_org_scientific_name      'Escherichia coli' 
_entity_src_gen.pdbx_host_org_ncbi_taxonomy_id     562 
_entity_src_gen.host_org_genus                     ? 
_entity_src_gen.pdbx_host_org_gene                 ? 
_entity_src_gen.pdbx_host_org_organ                ? 
_entity_src_gen.host_org_species                   ? 
_entity_src_gen.pdbx_host_org_tissue               ? 
_entity_src_gen.pdbx_host_org_tissue_fraction      ? 
_entity_src_gen.pdbx_host_org_strain               ? 
_entity_src_gen.pdbx_host_org_variant              ? 
_entity_src_gen.pdbx_host_org_cell_line            ? 
_entity_src_gen.pdbx_host_org_atcc                 ? 
_entity_src_gen.pdbx_host_org_culture_collection   ? 
_entity_src_gen.pdbx_host_org_cell                 ? 
_entity_src_gen.pdbx_host_org_organelle            ? 
_entity_src_gen.pdbx_host_org_cellular_location    ? 
_entity_src_gen.pdbx_host_org_vector_type          ? 
_entity_src_gen.pdbx_host_org_vector               ? 
_entity_src_gen.host_org_details                   ? 
_entity_src_gen.expression_system_id               ? 
_entity_src_gen.plasmid_name                       ? 
_entity_src_gen.plasmid_details                    ? 
_entity_src_gen.pdbx_description                   ? 
# 
loop_
_chem_comp.id 
_chem_comp.type 
_chem_comp.mon_nstd_flag 
_chem_comp.name 
_chem_comp.pdbx_synonyms 
_chem_comp.formula 
_chem_comp.formula_weight 
ALA 'L-peptide linking' y ALANINE                               ?                 'C3 H7 N O2'     89.093  
ARG 'L-peptide linking' y ARGININE                              ?                 'C6 H15 N4 O2 1' 175.209 
ASN 'L-peptide linking' y ASPARAGINE                            ?                 'C4 H8 N2 O3'    132.118 
ASP 'L-peptide linking' y 'ASPARTIC ACID'                       ?                 'C4 H7 N O4'     133.103 
EDO non-polymer         . 1,2-ETHANEDIOL                        'ETHYLENE GLYCOL' 'C2 H6 O2'       62.068  
GLN 'L-peptide linking' y GLUTAMINE                             ?                 'C5 H10 N2 O3'   146.144 
GLU 'L-peptide linking' y 'GLUTAMIC ACID'                       ?                 'C5 H9 N O4'     147.129 
GLY 'peptide linking'   y GLYCINE                               ?                 'C2 H5 N O2'     75.067  
HIS 'L-peptide linking' y HISTIDINE                             ?                 'C6 H10 N3 O2 1' 156.162 
HOH non-polymer         . WATER                                 ?                 'H2 O'           18.015  
ILE 'L-peptide linking' y ISOLEUCINE                            ?                 'C6 H13 N O2'    131.173 
LEU 'L-peptide linking' y LEUCINE                               ?                 'C6 H13 N O2'    131.173 
LYS 'L-peptide linking' y LYSINE                                ?                 'C6 H15 N2 O2 1' 147.195 
MET 'L-peptide linking' y METHIONINE                            ?                 'C5 H11 N O2 S'  149.211 
P15 non-polymer         . 2,5,8,11,14,17-HEXAOXANONADECAN-19-OL ?                 'C13 H28 O7'     296.357 
PHE 'L-peptide linking' y PHENYLALANINE                         ?                 'C9 H11 N O2'    165.189 
PRO 'L-peptide linking' y PROLINE                               ?                 'C5 H9 N O2'     115.130 
SER 'L-peptide linking' y SERINE                                ?                 'C3 H7 N O3'     105.093 
THR 'L-peptide linking' y THREONINE                             ?                 'C4 H9 N O3'     119.119 
TRP 'L-peptide linking' y TRYPTOPHAN                            ?                 'C11 H12 N2 O2'  204.225 
TYR 'L-peptide linking' y TYROSINE                              ?                 'C9 H11 N O3'    181.189 
VAL 'L-peptide linking' y VALINE                                ?                 'C5 H11 N O2'    117.146 
# 
loop_
_pdbx_poly_seq_scheme.asym_id 
_pdbx_poly_seq_scheme.entity_id 
_pdbx_poly_seq_scheme.seq_id 
_pdbx_poly_seq_scheme.mon_id 
_pdbx_poly_seq_scheme.ndb_seq_num 
_pdbx_poly_seq_scheme.pdb_seq_num 
_pdbx_poly_seq_scheme.auth_seq_num 
_pdbx_poly_seq_scheme.pdb_mon_id 
_pdbx_poly_seq_scheme.auth_mon_id 
_pdbx_poly_seq_scheme.pdb_strand_id 
_pdbx_poly_seq_scheme.pdb_ins_code 
_pdbx_poly_seq_scheme.hetero 
A 1 1   MET 1   -15 ?   ?   ?   A . n 
A 1 2   GLY 2   -14 ?   ?   ?   A . n 
A 1 3   SER 3   -13 ?   ?   ?   A . n 
A 1 4   HIS 4   -12 ?   ?   ?   A . n 
A 1 5   HIS 5   -11 ?   ?   ?   A . n 
A 1 6   HIS 6   -10 ?   ?   ?   A . n 
A 1 7   HIS 7   -9  ?   ?   ?   A . n 
A 1 8   HIS 8   -8  ?   ?   ?   A . n 
A 1 9   HIS 9   -7  ?   ?   ?   A . n 
A 1 10  GLU 10  -6  ?   ?   ?   A . n 
A 1 11  ASN 11  -5  ?   ?   ?   A . n 
A 1 12  LEU 12  -4  ?   ?   ?   A . n 
A 1 13  TYR 13  -3  ?   ?   ?   A . n 
A 1 14  PHE 14  -2  ?   ?   ?   A . n 
A 1 15  GLN 15  -1  ?   ?   ?   A . n 
A 1 16  GLY 16  0   0   GLY GLY A . n 
A 1 17  SER 17  1   1   SER SER A . n 
A 1 18  ILE 18  2   2   ILE ILE A . n 
A 1 19  LYS 19  3   3   LYS LYS A . n 
A 1 20  PHE 20  4   4   PHE PHE A . n 
A 1 21  ARG 21  5   5   ARG ARG A . n 
A 1 22  VAL 22  6   6   VAL VAL A . n 
A 1 23  ILE 23  7   7   ILE ILE A . n 
A 1 24  PHE 24  8   8   PHE PHE A . n 
A 1 25  LYS 25  9   9   LYS LYS A . n 
A 1 26  VAL 26  10  10  VAL VAL A . n 
A 1 27  THR 27  11  11  THR THR A . n 
A 1 28  VAL 28  12  12  VAL VAL A . n 
A 1 29  LEU 29  13  13  LEU LEU A . n 
A 1 30  SER 30  14  14  SER SER A . n 
A 1 31  GLU 31  15  15  GLU GLU A . n 
A 1 32  ASP 32  16  16  ASP ASP A . n 
A 1 33  GLU 33  17  17  GLU GLU A . n 
A 1 34  VAL 34  18  18  VAL VAL A . n 
A 1 35  GLU 35  19  19  GLU GLU A . n 
A 1 36  VAL 36  20  20  VAL VAL A . n 
A 1 37  VAL 37  21  21  VAL VAL A . n 
A 1 38  PHE 38  22  22  PHE PHE A . n 
A 1 39  GLU 39  23  23  GLU GLU A . n 
A 1 40  VAL 40  24  24  VAL VAL A . n 
A 1 41  TYR 41  25  25  TYR TYR A . n 
A 1 42  LEU 42  26  26  LEU LEU A . n 
A 1 43  GLY 43  27  27  GLY GLY A . n 
A 1 44  ASP 44  28  28  ASP ASP A . n 
A 1 45  GLU 45  29  29  GLU GLU A . n 
A 1 46  LEU 46  30  30  LEU LEU A . n 
A 1 47  VAL 47  31  31  VAL VAL A . n 
A 1 48  VAL 48  32  32  VAL VAL A . n 
A 1 49  LYS 49  33  33  LYS LYS A . n 
A 1 50  LEU 50  34  34  LEU LEU A . n 
A 1 51  VAL 51  35  35  VAL VAL A . n 
A 1 52  ASN 52  36  36  ASN ASN A . n 
A 1 53  PHE 53  37  37  PHE PHE A . n 
A 1 54  VAL 54  38  38  VAL VAL A . n 
A 1 55  THR 55  39  39  THR THR A . n 
A 1 56  GLU 56  40  40  GLU GLU A . n 
A 1 57  TYR 57  41  41  TYR TYR A . n 
A 1 58  VAL 58  42  42  VAL VAL A . n 
A 1 59  ALA 59  43  43  ALA ALA A . n 
A 1 60  PRO 60  44  44  PRO PRO A . n 
A 1 61  ALA 61  45  45  ALA ALA A . n 
A 1 62  TRP 62  46  46  TRP TRP A . n 
A 1 63  THR 63  47  47  THR THR A . n 
A 1 64  ARG 64  48  48  ARG ARG A . n 
A 1 65  ALA 65  49  49  ALA ALA A . n 
A 1 66  VAL 66  50  50  VAL VAL A . n 
A 1 67  PRO 67  51  51  PRO PRO A . n 
A 1 68  PRO 68  52  52  PRO PRO A . n 
A 1 69  GLU 69  53  53  GLU GLU A . n 
A 1 70  VAL 70  54  54  VAL VAL A . n 
A 1 71  ALA 71  55  55  ALA ALA A . n 
A 1 72  GLU 72  56  56  GLU GLU A . n 
A 1 73  ALA 73  57  57  ALA ALA A . n 
A 1 74  LEU 74  58  58  LEU LEU A . n 
A 1 75  ARG 75  59  59  ARG ARG A . n 
A 1 76  LYS 76  60  60  LYS LYS A . n 
A 1 77  ALA 77  61  61  ALA ALA A . n 
A 1 78  VAL 78  62  62  VAL VAL A . n 
A 1 79  ILE 79  63  63  ILE ILE A . n 
A 1 80  GLU 80  64  64  GLU GLU A . n 
A 1 81  TRP 81  65  65  TRP TRP A . n 
A 1 82  GLY 82  66  66  GLY GLY A . n 
A 1 83  LYS 83  67  67  LYS LYS A . n 
A 1 84  GLY 84  68  68  GLY GLY A . n 
A 1 85  VAL 85  69  69  VAL VAL A . n 
A 1 86  ALA 86  70  70  ALA ALA A . n 
A 1 87  GLU 87  71  71  GLU GLU A . n 
A 1 88  LEU 88  72  72  LEU LEU A . n 
A 1 89  PHE 89  73  73  PHE PHE A . n 
A 1 90  LYS 90  74  74  LYS LYS A . n 
A 1 91  LYS 91  75  75  LYS LYS A . n 
A 1 92  PHE 92  76  76  PHE PHE A . n 
A 1 93  VAL 93  77  77  VAL VAL A . n 
A 1 94  LYS 94  78  78  LYS LYS A . n 
A 1 95  LYS 95  79  79  LYS LYS A . n 
A 1 96  TYR 96  80  80  TYR TYR A . n 
A 1 97  GLY 97  81  81  GLY GLY A . n 
A 1 98  ILE 98  82  82  ILE ILE A . n 
A 1 99  PRO 99  83  83  PRO PRO A . n 
A 1 100 TYR 100 84  84  TYR TYR A . n 
A 1 101 GLY 101 85  85  GLY GLY A . n 
A 1 102 SER 102 86  86  SER SER A . n 
A 1 103 VAL 103 87  87  VAL VAL A . n 
A 1 104 PHE 104 88  88  PHE PHE A . n 
A 1 105 GLU 105 89  89  GLU GLU A . n 
A 1 106 ILE 106 90  90  ILE ILE A . n 
A 1 107 VAL 107 91  91  VAL VAL A . n 
A 1 108 ILE 108 92  92  ILE ILE A . n 
A 1 109 GLY 109 93  93  GLY GLY A . n 
A 1 110 TYR 110 94  94  TYR TYR A . n 
A 1 111 ASP 111 95  95  ASP ASP A . n 
A 1 112 ALA 112 96  96  ALA ALA A . n 
A 1 113 ALA 113 97  97  ALA ALA A . n 
A 1 114 THR 114 98  98  THR THR A . n 
A 1 115 ASP 115 99  99  ASP ASP A . n 
A 1 116 THR 116 100 100 THR THR A . n 
A 1 117 SER 117 101 101 SER SER A . n 
A 1 118 PHE 118 102 102 PHE PHE A . n 
A 1 119 ASN 119 103 103 ASN ASN A . n 
A 1 120 GLU 120 104 104 GLU GLU A . n 
A 1 121 ILE 121 105 105 ILE ILE A . n 
A 1 122 LEU 122 106 106 LEU LEU A . n 
A 1 123 VAL 123 107 107 VAL VAL A . n 
A 1 124 ASP 124 108 108 ASP ASP A . n 
A 1 125 GLY 125 109 109 GLY GLY A . n 
A 1 126 LYS 126 110 110 LYS LYS A . n 
A 1 127 PRO 127 111 111 PRO PRO A . n 
A 1 128 VAL 128 112 112 VAL VAL A . n 
A 1 129 ILE 129 113 113 ILE ILE A . n 
A 1 130 SER 130 114 114 SER SER A . n 
A 1 131 PHE 131 115 115 PHE PHE A . n 
A 1 132 ASP 132 116 116 ASP ASP A . n 
A 1 133 GLY 133 117 117 GLY GLY A . n 
A 1 134 GLU 134 118 118 GLU GLU A . n 
A 1 135 LYS 135 119 119 LYS LYS A . n 
A 1 136 PHE 136 120 120 PHE PHE A . n 
A 1 137 VAL 137 121 121 VAL VAL A . n 
A 1 138 VAL 138 122 122 VAL VAL A . n 
A 1 139 ASN 139 123 123 ASN ASN A . n 
A 1 140 GLU 140 124 124 GLU GLU A . n 
A 1 141 GLY 141 125 125 GLY GLY A . n 
A 1 142 ALA 142 126 126 ALA ALA A . n 
A 1 143 PRO 143 127 127 PRO PRO A . n 
A 1 144 LYS 144 128 128 LYS LYS A . n 
A 1 145 GLU 145 129 129 GLU GLU A . n 
A 1 146 PHE 146 130 130 PHE PHE A . n 
A 1 147 GLU 147 131 131 GLU GLU A . n 
A 1 148 PRO 148 132 132 PRO PRO A . n 
A 1 149 VAL 149 133 133 VAL VAL A . n 
A 1 150 VAL 150 134 134 VAL VAL A . n 
A 1 151 GLU 151 135 135 GLU GLU A . n 
A 1 152 GLU 152 136 136 GLU GLU A . n 
A 1 153 LEU 153 137 137 LEU LEU A . n 
A 1 154 ASN 154 138 138 ASN ASN A . n 
A 1 155 ALA 155 139 139 ALA ALA A . n 
A 1 156 ASN 156 140 140 ASN ASN A . n 
A 1 157 LYS 157 141 141 LYS LYS A . n 
A 1 158 GLU 158 142 142 GLU GLU A . n 
A 1 159 LEU 159 143 143 LEU LEU A . n 
A 1 160 ILE 160 144 144 ILE ILE A . n 
A 1 161 GLU 161 145 145 GLU GLU A . n 
A 1 162 GLY 162 146 146 GLY GLY A . n 
A 1 163 LEU 163 147 147 LEU LEU A . n 
A 1 164 LYS 164 148 148 LYS LYS A . n 
A 1 165 PHE 165 149 149 PHE PHE A . n 
A 1 166 PHE 166 150 150 PHE PHE A . n 
A 1 167 LEU 167 151 151 LEU LEU A . n 
A 1 168 ASN 168 152 152 ASN ASN A . n 
A 1 169 VAL 169 153 153 VAL VAL A . n 
A 1 170 LEU 170 154 154 LEU LEU A . n 
A 1 171 GLY 171 155 155 GLY GLY A . n 
A 1 172 PRO 172 156 156 PRO PRO A . n 
A 1 173 LEU 173 157 157 LEU LEU A . n 
A 1 174 ALA 174 158 158 ALA ALA A . n 
A 1 175 ALA 175 159 159 ALA ALA A . n 
A 1 176 ARG 176 160 160 ARG ARG A . n 
A 1 177 ARG 177 161 161 ARG ARG A . n 
A 1 178 LEU 178 162 162 LEU LEU A . n 
A 1 179 ALA 179 163 163 ALA ALA A . n 
A 1 180 ALA 180 164 164 ALA ALA A . n 
A 1 181 ALA 181 165 165 ALA ALA A . n 
A 1 182 ALA 182 166 166 ALA ALA A . n 
# 
loop_
_pdbx_nonpoly_scheme.asym_id 
_pdbx_nonpoly_scheme.entity_id 
_pdbx_nonpoly_scheme.mon_id 
_pdbx_nonpoly_scheme.ndb_seq_num 
_pdbx_nonpoly_scheme.pdb_seq_num 
_pdbx_nonpoly_scheme.auth_seq_num 
_pdbx_nonpoly_scheme.pdb_mon_id 
_pdbx_nonpoly_scheme.auth_mon_id 
_pdbx_nonpoly_scheme.pdb_strand_id 
_pdbx_nonpoly_scheme.pdb_ins_code 
B 2 EDO 1   201 201 EDO EDO A . 
C 2 EDO 1   202 202 EDO EDO A . 
D 3 P15 1   203 203 P15 P15 A . 
E 4 HOH 1   301 133 HOH HOH A . 
E 4 HOH 2   302 18  HOH HOH A . 
E 4 HOH 3   303 79  HOH HOH A . 
E 4 HOH 4   304 51  HOH HOH A . 
E 4 HOH 5   305 90  HOH HOH A . 
E 4 HOH 6   306 35  HOH HOH A . 
E 4 HOH 7   307 75  HOH HOH A . 
E 4 HOH 8   308 44  HOH HOH A . 
E 4 HOH 9   309 123 HOH HOH A . 
E 4 HOH 10  310 106 HOH HOH A . 
E 4 HOH 11  311 114 HOH HOH A . 
E 4 HOH 12  312 127 HOH HOH A . 
E 4 HOH 13  313 27  HOH HOH A . 
E 4 HOH 14  314 61  HOH HOH A . 
E 4 HOH 15  315 46  HOH HOH A . 
E 4 HOH 16  316 93  HOH HOH A . 
E 4 HOH 17  317 87  HOH HOH A . 
E 4 HOH 18  318 20  HOH HOH A . 
E 4 HOH 19  319 128 HOH HOH A . 
E 4 HOH 20  320 113 HOH HOH A . 
E 4 HOH 21  321 23  HOH HOH A . 
E 4 HOH 22  322 70  HOH HOH A . 
E 4 HOH 23  323 80  HOH HOH A . 
E 4 HOH 24  324 59  HOH HOH A . 
E 4 HOH 25  325 95  HOH HOH A . 
E 4 HOH 26  326 8   HOH HOH A . 
E 4 HOH 27  327 25  HOH HOH A . 
E 4 HOH 28  328 5   HOH HOH A . 
E 4 HOH 29  329 28  HOH HOH A . 
E 4 HOH 30  330 39  HOH HOH A . 
E 4 HOH 31  331 68  HOH HOH A . 
E 4 HOH 32  332 9   HOH HOH A . 
E 4 HOH 33  333 63  HOH HOH A . 
E 4 HOH 34  334 15  HOH HOH A . 
E 4 HOH 35  335 2   HOH HOH A . 
E 4 HOH 36  336 102 HOH HOH A . 
E 4 HOH 37  337 118 HOH HOH A . 
E 4 HOH 38  338 22  HOH HOH A . 
E 4 HOH 39  339 112 HOH HOH A . 
E 4 HOH 40  340 96  HOH HOH A . 
E 4 HOH 41  341 58  HOH HOH A . 
E 4 HOH 42  342 45  HOH HOH A . 
E 4 HOH 43  343 54  HOH HOH A . 
E 4 HOH 44  344 78  HOH HOH A . 
E 4 HOH 45  345 116 HOH HOH A . 
E 4 HOH 46  346 48  HOH HOH A . 
E 4 HOH 47  347 125 HOH HOH A . 
E 4 HOH 48  348 91  HOH HOH A . 
E 4 HOH 49  349 86  HOH HOH A . 
E 4 HOH 50  350 26  HOH HOH A . 
E 4 HOH 51  351 38  HOH HOH A . 
E 4 HOH 52  352 13  HOH HOH A . 
E 4 HOH 53  353 76  HOH HOH A . 
E 4 HOH 54  354 97  HOH HOH A . 
E 4 HOH 55  355 37  HOH HOH A . 
E 4 HOH 56  356 66  HOH HOH A . 
E 4 HOH 57  357 62  HOH HOH A . 
E 4 HOH 58  358 33  HOH HOH A . 
E 4 HOH 59  359 17  HOH HOH A . 
E 4 HOH 60  360 119 HOH HOH A . 
E 4 HOH 61  361 83  HOH HOH A . 
E 4 HOH 62  362 43  HOH HOH A . 
E 4 HOH 63  363 32  HOH HOH A . 
E 4 HOH 64  364 4   HOH HOH A . 
E 4 HOH 65  365 6   HOH HOH A . 
E 4 HOH 66  366 21  HOH HOH A . 
E 4 HOH 67  367 31  HOH HOH A . 
E 4 HOH 68  368 55  HOH HOH A . 
E 4 HOH 69  369 89  HOH HOH A . 
E 4 HOH 70  370 3   HOH HOH A . 
E 4 HOH 71  371 101 HOH HOH A . 
E 4 HOH 72  372 88  HOH HOH A . 
E 4 HOH 73  373 60  HOH HOH A . 
E 4 HOH 74  374 73  HOH HOH A . 
E 4 HOH 75  375 40  HOH HOH A . 
E 4 HOH 76  376 16  HOH HOH A . 
E 4 HOH 77  377 11  HOH HOH A . 
E 4 HOH 78  378 19  HOH HOH A . 
E 4 HOH 79  379 30  HOH HOH A . 
E 4 HOH 80  380 24  HOH HOH A . 
E 4 HOH 81  381 85  HOH HOH A . 
E 4 HOH 82  382 69  HOH HOH A . 
E 4 HOH 83  383 34  HOH HOH A . 
E 4 HOH 84  384 98  HOH HOH A . 
E 4 HOH 85  385 1   HOH HOH A . 
E 4 HOH 86  386 14  HOH HOH A . 
E 4 HOH 87  387 81  HOH HOH A . 
E 4 HOH 88  388 65  HOH HOH A . 
E 4 HOH 89  389 67  HOH HOH A . 
E 4 HOH 90  390 10  HOH HOH A . 
E 4 HOH 91  391 77  HOH HOH A . 
E 4 HOH 92  392 29  HOH HOH A . 
E 4 HOH 93  393 115 HOH HOH A . 
E 4 HOH 94  394 71  HOH HOH A . 
E 4 HOH 95  395 50  HOH HOH A . 
E 4 HOH 96  396 99  HOH HOH A . 
E 4 HOH 97  397 7   HOH HOH A . 
E 4 HOH 98  398 132 HOH HOH A . 
E 4 HOH 99  399 130 HOH HOH A . 
E 4 HOH 100 400 107 HOH HOH A . 
E 4 HOH 101 401 49  HOH HOH A . 
E 4 HOH 102 402 53  HOH HOH A . 
E 4 HOH 103 403 84  HOH HOH A . 
E 4 HOH 104 404 47  HOH HOH A . 
E 4 HOH 105 405 64  HOH HOH A . 
E 4 HOH 106 406 108 HOH HOH A . 
E 4 HOH 107 407 36  HOH HOH A . 
E 4 HOH 108 408 74  HOH HOH A . 
E 4 HOH 109 409 12  HOH HOH A . 
E 4 HOH 110 410 57  HOH HOH A . 
E 4 HOH 111 411 41  HOH HOH A . 
E 4 HOH 112 412 100 HOH HOH A . 
E 4 HOH 113 413 131 HOH HOH A . 
E 4 HOH 114 414 110 HOH HOH A . 
E 4 HOH 115 415 52  HOH HOH A . 
E 4 HOH 116 416 92  HOH HOH A . 
E 4 HOH 117 417 134 HOH HOH A . 
E 4 HOH 118 418 94  HOH HOH A . 
E 4 HOH 119 419 120 HOH HOH A . 
E 4 HOH 120 420 122 HOH HOH A . 
E 4 HOH 121 421 56  HOH HOH A . 
E 4 HOH 122 422 121 HOH HOH A . 
E 4 HOH 123 423 117 HOH HOH A . 
E 4 HOH 124 424 129 HOH HOH A . 
E 4 HOH 125 425 82  HOH HOH A . 
E 4 HOH 126 426 72  HOH HOH A . 
E 4 HOH 127 427 103 HOH HOH A . 
E 4 HOH 128 428 111 HOH HOH A . 
E 4 HOH 129 429 42  HOH HOH A . 
E 4 HOH 130 430 126 HOH HOH A . 
E 4 HOH 131 431 104 HOH HOH A . 
E 4 HOH 132 432 124 HOH HOH A . 
E 4 HOH 133 433 109 HOH HOH A . 
E 4 HOH 134 434 105 HOH HOH A . 
E 4 HOH 135 435 135 HOH HOH A . 
# 
loop_
_software.citation_id 
_software.classification 
_software.compiler_name 
_software.compiler_version 
_software.contact_author 
_software.contact_author_email 
_software.date 
_software.description 
_software.dependencies 
_software.hardware 
_software.language 
_software.location 
_software.mods 
_software.name 
_software.os 
_software.os_version 
_software.type 
_software.version 
_software.pdbx_reference_DOI 
_software.pdbx_ordinal 
? refinement       ? ? ? ? ? ? ? ? ? ? ? REFMAC  ? ? ? 5.8.0430 ? 1 
? 'data reduction' ? ? ? ? ? ? ? ? ? ? ? XDS     ? ? ? .        ? 2 
? 'data scaling'   ? ? ? ? ? ? ? ? ? ? ? Aimless ? ? ? .        ? 3 
? phasing          ? ? ? ? ? ? ? ? ? ? ? PHASER  ? ? ? .        ? 4 
# 
_cell.angle_alpha                  90.000 
_cell.angle_alpha_esd              ? 
_cell.angle_beta                   90.000 
_cell.angle_beta_esd               ? 
_cell.angle_gamma                  90.000 
_cell.angle_gamma_esd              ? 
_cell.entry_id                     9VVN 
_cell.details                      ? 
_cell.formula_units_Z              ? 
_cell.length_a                     35.606 
_cell.length_a_esd                 ? 
_cell.length_b                     58.488 
_cell.length_b_esd                 ? 
_cell.length_c                     83.828 
_cell.length_c_esd                 ? 
_cell.volume                       ? 
_cell.volume_esd                   ? 
_cell.Z_PDB                        4 
_cell.reciprocal_angle_alpha       ? 
_cell.reciprocal_angle_beta        ? 
_cell.reciprocal_angle_gamma       ? 
_cell.reciprocal_angle_alpha_esd   ? 
_cell.reciprocal_angle_beta_esd    ? 
_cell.reciprocal_angle_gamma_esd   ? 
_cell.reciprocal_length_a          ? 
_cell.reciprocal_length_b          ? 
_cell.reciprocal_length_c          ? 
_cell.reciprocal_length_a_esd      ? 
_cell.reciprocal_length_b_esd      ? 
_cell.reciprocal_length_c_esd      ? 
_cell.pdbx_unique_axis             ? 
_cell.pdbx_esd_method              ? 
# 
_symmetry.entry_id                         9VVN 
_symmetry.cell_setting                     ? 
_symmetry.Int_Tables_number                19 
_symmetry.space_group_name_Hall            ? 
_symmetry.space_group_name_H-M             'P 21 21 21' 
_symmetry.pdbx_full_space_group_name_H-M   ? 
# 
_exptl.absorpt_coefficient_mu     ? 
_exptl.absorpt_correction_T_max   ? 
_exptl.absorpt_correction_T_min   ? 
_exptl.absorpt_correction_type    ? 
_exptl.absorpt_process_details    ? 
_exptl.entry_id                   9VVN 
_exptl.crystals_number            1 
_exptl.details                    ? 
_exptl.method                     'X-RAY DIFFRACTION' 
_exptl.method_details             ? 
# 
_exptl_crystal.colour                       ? 
_exptl_crystal.density_diffrn               ? 
_exptl_crystal.density_Matthews             2.14 
_exptl_crystal.density_method               ? 
_exptl_crystal.density_percent_sol          42.62 
_exptl_crystal.description                  ? 
_exptl_crystal.F_000                        ? 
_exptl_crystal.id                           1 
_exptl_crystal.preparation                  ? 
_exptl_crystal.size_max                     ? 
_exptl_crystal.size_mid                     ? 
_exptl_crystal.size_min                     ? 
_exptl_crystal.size_rad                     ? 
_exptl_crystal.colour_lustre                ? 
_exptl_crystal.colour_modifier              ? 
_exptl_crystal.colour_primary               ? 
_exptl_crystal.density_meas                 ? 
_exptl_crystal.density_meas_esd             ? 
_exptl_crystal.density_meas_gt              ? 
_exptl_crystal.density_meas_lt              ? 
_exptl_crystal.density_meas_temp            ? 
_exptl_crystal.density_meas_temp_esd        ? 
_exptl_crystal.density_meas_temp_gt         ? 
_exptl_crystal.density_meas_temp_lt         ? 
_exptl_crystal.pdbx_crystal_image_url       ? 
_exptl_crystal.pdbx_crystal_image_format    ? 
_exptl_crystal.pdbx_mosaicity               ? 
_exptl_crystal.pdbx_mosaicity_esd           ? 
_exptl_crystal.pdbx_mosaic_method           ? 
_exptl_crystal.pdbx_mosaic_block_size       ? 
_exptl_crystal.pdbx_mosaic_block_size_esd   ? 
# 
_exptl_crystal_grow.apparatus       ? 
_exptl_crystal_grow.atmosphere      ? 
_exptl_crystal_grow.crystal_id      1 
_exptl_crystal_grow.details         ? 
_exptl_crystal_grow.method          'VAPOR DIFFUSION, SITTING DROP' 
_exptl_crystal_grow.method_ref      ? 
_exptl_crystal_grow.pH              ? 
_exptl_crystal_grow.pressure        ? 
_exptl_crystal_grow.pressure_esd    ? 
_exptl_crystal_grow.seeding         ? 
_exptl_crystal_grow.seeding_ref     ? 
_exptl_crystal_grow.temp_details    ? 
_exptl_crystal_grow.temp_esd        ? 
_exptl_crystal_grow.time            ? 
_exptl_crystal_grow.pdbx_details    '0.01M NiCl2, 0.1M Tris-HCl pH8.5, 20% w/v Polyethylene glycol Monomethyl ether 2,000' 
_exptl_crystal_grow.pdbx_pH_range   ? 
_exptl_crystal_grow.temp            293 
# 
_diffrn.ambient_environment              ? 
_diffrn.ambient_temp                     100 
_diffrn.ambient_temp_details             ? 
_diffrn.ambient_temp_esd                 ? 
_diffrn.crystal_id                       1 
_diffrn.crystal_support                  ? 
_diffrn.crystal_treatment                ? 
_diffrn.details                          ? 
_diffrn.id                               1 
_diffrn.ambient_pressure                 ? 
_diffrn.ambient_pressure_esd             ? 
_diffrn.ambient_pressure_gt              ? 
_diffrn.ambient_pressure_lt              ? 
_diffrn.ambient_temp_gt                  ? 
_diffrn.ambient_temp_lt                  ? 
_diffrn.pdbx_serial_crystal_experiment   N 
# 
_diffrn_detector.details                      ? 
_diffrn_detector.detector                     PIXEL 
_diffrn_detector.diffrn_id                    1 
_diffrn_detector.type                         'DECTRIS EIGER X 16M' 
_diffrn_detector.area_resol_mean              ? 
_diffrn_detector.dtime                        ? 
_diffrn_detector.pdbx_frames_total            ? 
_diffrn_detector.pdbx_collection_time_total   ? 
_diffrn_detector.pdbx_collection_date         2024-11-12 
_diffrn_detector.pdbx_frequency               ? 
_diffrn_detector.id                           ? 
_diffrn_detector.number_of_axes               ? 
# 
_diffrn_radiation.collimation                      ? 
_diffrn_radiation.diffrn_id                        1 
_diffrn_radiation.filter_edge                      ? 
_diffrn_radiation.inhomogeneity                    ? 
_diffrn_radiation.monochromator                    ? 
_diffrn_radiation.polarisn_norm                    ? 
_diffrn_radiation.polarisn_ratio                   ? 
_diffrn_radiation.probe                            ? 
_diffrn_radiation.type                             ? 
_diffrn_radiation.xray_symbol                      ? 
_diffrn_radiation.wavelength_id                    1 
_diffrn_radiation.pdbx_monochromatic_or_laue_m_l   M 
_diffrn_radiation.pdbx_wavelength_list             ? 
_diffrn_radiation.pdbx_wavelength                  ? 
_diffrn_radiation.pdbx_diffrn_protocol             'SINGLE WAVELENGTH' 
_diffrn_radiation.pdbx_analyzer                    ? 
_diffrn_radiation.pdbx_scattering_type             x-ray 
# 
_diffrn_radiation_wavelength.id           1 
_diffrn_radiation_wavelength.wavelength   0.999990 
_diffrn_radiation_wavelength.wt           1.0 
# 
_diffrn_source.current                     ? 
_diffrn_source.details                     ? 
_diffrn_source.diffrn_id                   1 
_diffrn_source.power                       ? 
_diffrn_source.size                        ? 
_diffrn_source.source                      SYNCHROTRON 
_diffrn_source.target                      ? 
_diffrn_source.type                        'SPRING-8 BEAMLINE BL45XU' 
_diffrn_source.voltage                     ? 
_diffrn_source.take-off_angle              ? 
_diffrn_source.pdbx_wavelength_list        0.999990 
_diffrn_source.pdbx_wavelength             ? 
_diffrn_source.pdbx_synchrotron_beamline   BL45XU 
_diffrn_source.pdbx_synchrotron_site       SPring-8 
# 
_reflns.B_iso_Wilson_estimate                          ? 
_reflns.entry_id                                       9VVN 
_reflns.data_reduction_details                         ? 
_reflns.data_reduction_method                          ? 
_reflns.d_resolution_high                              1.6 
_reflns.d_resolution_low                               47.97 
_reflns.details                                        ? 
_reflns.limit_h_max                                    ? 
_reflns.limit_h_min                                    ? 
_reflns.limit_k_max                                    ? 
_reflns.limit_k_min                                    ? 
_reflns.limit_l_max                                    ? 
_reflns.limit_l_min                                    ? 
_reflns.number_all                                     ? 
_reflns.number_obs                                     23836 
_reflns.observed_criterion                             ? 
_reflns.observed_criterion_F_max                       ? 
_reflns.observed_criterion_F_min                       ? 
_reflns.observed_criterion_I_max                       ? 
_reflns.observed_criterion_I_min                       ? 
_reflns.observed_criterion_sigma_F                     ? 
_reflns.observed_criterion_sigma_I                     ? 
_reflns.percent_possible_obs                           99.9 
_reflns.R_free_details                                 ? 
_reflns.Rmerge_F_all                                   ? 
_reflns.Rmerge_F_obs                                   ? 
_reflns.Friedel_coverage                               ? 
_reflns.number_gt                                      ? 
_reflns.threshold_expression                           ? 
_reflns.pdbx_redundancy                                11 
_reflns.pdbx_netI_over_av_sigmaI                       ? 
_reflns.pdbx_netI_over_sigmaI                          14.9 
_reflns.pdbx_res_netI_over_av_sigmaI_2                 ? 
_reflns.pdbx_res_netI_over_sigmaI_2                    ? 
_reflns.pdbx_chi_squared                               ? 
_reflns.pdbx_scaling_rejects                           ? 
_reflns.pdbx_d_res_high_opt                            ? 
_reflns.pdbx_d_res_low_opt                             ? 
_reflns.pdbx_d_res_opt_method                          ? 
_reflns.phase_calculation_details                      ? 
_reflns.pdbx_Rrim_I_all                                ? 
_reflns.pdbx_Rpim_I_all                                ? 
_reflns.pdbx_d_opt                                     ? 
_reflns.pdbx_number_measured_all                       ? 
_reflns.pdbx_diffrn_id                                 1 
_reflns.pdbx_ordinal                                   1 
_reflns.pdbx_CC_half                                   ? 
_reflns.pdbx_CC_star                                   ? 
_reflns.pdbx_R_split                                   ? 
_reflns.pdbx_Rmerge_I_obs                              0.085 
_reflns.pdbx_Rmerge_I_all                              ? 
_reflns.pdbx_Rsym_value                                ? 
_reflns.pdbx_CC_split_method                           ? 
_reflns.pdbx_aniso_diffraction_limit_axis_1_ortho[1]   ? 
_reflns.pdbx_aniso_diffraction_limit_axis_1_ortho[2]   ? 
_reflns.pdbx_aniso_diffraction_limit_axis_1_ortho[3]   ? 
_reflns.pdbx_aniso_diffraction_limit_axis_2_ortho[1]   ? 
_reflns.pdbx_aniso_diffraction_limit_axis_2_ortho[2]   ? 
_reflns.pdbx_aniso_diffraction_limit_axis_2_ortho[3]   ? 
_reflns.pdbx_aniso_diffraction_limit_axis_3_ortho[1]   ? 
_reflns.pdbx_aniso_diffraction_limit_axis_3_ortho[2]   ? 
_reflns.pdbx_aniso_diffraction_limit_axis_3_ortho[3]   ? 
_reflns.pdbx_aniso_diffraction_limit_1                 ? 
_reflns.pdbx_aniso_diffraction_limit_2                 ? 
_reflns.pdbx_aniso_diffraction_limit_3                 ? 
_reflns.pdbx_aniso_B_tensor_eigenvector_1_ortho[1]     ? 
_reflns.pdbx_aniso_B_tensor_eigenvector_1_ortho[2]     ? 
_reflns.pdbx_aniso_B_tensor_eigenvector_1_ortho[3]     ? 
_reflns.pdbx_aniso_B_tensor_eigenvector_2_ortho[1]     ? 
_reflns.pdbx_aniso_B_tensor_eigenvector_2_ortho[2]     ? 
_reflns.pdbx_aniso_B_tensor_eigenvector_2_ortho[3]     ? 
_reflns.pdbx_aniso_B_tensor_eigenvector_3_ortho[1]     ? 
_reflns.pdbx_aniso_B_tensor_eigenvector_3_ortho[2]     ? 
_reflns.pdbx_aniso_B_tensor_eigenvector_3_ortho[3]     ? 
_reflns.pdbx_aniso_B_tensor_eigenvalue_1               ? 
_reflns.pdbx_aniso_B_tensor_eigenvalue_2               ? 
_reflns.pdbx_aniso_B_tensor_eigenvalue_3               ? 
_reflns.pdbx_orthogonalization_convention              ? 
_reflns.pdbx_percent_possible_ellipsoidal              ? 
_reflns.pdbx_percent_possible_spherical                ? 
_reflns.pdbx_percent_possible_ellipsoidal_anomalous    ? 
_reflns.pdbx_percent_possible_spherical_anomalous      ? 
_reflns.pdbx_redundancy_anomalous                      ? 
_reflns.pdbx_CC_half_anomalous                         ? 
_reflns.pdbx_absDiff_over_sigma_anomalous              ? 
_reflns.pdbx_percent_possible_anomalous                ? 
_reflns.pdbx_observed_signal_threshold                 ? 
_reflns.pdbx_signal_type                               ? 
_reflns.pdbx_signal_details                            ? 
_reflns.pdbx_signal_software_id                        ? 
# 
_reflns_shell.d_res_high                                    1.60 
_reflns_shell.d_res_low                                     1.63 
_reflns_shell.meanI_over_sigI_all                           ? 
_reflns_shell.meanI_over_sigI_obs                           ? 
_reflns_shell.number_measured_all                           ? 
_reflns_shell.number_measured_obs                           ? 
_reflns_shell.number_possible                               ? 
_reflns_shell.number_unique_all                             ? 
_reflns_shell.number_unique_obs                             1157 
_reflns_shell.percent_possible_obs                          ? 
_reflns_shell.Rmerge_F_all                                  ? 
_reflns_shell.Rmerge_F_obs                                  ? 
_reflns_shell.meanI_over_sigI_gt                            ? 
_reflns_shell.meanI_over_uI_all                             ? 
_reflns_shell.meanI_over_uI_gt                              ? 
_reflns_shell.number_measured_gt                            ? 
_reflns_shell.number_unique_gt                              ? 
_reflns_shell.percent_possible_gt                           ? 
_reflns_shell.Rmerge_F_gt                                   ? 
_reflns_shell.Rmerge_I_gt                                   ? 
_reflns_shell.pdbx_redundancy                               ? 
_reflns_shell.pdbx_chi_squared                              ? 
_reflns_shell.pdbx_netI_over_sigmaI_all                     ? 
_reflns_shell.pdbx_netI_over_sigmaI_obs                     ? 
_reflns_shell.pdbx_Rrim_I_all                               ? 
_reflns_shell.pdbx_Rpim_I_all                               ? 
_reflns_shell.pdbx_rejects                                  ? 
_reflns_shell.pdbx_ordinal                                  1 
_reflns_shell.pdbx_diffrn_id                                1 
_reflns_shell.pdbx_CC_half                                  ? 
_reflns_shell.pdbx_CC_star                                  ? 
_reflns_shell.pdbx_R_split                                  ? 
_reflns_shell.percent_possible_all                          ? 
_reflns_shell.Rmerge_I_all                                  ? 
_reflns_shell.Rmerge_I_obs                                  0.996 
_reflns_shell.pdbx_Rsym_value                               ? 
_reflns_shell.pdbx_percent_possible_ellipsoidal             ? 
_reflns_shell.pdbx_percent_possible_spherical               ? 
_reflns_shell.pdbx_percent_possible_ellipsoidal_anomalous   ? 
_reflns_shell.pdbx_percent_possible_spherical_anomalous     ? 
_reflns_shell.pdbx_redundancy_anomalous                     ? 
_reflns_shell.pdbx_CC_half_anomalous                        ? 
_reflns_shell.pdbx_absDiff_over_sigma_anomalous             ? 
_reflns_shell.pdbx_percent_possible_anomalous               ? 
# 
_refine.aniso_B[1][1]                            0.008 
_refine.aniso_B[1][2]                            -0.000 
_refine.aniso_B[1][3]                            -0.000 
_refine.aniso_B[2][2]                            -0.218 
_refine.aniso_B[2][3]                            0.000 
_refine.aniso_B[3][3]                            0.210 
_refine.B_iso_max                                ? 
_refine.B_iso_mean                               24.626 
_refine.B_iso_min                                ? 
_refine.correlation_coeff_Fo_to_Fc               0.957 
_refine.correlation_coeff_Fo_to_Fc_free          0.928 
_refine.details                                  'Hydrogens have been added in their riding positions' 
_refine.diff_density_max                         ? 
_refine.diff_density_max_esd                     ? 
_refine.diff_density_min                         ? 
_refine.diff_density_min_esd                     ? 
_refine.diff_density_rms                         ? 
_refine.diff_density_rms_esd                     ? 
_refine.entry_id                                 9VVN 
_refine.pdbx_refine_id                           'X-RAY DIFFRACTION' 
_refine.ls_abs_structure_details                 ? 
_refine.ls_abs_structure_Flack                   ? 
_refine.ls_abs_structure_Flack_esd               ? 
_refine.ls_abs_structure_Rogers                  ? 
_refine.ls_abs_structure_Rogers_esd              ? 
_refine.ls_d_res_high                            1.600 
_refine.ls_d_res_low                             47.967 
_refine.ls_extinction_coef                       ? 
_refine.ls_extinction_coef_esd                   ? 
_refine.ls_extinction_expression                 ? 
_refine.ls_extinction_method                     ? 
_refine.ls_goodness_of_fit_all                   ? 
_refine.ls_goodness_of_fit_all_esd               ? 
_refine.ls_goodness_of_fit_obs                   ? 
_refine.ls_goodness_of_fit_obs_esd               ? 
_refine.ls_hydrogen_treatment                    ? 
_refine.ls_matrix_type                           ? 
_refine.ls_number_constraints                    ? 
_refine.ls_number_parameters                     ? 
_refine.ls_number_reflns_all                     ? 
_refine.ls_number_reflns_obs                     23781 
_refine.ls_number_reflns_R_free                  1169 
_refine.ls_number_reflns_R_work                  22612 
_refine.ls_number_restraints                     ? 
_refine.ls_percent_reflns_obs                    99.828 
_refine.ls_percent_reflns_R_free                 4.916 
_refine.ls_R_factor_all                          0.210 
_refine.ls_R_factor_obs                          ? 
_refine.ls_R_factor_R_free                       0.2546 
_refine.ls_R_factor_R_free_error                 ? 
_refine.ls_R_factor_R_free_error_details         ? 
_refine.ls_R_factor_R_work                       0.2073 
_refine.ls_R_Fsqd_factor_obs                     ? 
_refine.ls_R_I_factor_obs                        ? 
_refine.ls_redundancy_reflns_all                 ? 
_refine.ls_redundancy_reflns_obs                 ? 
_refine.ls_restrained_S_all                      ? 
_refine.ls_restrained_S_obs                      ? 
_refine.ls_shift_over_esd_max                    ? 
_refine.ls_shift_over_esd_mean                   ? 
_refine.ls_structure_factor_coef                 ? 
_refine.ls_weighting_details                     ? 
_refine.ls_weighting_scheme                      ? 
_refine.ls_wR_factor_all                         ? 
_refine.ls_wR_factor_obs                         ? 
_refine.ls_wR_factor_R_free                      ? 
_refine.ls_wR_factor_R_work                      ? 
_refine.occupancy_max                            ? 
_refine.occupancy_min                            ? 
_refine.solvent_model_details                    'MASK BULK SOLVENT' 
_refine.solvent_model_param_bsol                 ? 
_refine.solvent_model_param_ksol                 ? 
_refine.correlation_coeff_I_to_Fcsqd_work        ? 
_refine.correlation_coeff_I_to_Fcsqd_free        ? 
_refine.pdbx_R_complete                          ? 
_refine.ls_R_factor_gt                           ? 
_refine.ls_goodness_of_fit_gt                    ? 
_refine.ls_goodness_of_fit_ref                   ? 
_refine.ls_shift_over_su_max                     ? 
_refine.ls_shift_over_su_max_lt                  ? 
_refine.ls_shift_over_su_mean                    ? 
_refine.ls_shift_over_su_mean_lt                 ? 
_refine.pdbx_ls_sigma_I                          ? 
_refine.pdbx_ls_sigma_F                          ? 
_refine.pdbx_ls_sigma_Fsqd                       ? 
_refine.pdbx_data_cutoff_high_absF               ? 
_refine.pdbx_data_cutoff_high_rms_absF           ? 
_refine.pdbx_data_cutoff_low_absF                ? 
_refine.pdbx_isotropic_thermal_model             ? 
_refine.pdbx_ls_cross_valid_method               'FREE R-VALUE' 
_refine.pdbx_method_to_determine_struct          'MOLECULAR REPLACEMENT' 
_refine.pdbx_starting_model                      ? 
_refine.pdbx_stereochemistry_target_values       ? 
_refine.pdbx_R_Free_selection_details            ? 
_refine.pdbx_stereochem_target_val_spec_case     ? 
_refine.pdbx_overall_ESU_R                       0.102 
_refine.pdbx_overall_ESU_R_Free                  0.107 
_refine.pdbx_solvent_vdw_probe_radii             1.200 
_refine.pdbx_solvent_ion_probe_radii             0.800 
_refine.pdbx_solvent_shrinkage_radii             0.800 
_refine.pdbx_real_space_R                        ? 
_refine.pdbx_density_correlation                 ? 
_refine.pdbx_pd_number_of_powder_patterns        ? 
_refine.pdbx_pd_number_of_points                 ? 
_refine.pdbx_pd_meas_number_of_points            ? 
_refine.pdbx_pd_proc_ls_prof_R_factor            ? 
_refine.pdbx_pd_proc_ls_prof_wR_factor           ? 
_refine.pdbx_pd_Marquardt_correlation_coeff      ? 
_refine.pdbx_pd_Fsqrd_R_factor                   ? 
_refine.pdbx_pd_ls_matrix_band_width             ? 
_refine.pdbx_overall_phase_error                 ? 
_refine.pdbx_overall_SU_R_free_Cruickshank_DPI   ? 
_refine.pdbx_overall_SU_R_free_Blow_DPI          ? 
_refine.pdbx_overall_SU_R_Blow_DPI               ? 
_refine.pdbx_TLS_residual_ADP_flag               ? 
_refine.pdbx_diffrn_id                           1 
_refine.overall_SU_B                             2.061 
_refine.overall_SU_ML                            0.073 
_refine.overall_SU_R_Cruickshank_DPI             ? 
_refine.overall_SU_R_free                        ? 
_refine.overall_FOM_free_R_set                   ? 
_refine.overall_FOM_work_R_set                   ? 
_refine.pdbx_average_fsc_overall                 ? 
_refine.pdbx_average_fsc_work                    ? 
_refine.pdbx_average_fsc_free                    ? 
# 
_refine_hist.pdbx_refine_id                   'X-RAY DIFFRACTION' 
_refine_hist.cycle_id                         LAST 
_refine_hist.details                          ? 
_refine_hist.d_res_high                       1.600 
_refine_hist.d_res_low                        47.967 
_refine_hist.number_atoms_solvent             135 
_refine_hist.number_atoms_total               1471 
_refine_hist.number_reflns_all                ? 
_refine_hist.number_reflns_obs                ? 
_refine_hist.number_reflns_R_free             ? 
_refine_hist.number_reflns_R_work             ? 
_refine_hist.R_factor_all                     ? 
_refine_hist.R_factor_obs                     ? 
_refine_hist.R_factor_R_free                  ? 
_refine_hist.R_factor_R_work                  ? 
_refine_hist.pdbx_number_residues_total       ? 
_refine_hist.pdbx_B_iso_mean_ligand           ? 
_refine_hist.pdbx_B_iso_mean_solvent          ? 
_refine_hist.pdbx_number_atoms_protein        1308 
_refine_hist.pdbx_number_atoms_nucleic_acid   0 
_refine_hist.pdbx_number_atoms_ligand         28 
_refine_hist.pdbx_number_atoms_lipid          ? 
_refine_hist.pdbx_number_atoms_carb           ? 
_refine_hist.pdbx_pseudo_atom_details         ? 
# 
loop_
_refine_ls_restr.pdbx_refine_id 
_refine_ls_restr.criterion 
_refine_ls_restr.dev_ideal 
_refine_ls_restr.dev_ideal_target 
_refine_ls_restr.number 
_refine_ls_restr.rejects 
_refine_ls_restr.type 
_refine_ls_restr.weight 
_refine_ls_restr.pdbx_Zscore 
_refine_ls_restr.pdbx_restraint_function 
'X-RAY DIFFRACTION' ? 0.010  0.012  1409 ? r_bond_refined_d               ? ? ? 
'X-RAY DIFFRACTION' ? 0.001  0.016  1417 ? r_bond_other_d                 ? ? ? 
'X-RAY DIFFRACTION' ? 2.003  1.835  1915 ? r_angle_refined_deg            ? ? ? 
'X-RAY DIFFRACTION' ? 0.625  1.727  3275 ? r_angle_other_deg              ? ? ? 
'X-RAY DIFFRACTION' ? 6.130  5.000  182  ? r_dihedral_angle_1_deg         ? ? ? 
'X-RAY DIFFRACTION' ? 5.773  5.000  5    ? r_dihedral_angle_2_deg         ? ? ? 
'X-RAY DIFFRACTION' ? 12.280 10.000 237  ? r_dihedral_angle_3_deg         ? ? ? 
'X-RAY DIFFRACTION' ? 14.136 10.000 58   ? r_dihedral_angle_6_deg         ? ? ? 
'X-RAY DIFFRACTION' ? 0.085  0.200  222  ? r_chiral_restr                 ? ? ? 
'X-RAY DIFFRACTION' ? 0.010  0.020  1591 ? r_gen_planes_refined           ? ? ? 
'X-RAY DIFFRACTION' ? 0.001  0.020  305  ? r_gen_planes_other             ? ? ? 
'X-RAY DIFFRACTION' ? 0.213  0.200  264  ? r_nbd_refined                  ? ? ? 
'X-RAY DIFFRACTION' ? 0.201  0.200  1221 ? r_symmetry_nbd_other           ? ? ? 
'X-RAY DIFFRACTION' ? 0.191  0.200  673  ? r_nbtor_refined                ? ? ? 
'X-RAY DIFFRACTION' ? 0.089  0.200  736  ? r_symmetry_nbtor_other         ? ? ? 
'X-RAY DIFFRACTION' ? 0.200  0.200  89   ? r_xyhbond_nbd_refined          ? ? ? 
'X-RAY DIFFRACTION' ? 0.084  0.200  1    ? r_symmetry_xyhbond_nbd_other   ? ? ? 
'X-RAY DIFFRACTION' ? 0.218  0.200  13   ? r_symmetry_nbd_refined         ? ? ? 
'X-RAY DIFFRACTION' ? 0.190  0.200  55   ? r_nbd_other                    ? ? ? 
'X-RAY DIFFRACTION' ? 0.265  0.200  17   ? r_symmetry_xyhbond_nbd_refined ? ? ? 
'X-RAY DIFFRACTION' ? 2.527  2.298  683  ? r_mcbond_it                    ? ? ? 
'X-RAY DIFFRACTION' ? 2.527  2.297  683  ? r_mcbond_other                 ? ? ? 
'X-RAY DIFFRACTION' ? 3.486  4.125  856  ? r_mcangle_it                   ? ? ? 
'X-RAY DIFFRACTION' ? 3.490  4.127  857  ? r_mcangle_other                ? ? ? 
'X-RAY DIFFRACTION' ? 3.795  2.828  726  ? r_scbond_it                    ? ? ? 
'X-RAY DIFFRACTION' ? 3.792  2.828  727  ? r_scbond_other                 ? ? ? 
'X-RAY DIFFRACTION' ? 5.814  4.947  1051 ? r_scangle_it                   ? ? ? 
'X-RAY DIFFRACTION' ? 5.811  4.947  1052 ? r_scangle_other                ? ? ? 
'X-RAY DIFFRACTION' ? 7.495  30.844 1588 ? r_lrange_it                    ? ? ? 
'X-RAY DIFFRACTION' ? 7.438  27.903 1552 ? r_lrange_other                 ? ? ? 
# 
loop_
_refine_ls_shell.pdbx_refine_id 
_refine_ls_shell.d_res_high 
_refine_ls_shell.d_res_low 
_refine_ls_shell.number_reflns_all 
_refine_ls_shell.number_reflns_obs 
_refine_ls_shell.number_reflns_R_free 
_refine_ls_shell.number_reflns_R_work 
_refine_ls_shell.percent_reflns_obs 
_refine_ls_shell.percent_reflns_R_free 
_refine_ls_shell.R_factor_all 
_refine_ls_shell.R_factor_obs 
_refine_ls_shell.R_factor_R_free_error 
_refine_ls_shell.R_factor_R_work 
_refine_ls_shell.redundancy_reflns_all 
_refine_ls_shell.redundancy_reflns_obs 
_refine_ls_shell.wR_factor_all 
_refine_ls_shell.wR_factor_obs 
_refine_ls_shell.wR_factor_R_free 
_refine_ls_shell.wR_factor_R_work 
_refine_ls_shell.pdbx_R_complete 
_refine_ls_shell.correlation_coeff_Fo_to_Fc 
_refine_ls_shell.correlation_coeff_Fo_to_Fc_free 
_refine_ls_shell.correlation_coeff_I_to_Fcsqd_work 
_refine_ls_shell.correlation_coeff_I_to_Fcsqd_free 
_refine_ls_shell.pdbx_total_number_of_bins_used 
_refine_ls_shell.pdbx_phase_error 
_refine_ls_shell.pdbx_fsc_work 
_refine_ls_shell.pdbx_fsc_free 
_refine_ls_shell.R_factor_R_free 
'X-RAY DIFFRACTION' 1.600 1.642  1729 . 86 1625 98.9589  . 0.284 . . 0.281 . . . . . 0.260 . . . . . 20 . 0.951 0.923 0.359 
'X-RAY DIFFRACTION' 1.642 1.686  1692 . 87 1604 99.9409  . 0.275 . . 0.271 . . . . . 0.248 . . . . . 20 . 0.956 0.925 0.354 
'X-RAY DIFFRACTION' 1.686 1.735  1622 . 84 1528 99.3835  . 0.257 . . 0.254 . . . . . 0.228 . . . . . 20 . 0.962 0.950 0.308 
'X-RAY DIFFRACTION' 1.735 1.789  1607 . 64 1535 99.5022  . 0.225 . . 0.224 . . . . . 0.201 . . . . . 20 . 0.969 0.962 0.255 
'X-RAY DIFFRACTION' 1.789 1.847  1547 . 75 1472 100.0000 . 0.227 . . 0.225 . . . . . 0.202 . . . . . 20 . 0.967 0.951 0.271 
'X-RAY DIFFRACTION' 1.847 1.912  1493 . 79 1412 99.8660  . 0.225 . . 0.225 . . . . . 0.206 . . . . . 20 . 0.968 0.963 0.229 
'X-RAY DIFFRACTION' 1.912 1.984  1440 . 86 1353 99.9306  . 0.232 . . 0.228 . . . . . 0.210 . . . . . 20 . 0.967 0.953 0.283 
'X-RAY DIFFRACTION' 1.984 2.065  1403 . 72 1331 100.0000 . 0.230 . . 0.227 . . . . . 0.215 . . . . . 20 . 0.969 0.950 0.286 
'X-RAY DIFFRACTION' 2.065 2.156  1349 . 68 1281 100.0000 . 0.231 . . 0.230 . . . . . 0.219 . . . . . 20 . 0.968 0.969 0.241 
'X-RAY DIFFRACTION' 2.156 2.261  1293 . 69 1224 100.0000 . 0.209 . . 0.207 . . . . . 0.197 . . . . . 20 . 0.973 0.960 0.260 
'X-RAY DIFFRACTION' 2.261 2.384  1233 . 53 1180 100.0000 . 0.196 . . 0.194 . . . . . 0.187 . . . . . 20 . 0.976 0.965 0.244 
'X-RAY DIFFRACTION' 2.384 2.528  1163 . 56 1107 100.0000 . 0.209 . . 0.205 . . . . . 0.204 . . . . . 20 . 0.974 0.939 0.298 
'X-RAY DIFFRACTION' 2.528 2.702  1102 . 45 1057 100.0000 . 0.209 . . 0.208 . . . . . 0.210 . . . . . 20 . 0.972 0.965 0.222 
'X-RAY DIFFRACTION' 2.702 2.917  1027 . 44 983  100.0000 . 0.206 . . 0.203 . . . . . 0.206 . . . . . 20 . 0.973 0.940 0.300 
'X-RAY DIFFRACTION' 2.917 3.195  953  . 41 912  100.0000 . 0.202 . . 0.200 . . . . . 0.209 . . . . . 20 . 0.974 0.967 0.242 
'X-RAY DIFFRACTION' 3.195 3.570  865  . 53 812  100.0000 . 0.172 . . 0.172 . . . . . 0.187 . . . . . 20 . 0.982 0.978 0.183 
'X-RAY DIFFRACTION' 3.570 4.118  771  . 37 734  100.0000 . 0.183 . . 0.183 . . . . . 0.205 . . . . . 20 . 0.978 0.979 0.181 
'X-RAY DIFFRACTION' 4.118 5.035  671  . 26 645  100.0000 . 0.174 . . 0.169 . . . . . 0.204 . . . . . 20 . 0.982 0.926 0.341 
'X-RAY DIFFRACTION' 5.035 7.081  534  . 26 508  100.0000 . 0.243 . . 0.242 . . . . . 0.273 . . . . . 20 . 0.963 0.966 0.268 
'X-RAY DIFFRACTION' 7.081 47.967 328  . 18 309  99.6951  . 0.235 . . 0.232 . . . . . 0.264 . . . . . 20 . 0.959 0.960 0.276 
# 
_struct.entry_id                     9VVN 
_struct.title                        'Crystal structure of computationally designed protein VTP-4' 
_struct.pdbx_model_details           ? 
_struct.pdbx_formula_weight          ? 
_struct.pdbx_formula_weight_method   ? 
_struct.pdbx_model_type_details      ? 
_struct.pdbx_CASP_flag               N 
# 
_struct_keywords.entry_id        9VVN 
_struct_keywords.text            'Verteporfin binding, DE NOVO PROTEIN' 
_struct_keywords.pdbx_keywords   'DE NOVO PROTEIN' 
# 
loop_
_struct_asym.id 
_struct_asym.pdbx_blank_PDB_chainid_flag 
_struct_asym.pdbx_modified 
_struct_asym.entity_id 
_struct_asym.details 
A N N 1 ? 
B N N 2 ? 
C N N 2 ? 
D N N 3 ? 
E N N 4 ? 
# 
_struct_ref.id                         1 
_struct_ref.db_name                    PDB 
_struct_ref.db_code                    9VVN 
_struct_ref.pdbx_db_accession          9VVN 
_struct_ref.pdbx_db_isoform            ? 
_struct_ref.entity_id                  1 
_struct_ref.pdbx_seq_one_letter_code   ? 
_struct_ref.pdbx_align_begin           1 
# 
_struct_ref_seq.align_id                      1 
_struct_ref_seq.ref_id                        1 
_struct_ref_seq.pdbx_PDB_id_code              9VVN 
_struct_ref_seq.pdbx_strand_id                A 
_struct_ref_seq.seq_align_beg                 1 
_struct_ref_seq.pdbx_seq_align_beg_ins_code   ? 
_struct_ref_seq.seq_align_end                 182 
_struct_ref_seq.pdbx_seq_align_end_ins_code   ? 
_struct_ref_seq.pdbx_db_accession             9VVN 
_struct_ref_seq.db_align_beg                  -15 
_struct_ref_seq.pdbx_db_align_beg_ins_code    ? 
_struct_ref_seq.db_align_end                  166 
_struct_ref_seq.pdbx_db_align_end_ins_code    ? 
_struct_ref_seq.pdbx_auth_seq_align_beg       -15 
_struct_ref_seq.pdbx_auth_seq_align_end       166 
# 
_pdbx_struct_assembly.id                   1 
_pdbx_struct_assembly.details              author_defined_assembly 
_pdbx_struct_assembly.method_details       ? 
_pdbx_struct_assembly.oligomeric_details   monomeric 
_pdbx_struct_assembly.oligomeric_count     1 
# 
_pdbx_struct_assembly_gen.assembly_id       1 
_pdbx_struct_assembly_gen.oper_expression   1 
_pdbx_struct_assembly_gen.asym_id_list      A,B,C,D,E 
# 
_pdbx_struct_assembly_auth_evidence.id                     1 
_pdbx_struct_assembly_auth_evidence.assembly_id            1 
_pdbx_struct_assembly_auth_evidence.experimental_support   'gel filtration' 
_pdbx_struct_assembly_auth_evidence.details                ? 
# 
_pdbx_struct_oper_list.id                   1 
_pdbx_struct_oper_list.type                 'identity operation' 
_pdbx_struct_oper_list.name                 1_555 
_pdbx_struct_oper_list.symmetry_operation   x,y,z 
_pdbx_struct_oper_list.matrix[1][1]         1.0000000000 
_pdbx_struct_oper_list.matrix[1][2]         0.0000000000 
_pdbx_struct_oper_list.matrix[1][3]         0.0000000000 
_pdbx_struct_oper_list.vector[1]            0.0000000000 
_pdbx_struct_oper_list.matrix[2][1]         0.0000000000 
_pdbx_struct_oper_list.matrix[2][2]         1.0000000000 
_pdbx_struct_oper_list.matrix[2][3]         0.0000000000 
_pdbx_struct_oper_list.vector[2]            0.0000000000 
_pdbx_struct_oper_list.matrix[3][1]         0.0000000000 
_pdbx_struct_oper_list.matrix[3][2]         0.0000000000 
_pdbx_struct_oper_list.matrix[3][3]         1.0000000000 
_pdbx_struct_oper_list.vector[3]            0.0000000000 
# 
loop_
_struct_conf.conf_type_id 
_struct_conf.id 
_struct_conf.pdbx_PDB_helix_id 
_struct_conf.beg_label_comp_id 
_struct_conf.beg_label_asym_id 
_struct_conf.beg_label_seq_id 
_struct_conf.pdbx_beg_PDB_ins_code 
_struct_conf.end_label_comp_id 
_struct_conf.end_label_asym_id 
_struct_conf.end_label_seq_id 
_struct_conf.pdbx_end_PDB_ins_code 
_struct_conf.beg_auth_comp_id 
_struct_conf.beg_auth_asym_id 
_struct_conf.beg_auth_seq_id 
_struct_conf.end_auth_comp_id 
_struct_conf.end_auth_asym_id 
_struct_conf.end_auth_seq_id 
_struct_conf.pdbx_PDB_helix_class 
_struct_conf.details 
_struct_conf.pdbx_PDB_helix_length 
HELX_P HELX_P1 AA1 ALA A 59  ? ARG A 64  ? ALA A 43  ARG A 48  1 ? 6  
HELX_P HELX_P2 AA2 PRO A 67  ? GLY A 97  ? PRO A 51  GLY A 81  1 ? 31 
HELX_P HELX_P3 AA3 PRO A 143 ? GLU A 145 ? PRO A 127 GLU A 129 5 ? 3  
HELX_P HELX_P4 AA4 PHE A 146 ? ASN A 156 ? PHE A 130 ASN A 140 1 ? 11 
HELX_P HELX_P5 AA5 ASN A 156 ? VAL A 169 ? ASN A 140 VAL A 153 1 ? 14 
HELX_P HELX_P6 AA6 VAL A 169 ? ALA A 181 ? VAL A 153 ALA A 165 1 ? 13 
# 
_struct_conf_type.id          HELX_P 
_struct_conf_type.criteria    ? 
_struct_conf_type.reference   ? 
# 
loop_
_struct_sheet.id 
_struct_sheet.type 
_struct_sheet.number_strands 
_struct_sheet.details 
AA1 ? 6 ? 
AA2 ? 2 ? 
# 
loop_
_struct_sheet_order.sheet_id 
_struct_sheet_order.range_id_1 
_struct_sheet_order.range_id_2 
_struct_sheet_order.offset 
_struct_sheet_order.sense 
AA1 1 2 ? anti-parallel 
AA1 2 3 ? anti-parallel 
AA1 3 4 ? anti-parallel 
AA1 4 5 ? anti-parallel 
AA1 5 6 ? anti-parallel 
AA2 1 2 ? anti-parallel 
# 
loop_
_struct_sheet_range.sheet_id 
_struct_sheet_range.id 
_struct_sheet_range.beg_label_comp_id 
_struct_sheet_range.beg_label_asym_id 
_struct_sheet_range.beg_label_seq_id 
_struct_sheet_range.pdbx_beg_PDB_ins_code 
_struct_sheet_range.end_label_comp_id 
_struct_sheet_range.end_label_asym_id 
_struct_sheet_range.end_label_seq_id 
_struct_sheet_range.pdbx_end_PDB_ins_code 
_struct_sheet_range.beg_auth_comp_id 
_struct_sheet_range.beg_auth_asym_id 
_struct_sheet_range.beg_auth_seq_id 
_struct_sheet_range.end_auth_comp_id 
_struct_sheet_range.end_auth_asym_id 
_struct_sheet_range.end_auth_seq_id 
AA1 1 VAL A 54  ? VAL A 58  ? VAL A 38  VAL A 42  
AA1 2 GLU A 45  ? VAL A 51  ? GLU A 29  VAL A 35  
AA1 3 GLU A 33  ? LEU A 42  ? GLU A 17  LEU A 26  
AA1 4 LYS A 19  ? SER A 30  ? LYS A 3   SER A 14  
AA1 5 VAL A 103 ? ASP A 111 ? VAL A 87  ASP A 95  
AA1 6 THR A 116 ? VAL A 123 ? THR A 100 VAL A 107 
AA2 1 ILE A 129 ? PHE A 131 ? ILE A 113 PHE A 115 
AA2 2 PHE A 136 ? VAL A 138 ? PHE A 120 VAL A 122 
# 
loop_
_pdbx_struct_sheet_hbond.sheet_id 
_pdbx_struct_sheet_hbond.range_id_1 
_pdbx_struct_sheet_hbond.range_id_2 
_pdbx_struct_sheet_hbond.range_1_label_atom_id 
_pdbx_struct_sheet_hbond.range_1_label_comp_id 
_pdbx_struct_sheet_hbond.range_1_label_asym_id 
_pdbx_struct_sheet_hbond.range_1_label_seq_id 
_pdbx_struct_sheet_hbond.range_1_PDB_ins_code 
_pdbx_struct_sheet_hbond.range_1_auth_atom_id 
_pdbx_struct_sheet_hbond.range_1_auth_comp_id 
_pdbx_struct_sheet_hbond.range_1_auth_asym_id 
_pdbx_struct_sheet_hbond.range_1_auth_seq_id 
_pdbx_struct_sheet_hbond.range_2_label_atom_id 
_pdbx_struct_sheet_hbond.range_2_label_comp_id 
_pdbx_struct_sheet_hbond.range_2_label_asym_id 
_pdbx_struct_sheet_hbond.range_2_label_seq_id 
_pdbx_struct_sheet_hbond.range_2_PDB_ins_code 
_pdbx_struct_sheet_hbond.range_2_auth_atom_id 
_pdbx_struct_sheet_hbond.range_2_auth_comp_id 
_pdbx_struct_sheet_hbond.range_2_auth_asym_id 
_pdbx_struct_sheet_hbond.range_2_auth_seq_id 
AA1 1 2 O GLU A 56  ? O GLU A 40  N LYS A 49  ? N LYS A 33  
AA1 2 3 O VAL A 47  ? O VAL A 31  N VAL A 40  ? N VAL A 24  
AA1 3 4 O GLU A 39  ? O GLU A 23  N ILE A 23  ? N ILE A 7   
AA1 4 5 N PHE A 24  ? N PHE A 8   O ILE A 106 ? O ILE A 90  
AA1 5 6 N VAL A 107 ? N VAL A 91  O GLU A 120 ? O GLU A 104 
AA2 1 2 N SER A 130 ? N SER A 114 O VAL A 137 ? O VAL A 121 
# 
_pdbx_entry_details.entry_id                   9VVN 
_pdbx_entry_details.nonpolymer_details         ? 
_pdbx_entry_details.sequence_details           ? 
_pdbx_entry_details.compound_details           ? 
_pdbx_entry_details.source_details             ? 
_pdbx_entry_details.has_ligand_of_interest     N 
_pdbx_entry_details.has_protein_modification   N 
# 
_pdbx_validate_close_contact.id               1 
_pdbx_validate_close_contact.PDB_model_num    1 
_pdbx_validate_close_contact.auth_atom_id_1   O 
_pdbx_validate_close_contact.auth_asym_id_1   A 
_pdbx_validate_close_contact.auth_comp_id_1   ALA 
_pdbx_validate_close_contact.auth_seq_id_1    166 
_pdbx_validate_close_contact.PDB_ins_code_1   ? 
_pdbx_validate_close_contact.label_alt_id_1   ? 
_pdbx_validate_close_contact.auth_atom_id_2   O 
_pdbx_validate_close_contact.auth_asym_id_2   A 
_pdbx_validate_close_contact.auth_comp_id_2   HOH 
_pdbx_validate_close_contact.auth_seq_id_2    301 
_pdbx_validate_close_contact.PDB_ins_code_2   ? 
_pdbx_validate_close_contact.label_alt_id_2   ? 
_pdbx_validate_close_contact.dist             2.15 
# 
loop_
_pdbx_validate_symm_contact.id 
_pdbx_validate_symm_contact.PDB_model_num 
_pdbx_validate_symm_contact.auth_atom_id_1 
_pdbx_validate_symm_contact.auth_asym_id_1 
_pdbx_validate_symm_contact.auth_comp_id_1 
_pdbx_validate_symm_contact.auth_seq_id_1 
_pdbx_validate_symm_contact.PDB_ins_code_1 
_pdbx_validate_symm_contact.label_alt_id_1 
_pdbx_validate_symm_contact.site_symmetry_1 
_pdbx_validate_symm_contact.auth_atom_id_2 
_pdbx_validate_symm_contact.auth_asym_id_2 
_pdbx_validate_symm_contact.auth_comp_id_2 
_pdbx_validate_symm_contact.auth_seq_id_2 
_pdbx_validate_symm_contact.PDB_ins_code_2 
_pdbx_validate_symm_contact.label_alt_id_2 
_pdbx_validate_symm_contact.site_symmetry_2 
_pdbx_validate_symm_contact.dist 
1 1 O   A HOH 390 ? ? 1_555 O  A HOH 406 ? ? 3_455 2.11 
2 1 OE2 A GLU 56  ? ? 1_555 OH A TYR 84  ? ? 3_545 2.15 
# 
loop_
_pdbx_validate_rmsd_angle.id 
_pdbx_validate_rmsd_angle.PDB_model_num 
_pdbx_validate_rmsd_angle.auth_atom_id_1 
_pdbx_validate_rmsd_angle.auth_asym_id_1 
_pdbx_validate_rmsd_angle.auth_comp_id_1 
_pdbx_validate_rmsd_angle.auth_seq_id_1 
_pdbx_validate_rmsd_angle.PDB_ins_code_1 
_pdbx_validate_rmsd_angle.label_alt_id_1 
_pdbx_validate_rmsd_angle.auth_atom_id_2 
_pdbx_validate_rmsd_angle.auth_asym_id_2 
_pdbx_validate_rmsd_angle.auth_comp_id_2 
_pdbx_validate_rmsd_angle.auth_seq_id_2 
_pdbx_validate_rmsd_angle.PDB_ins_code_2 
_pdbx_validate_rmsd_angle.label_alt_id_2 
_pdbx_validate_rmsd_angle.auth_atom_id_3 
_pdbx_validate_rmsd_angle.auth_asym_id_3 
_pdbx_validate_rmsd_angle.auth_comp_id_3 
_pdbx_validate_rmsd_angle.auth_seq_id_3 
_pdbx_validate_rmsd_angle.PDB_ins_code_3 
_pdbx_validate_rmsd_angle.label_alt_id_3 
_pdbx_validate_rmsd_angle.angle_value 
_pdbx_validate_rmsd_angle.angle_target_value 
_pdbx_validate_rmsd_angle.angle_deviation 
_pdbx_validate_rmsd_angle.angle_standard_deviation 
_pdbx_validate_rmsd_angle.linker_flag 
1 1 N  A GLY 0  ? ? CA A GLY 0  ? ? C  A GLY 0  ? ? 91.66  113.10 -21.44 2.50 N 
2 1 CA A GLY 0  ? ? C  A GLY 0  ? ? N  A SER 1  ? ? 134.17 117.20 16.97  2.20 Y 
3 1 O  A GLY 0  ? ? C  A GLY 0  ? ? N  A SER 1  ? ? 112.93 122.70 -9.77  1.60 Y 
4 1 N  A PHE 22 ? ? CA A PHE 22 ? A CB A PHE 22 ? A 126.76 110.60 16.16  1.80 N 
5 1 N  A PHE 22 ? ? CA A PHE 22 ? B CB A PHE 22 ? B 94.92  110.60 -15.68 1.80 N 
# 
_pdbx_validate_torsion.id              1 
_pdbx_validate_torsion.PDB_model_num   1 
_pdbx_validate_torsion.auth_comp_id    VAL 
_pdbx_validate_torsion.auth_asym_id    A 
_pdbx_validate_torsion.auth_seq_id     153 
_pdbx_validate_torsion.PDB_ins_code    ? 
_pdbx_validate_torsion.label_alt_id    ? 
_pdbx_validate_torsion.phi             -124.50 
_pdbx_validate_torsion.psi             -64.12 
# 
loop_
_pdbx_unobs_or_zero_occ_residues.id 
_pdbx_unobs_or_zero_occ_residues.PDB_model_num 
_pdbx_unobs_or_zero_occ_residues.polymer_flag 
_pdbx_unobs_or_zero_occ_residues.occupancy_flag 
_pdbx_unobs_or_zero_occ_residues.auth_asym_id 
_pdbx_unobs_or_zero_occ_residues.auth_comp_id 
_pdbx_unobs_or_zero_occ_residues.auth_seq_id 
_pdbx_unobs_or_zero_occ_residues.PDB_ins_code 
_pdbx_unobs_or_zero_occ_residues.label_asym_id 
_pdbx_unobs_or_zero_occ_residues.label_comp_id 
_pdbx_unobs_or_zero_occ_residues.label_seq_id 
1  1 Y 1 A MET -15 ? A MET 1  
2  1 Y 1 A GLY -14 ? A GLY 2  
3  1 Y 1 A SER -13 ? A SER 3  
4  1 Y 1 A HIS -12 ? A HIS 4  
5  1 Y 1 A HIS -11 ? A HIS 5  
6  1 Y 1 A HIS -10 ? A HIS 6  
7  1 Y 1 A HIS -9  ? A HIS 7  
8  1 Y 1 A HIS -8  ? A HIS 8  
9  1 Y 1 A HIS -7  ? A HIS 9  
10 1 Y 1 A GLU -6  ? A GLU 10 
11 1 Y 1 A ASN -5  ? A ASN 11 
12 1 Y 1 A LEU -4  ? A LEU 12 
13 1 Y 1 A TYR -3  ? A TYR 13 
14 1 Y 1 A PHE -2  ? A PHE 14 
15 1 Y 1 A GLN -1  ? A GLN 15 
# 
loop_
_chem_comp_atom.comp_id 
_chem_comp_atom.atom_id 
_chem_comp_atom.type_symbol 
_chem_comp_atom.pdbx_aromatic_flag 
_chem_comp_atom.pdbx_stereo_config 
_chem_comp_atom.pdbx_ordinal 
ALA N    N N N 1   
ALA CA   C N S 2   
ALA C    C N N 3   
ALA O    O N N 4   
ALA CB   C N N 5   
ALA OXT  O N N 6   
ALA H    H N N 7   
ALA H2   H N N 8   
ALA HA   H N N 9   
ALA HB1  H N N 10  
ALA HB2  H N N 11  
ALA HB3  H N N 12  
ALA HXT  H N N 13  
ARG N    N N N 14  
ARG CA   C N S 15  
ARG C    C N N 16  
ARG O    O N N 17  
ARG CB   C N N 18  
ARG CG   C N N 19  
ARG CD   C N N 20  
ARG NE   N N N 21  
ARG CZ   C N N 22  
ARG NH1  N N N 23  
ARG NH2  N N N 24  
ARG OXT  O N N 25  
ARG H    H N N 26  
ARG H2   H N N 27  
ARG HA   H N N 28  
ARG HB2  H N N 29  
ARG HB3  H N N 30  
ARG HG2  H N N 31  
ARG HG3  H N N 32  
ARG HD2  H N N 33  
ARG HD3  H N N 34  
ARG HE   H N N 35  
ARG HH11 H N N 36  
ARG HH12 H N N 37  
ARG HH21 H N N 38  
ARG HH22 H N N 39  
ARG HXT  H N N 40  
ASN N    N N N 41  
ASN CA   C N S 42  
ASN C    C N N 43  
ASN O    O N N 44  
ASN CB   C N N 45  
ASN CG   C N N 46  
ASN OD1  O N N 47  
ASN ND2  N N N 48  
ASN OXT  O N N 49  
ASN H    H N N 50  
ASN H2   H N N 51  
ASN HA   H N N 52  
ASN HB2  H N N 53  
ASN HB3  H N N 54  
ASN HD21 H N N 55  
ASN HD22 H N N 56  
ASN HXT  H N N 57  
ASP N    N N N 58  
ASP CA   C N S 59  
ASP C    C N N 60  
ASP O    O N N 61  
ASP CB   C N N 62  
ASP CG   C N N 63  
ASP OD1  O N N 64  
ASP OD2  O N N 65  
ASP OXT  O N N 66  
ASP H    H N N 67  
ASP H2   H N N 68  
ASP HA   H N N 69  
ASP HB2  H N N 70  
ASP HB3  H N N 71  
ASP HD2  H N N 72  
ASP HXT  H N N 73  
EDO C1   C N N 74  
EDO O1   O N N 75  
EDO C2   C N N 76  
EDO O2   O N N 77  
EDO H11  H N N 78  
EDO H12  H N N 79  
EDO HO1  H N N 80  
EDO H21  H N N 81  
EDO H22  H N N 82  
EDO HO2  H N N 83  
GLN N    N N N 84  
GLN CA   C N S 85  
GLN C    C N N 86  
GLN O    O N N 87  
GLN CB   C N N 88  
GLN CG   C N N 89  
GLN CD   C N N 90  
GLN OE1  O N N 91  
GLN NE2  N N N 92  
GLN OXT  O N N 93  
GLN H    H N N 94  
GLN H2   H N N 95  
GLN HA   H N N 96  
GLN HB2  H N N 97  
GLN HB3  H N N 98  
GLN HG2  H N N 99  
GLN HG3  H N N 100 
GLN HE21 H N N 101 
GLN HE22 H N N 102 
GLN HXT  H N N 103 
GLU N    N N N 104 
GLU CA   C N S 105 
GLU C    C N N 106 
GLU O    O N N 107 
GLU CB   C N N 108 
GLU CG   C N N 109 
GLU CD   C N N 110 
GLU OE1  O N N 111 
GLU OE2  O N N 112 
GLU OXT  O N N 113 
GLU H    H N N 114 
GLU H2   H N N 115 
GLU HA   H N N 116 
GLU HB2  H N N 117 
GLU HB3  H N N 118 
GLU HG2  H N N 119 
GLU HG3  H N N 120 
GLU HE2  H N N 121 
GLU HXT  H N N 122 
GLY N    N N N 123 
GLY CA   C N N 124 
GLY C    C N N 125 
GLY O    O N N 126 
GLY OXT  O N N 127 
GLY H    H N N 128 
GLY H2   H N N 129 
GLY HA2  H N N 130 
GLY HA3  H N N 131 
GLY HXT  H N N 132 
HIS N    N N N 133 
HIS CA   C N S 134 
HIS C    C N N 135 
HIS O    O N N 136 
HIS CB   C N N 137 
HIS CG   C Y N 138 
HIS ND1  N Y N 139 
HIS CD2  C Y N 140 
HIS CE1  C Y N 141 
HIS NE2  N Y N 142 
HIS OXT  O N N 143 
HIS H    H N N 144 
HIS H2   H N N 145 
HIS HA   H N N 146 
HIS HB2  H N N 147 
HIS HB3  H N N 148 
HIS HD1  H N N 149 
HIS HD2  H N N 150 
HIS HE1  H N N 151 
HIS HE2  H N N 152 
HIS HXT  H N N 153 
HOH O    O N N 154 
HOH H1   H N N 155 
HOH H2   H N N 156 
ILE N    N N N 157 
ILE CA   C N S 158 
ILE C    C N N 159 
ILE O    O N N 160 
ILE CB   C N S 161 
ILE CG1  C N N 162 
ILE CG2  C N N 163 
ILE CD1  C N N 164 
ILE OXT  O N N 165 
ILE H    H N N 166 
ILE H2   H N N 167 
ILE HA   H N N 168 
ILE HB   H N N 169 
ILE HG12 H N N 170 
ILE HG13 H N N 171 
ILE HG21 H N N 172 
ILE HG22 H N N 173 
ILE HG23 H N N 174 
ILE HD11 H N N 175 
ILE HD12 H N N 176 
ILE HD13 H N N 177 
ILE HXT  H N N 178 
LEU N    N N N 179 
LEU CA   C N S 180 
LEU C    C N N 181 
LEU O    O N N 182 
LEU CB   C N N 183 
LEU CG   C N N 184 
LEU CD1  C N N 185 
LEU CD2  C N N 186 
LEU OXT  O N N 187 
LEU H    H N N 188 
LEU H2   H N N 189 
LEU HA   H N N 190 
LEU HB2  H N N 191 
LEU HB3  H N N 192 
LEU HG   H N N 193 
LEU HD11 H N N 194 
LEU HD12 H N N 195 
LEU HD13 H N N 196 
LEU HD21 H N N 197 
LEU HD22 H N N 198 
LEU HD23 H N N 199 
LEU HXT  H N N 200 
LYS N    N N N 201 
LYS CA   C N S 202 
LYS C    C N N 203 
LYS O    O N N 204 
LYS CB   C N N 205 
LYS CG   C N N 206 
LYS CD   C N N 207 
LYS CE   C N N 208 
LYS NZ   N N N 209 
LYS OXT  O N N 210 
LYS H    H N N 211 
LYS H2   H N N 212 
LYS HA   H N N 213 
LYS HB2  H N N 214 
LYS HB3  H N N 215 
LYS HG2  H N N 216 
LYS HG3  H N N 217 
LYS HD2  H N N 218 
LYS HD3  H N N 219 
LYS HE2  H N N 220 
LYS HE3  H N N 221 
LYS HZ1  H N N 222 
LYS HZ2  H N N 223 
LYS HZ3  H N N 224 
LYS HXT  H N N 225 
MET N    N N N 226 
MET CA   C N S 227 
MET C    C N N 228 
MET O    O N N 229 
MET CB   C N N 230 
MET CG   C N N 231 
MET SD   S N N 232 
MET CE   C N N 233 
MET OXT  O N N 234 
MET H    H N N 235 
MET H2   H N N 236 
MET HA   H N N 237 
MET HB2  H N N 238 
MET HB3  H N N 239 
MET HG2  H N N 240 
MET HG3  H N N 241 
MET HE1  H N N 242 
MET HE2  H N N 243 
MET HE3  H N N 244 
MET HXT  H N N 245 
P15 C13  C N N 246 
P15 O6   O N N 247 
P15 C12  C N N 248 
P15 C11  C N N 249 
P15 O5   O N N 250 
P15 C10  C N N 251 
P15 C9   C N N 252 
P15 O4   O N N 253 
P15 C8   C N N 254 
P15 C7   C N N 255 
P15 O3   O N N 256 
P15 C6   C N N 257 
P15 C5   C N N 258 
P15 O2   O N N 259 
P15 C4   C N N 260 
P15 C3   C N N 261 
P15 O1   O N N 262 
P15 C2   C N N 263 
P15 C1   C N N 264 
P15 OXT  O N N 265 
P15 H131 H N N 266 
P15 H132 H N N 267 
P15 H133 H N N 268 
P15 H121 H N N 269 
P15 H122 H N N 270 
P15 H111 H N N 271 
P15 H112 H N N 272 
P15 H101 H N N 273 
P15 H102 H N N 274 
P15 H91  H N N 275 
P15 H92  H N N 276 
P15 H81  H N N 277 
P15 H82  H N N 278 
P15 H71  H N N 279 
P15 H72  H N N 280 
P15 H61  H N N 281 
P15 H62  H N N 282 
P15 H51  H N N 283 
P15 H52  H N N 284 
P15 H41  H N N 285 
P15 H42  H N N 286 
P15 H31  H N N 287 
P15 H32  H N N 288 
P15 H21  H N N 289 
P15 H22  H N N 290 
P15 H11  H N N 291 
P15 H12  H N N 292 
P15 HOXT H N N 293 
PHE N    N N N 294 
PHE CA   C N S 295 
PHE C    C N N 296 
PHE O    O N N 297 
PHE CB   C N N 298 
PHE CG   C Y N 299 
PHE CD1  C Y N 300 
PHE CD2  C Y N 301 
PHE CE1  C Y N 302 
PHE CE2  C Y N 303 
PHE CZ   C Y N 304 
PHE OXT  O N N 305 
PHE H    H N N 306 
PHE H2   H N N 307 
PHE HA   H N N 308 
PHE HB2  H N N 309 
PHE HB3  H N N 310 
PHE HD1  H N N 311 
PHE HD2  H N N 312 
PHE HE1  H N N 313 
PHE HE2  H N N 314 
PHE HZ   H N N 315 
PHE HXT  H N N 316 
PRO N    N N N 317 
PRO CA   C N S 318 
PRO C    C N N 319 
PRO O    O N N 320 
PRO CB   C N N 321 
PRO CG   C N N 322 
PRO CD   C N N 323 
PRO OXT  O N N 324 
PRO H    H N N 325 
PRO HA   H N N 326 
PRO HB2  H N N 327 
PRO HB3  H N N 328 
PRO HG2  H N N 329 
PRO HG3  H N N 330 
PRO HD2  H N N 331 
PRO HD3  H N N 332 
PRO HXT  H N N 333 
SER N    N N N 334 
SER CA   C N S 335 
SER C    C N N 336 
SER O    O N N 337 
SER CB   C N N 338 
SER OG   O N N 339 
SER OXT  O N N 340 
SER H    H N N 341 
SER H2   H N N 342 
SER HA   H N N 343 
SER HB2  H N N 344 
SER HB3  H N N 345 
SER HG   H N N 346 
SER HXT  H N N 347 
THR N    N N N 348 
THR CA   C N S 349 
THR C    C N N 350 
THR O    O N N 351 
THR CB   C N R 352 
THR OG1  O N N 353 
THR CG2  C N N 354 
THR OXT  O N N 355 
THR H    H N N 356 
THR H2   H N N 357 
THR HA   H N N 358 
THR HB   H N N 359 
THR HG1  H N N 360 
THR HG21 H N N 361 
THR HG22 H N N 362 
THR HG23 H N N 363 
THR HXT  H N N 364 
TRP N    N N N 365 
TRP CA   C N S 366 
TRP C    C N N 367 
TRP O    O N N 368 
TRP CB   C N N 369 
TRP CG   C Y N 370 
TRP CD1  C Y N 371 
TRP CD2  C Y N 372 
TRP NE1  N Y N 373 
TRP CE2  C Y N 374 
TRP CE3  C Y N 375 
TRP CZ2  C Y N 376 
TRP CZ3  C Y N 377 
TRP CH2  C Y N 378 
TRP OXT  O N N 379 
TRP H    H N N 380 
TRP H2   H N N 381 
TRP HA   H N N 382 
TRP HB2  H N N 383 
TRP HB3  H N N 384 
TRP HD1  H N N 385 
TRP HE1  H N N 386 
TRP HE3  H N N 387 
TRP HZ2  H N N 388 
TRP HZ3  H N N 389 
TRP HH2  H N N 390 
TRP HXT  H N N 391 
TYR N    N N N 392 
TYR CA   C N S 393 
TYR C    C N N 394 
TYR O    O N N 395 
TYR CB   C N N 396 
TYR CG   C Y N 397 
TYR CD1  C Y N 398 
TYR CD2  C Y N 399 
TYR CE1  C Y N 400 
TYR CE2  C Y N 401 
TYR CZ   C Y N 402 
TYR OH   O N N 403 
TYR OXT  O N N 404 
TYR H    H N N 405 
TYR H2   H N N 406 
TYR HA   H N N 407 
TYR HB2  H N N 408 
TYR HB3  H N N 409 
TYR HD1  H N N 410 
TYR HD2  H N N 411 
TYR HE1  H N N 412 
TYR HE2  H N N 413 
TYR HH   H N N 414 
TYR HXT  H N N 415 
VAL N    N N N 416 
VAL CA   C N S 417 
VAL C    C N N 418 
VAL O    O N N 419 
VAL CB   C N N 420 
VAL CG1  C N N 421 
VAL CG2  C N N 422 
VAL OXT  O N N 423 
VAL H    H N N 424 
VAL H2   H N N 425 
VAL HA   H N N 426 
VAL HB   H N N 427 
VAL HG11 H N N 428 
VAL HG12 H N N 429 
VAL HG13 H N N 430 
VAL HG21 H N N 431 
VAL HG22 H N N 432 
VAL HG23 H N N 433 
VAL HXT  H N N 434 
# 
loop_
_chem_comp_bond.comp_id 
_chem_comp_bond.atom_id_1 
_chem_comp_bond.atom_id_2 
_chem_comp_bond.value_order 
_chem_comp_bond.pdbx_aromatic_flag 
_chem_comp_bond.pdbx_stereo_config 
_chem_comp_bond.pdbx_ordinal 
ALA N   CA   sing N N 1   
ALA N   H    sing N N 2   
ALA N   H2   sing N N 3   
ALA CA  C    sing N N 4   
ALA CA  CB   sing N N 5   
ALA CA  HA   sing N N 6   
ALA C   O    doub N N 7   
ALA C   OXT  sing N N 8   
ALA CB  HB1  sing N N 9   
ALA CB  HB2  sing N N 10  
ALA CB  HB3  sing N N 11  
ALA OXT HXT  sing N N 12  
ARG N   CA   sing N N 13  
ARG N   H    sing N N 14  
ARG N   H2   sing N N 15  
ARG CA  C    sing N N 16  
ARG CA  CB   sing N N 17  
ARG CA  HA   sing N N 18  
ARG C   O    doub N N 19  
ARG C   OXT  sing N N 20  
ARG CB  CG   sing N N 21  
ARG CB  HB2  sing N N 22  
ARG CB  HB3  sing N N 23  
ARG CG  CD   sing N N 24  
ARG CG  HG2  sing N N 25  
ARG CG  HG3  sing N N 26  
ARG CD  NE   sing N N 27  
ARG CD  HD2  sing N N 28  
ARG CD  HD3  sing N N 29  
ARG NE  CZ   sing N N 30  
ARG NE  HE   sing N N 31  
ARG CZ  NH1  sing N N 32  
ARG CZ  NH2  doub N N 33  
ARG NH1 HH11 sing N N 34  
ARG NH1 HH12 sing N N 35  
ARG NH2 HH21 sing N N 36  
ARG NH2 HH22 sing N N 37  
ARG OXT HXT  sing N N 38  
ASN N   CA   sing N N 39  
ASN N   H    sing N N 40  
ASN N   H2   sing N N 41  
ASN CA  C    sing N N 42  
ASN CA  CB   sing N N 43  
ASN CA  HA   sing N N 44  
ASN C   O    doub N N 45  
ASN C   OXT  sing N N 46  
ASN CB  CG   sing N N 47  
ASN CB  HB2  sing N N 48  
ASN CB  HB3  sing N N 49  
ASN CG  OD1  doub N N 50  
ASN CG  ND2  sing N N 51  
ASN ND2 HD21 sing N N 52  
ASN ND2 HD22 sing N N 53  
ASN OXT HXT  sing N N 54  
ASP N   CA   sing N N 55  
ASP N   H    sing N N 56  
ASP N   H2   sing N N 57  
ASP CA  C    sing N N 58  
ASP CA  CB   sing N N 59  
ASP CA  HA   sing N N 60  
ASP C   O    doub N N 61  
ASP C   OXT  sing N N 62  
ASP CB  CG   sing N N 63  
ASP CB  HB2  sing N N 64  
ASP CB  HB3  sing N N 65  
ASP CG  OD1  doub N N 66  
ASP CG  OD2  sing N N 67  
ASP OD2 HD2  sing N N 68  
ASP OXT HXT  sing N N 69  
EDO C1  O1   sing N N 70  
EDO C1  C2   sing N N 71  
EDO C1  H11  sing N N 72  
EDO C1  H12  sing N N 73  
EDO O1  HO1  sing N N 74  
EDO C2  O2   sing N N 75  
EDO C2  H21  sing N N 76  
EDO C2  H22  sing N N 77  
EDO O2  HO2  sing N N 78  
GLN N   CA   sing N N 79  
GLN N   H    sing N N 80  
GLN N   H2   sing N N 81  
GLN CA  C    sing N N 82  
GLN CA  CB   sing N N 83  
GLN CA  HA   sing N N 84  
GLN C   O    doub N N 85  
GLN C   OXT  sing N N 86  
GLN CB  CG   sing N N 87  
GLN CB  HB2  sing N N 88  
GLN CB  HB3  sing N N 89  
GLN CG  CD   sing N N 90  
GLN CG  HG2  sing N N 91  
GLN CG  HG3  sing N N 92  
GLN CD  OE1  doub N N 93  
GLN CD  NE2  sing N N 94  
GLN NE2 HE21 sing N N 95  
GLN NE2 HE22 sing N N 96  
GLN OXT HXT  sing N N 97  
GLU N   CA   sing N N 98  
GLU N   H    sing N N 99  
GLU N   H2   sing N N 100 
GLU CA  C    sing N N 101 
GLU CA  CB   sing N N 102 
GLU CA  HA   sing N N 103 
GLU C   O    doub N N 104 
GLU C   OXT  sing N N 105 
GLU CB  CG   sing N N 106 
GLU CB  HB2  sing N N 107 
GLU CB  HB3  sing N N 108 
GLU CG  CD   sing N N 109 
GLU CG  HG2  sing N N 110 
GLU CG  HG3  sing N N 111 
GLU CD  OE1  doub N N 112 
GLU CD  OE2  sing N N 113 
GLU OE2 HE2  sing N N 114 
GLU OXT HXT  sing N N 115 
GLY N   CA   sing N N 116 
GLY N   H    sing N N 117 
GLY N   H2   sing N N 118 
GLY CA  C    sing N N 119 
GLY CA  HA2  sing N N 120 
GLY CA  HA3  sing N N 121 
GLY C   O    doub N N 122 
GLY C   OXT  sing N N 123 
GLY OXT HXT  sing N N 124 
HIS N   CA   sing N N 125 
HIS N   H    sing N N 126 
HIS N   H2   sing N N 127 
HIS CA  C    sing N N 128 
HIS CA  CB   sing N N 129 
HIS CA  HA   sing N N 130 
HIS C   O    doub N N 131 
HIS C   OXT  sing N N 132 
HIS CB  CG   sing N N 133 
HIS CB  HB2  sing N N 134 
HIS CB  HB3  sing N N 135 
HIS CG  ND1  sing Y N 136 
HIS CG  CD2  doub Y N 137 
HIS ND1 CE1  doub Y N 138 
HIS ND1 HD1  sing N N 139 
HIS CD2 NE2  sing Y N 140 
HIS CD2 HD2  sing N N 141 
HIS CE1 NE2  sing Y N 142 
HIS CE1 HE1  sing N N 143 
HIS NE2 HE2  sing N N 144 
HIS OXT HXT  sing N N 145 
HOH O   H1   sing N N 146 
HOH O   H2   sing N N 147 
ILE N   CA   sing N N 148 
ILE N   H    sing N N 149 
ILE N   H2   sing N N 150 
ILE CA  C    sing N N 151 
ILE CA  CB   sing N N 152 
ILE CA  HA   sing N N 153 
ILE C   O    doub N N 154 
ILE C   OXT  sing N N 155 
ILE CB  CG1  sing N N 156 
ILE CB  CG2  sing N N 157 
ILE CB  HB   sing N N 158 
ILE CG1 CD1  sing N N 159 
ILE CG1 HG12 sing N N 160 
ILE CG1 HG13 sing N N 161 
ILE CG2 HG21 sing N N 162 
ILE CG2 HG22 sing N N 163 
ILE CG2 HG23 sing N N 164 
ILE CD1 HD11 sing N N 165 
ILE CD1 HD12 sing N N 166 
ILE CD1 HD13 sing N N 167 
ILE OXT HXT  sing N N 168 
LEU N   CA   sing N N 169 
LEU N   H    sing N N 170 
LEU N   H2   sing N N 171 
LEU CA  C    sing N N 172 
LEU CA  CB   sing N N 173 
LEU CA  HA   sing N N 174 
LEU C   O    doub N N 175 
LEU C   OXT  sing N N 176 
LEU CB  CG   sing N N 177 
LEU CB  HB2  sing N N 178 
LEU CB  HB3  sing N N 179 
LEU CG  CD1  sing N N 180 
LEU CG  CD2  sing N N 181 
LEU CG  HG   sing N N 182 
LEU CD1 HD11 sing N N 183 
LEU CD1 HD12 sing N N 184 
LEU CD1 HD13 sing N N 185 
LEU CD2 HD21 sing N N 186 
LEU CD2 HD22 sing N N 187 
LEU CD2 HD23 sing N N 188 
LEU OXT HXT  sing N N 189 
LYS N   CA   sing N N 190 
LYS N   H    sing N N 191 
LYS N   H2   sing N N 192 
LYS CA  C    sing N N 193 
LYS CA  CB   sing N N 194 
LYS CA  HA   sing N N 195 
LYS C   O    doub N N 196 
LYS C   OXT  sing N N 197 
LYS CB  CG   sing N N 198 
LYS CB  HB2  sing N N 199 
LYS CB  HB3  sing N N 200 
LYS CG  CD   sing N N 201 
LYS CG  HG2  sing N N 202 
LYS CG  HG3  sing N N 203 
LYS CD  CE   sing N N 204 
LYS CD  HD2  sing N N 205 
LYS CD  HD3  sing N N 206 
LYS CE  NZ   sing N N 207 
LYS CE  HE2  sing N N 208 
LYS CE  HE3  sing N N 209 
LYS NZ  HZ1  sing N N 210 
LYS NZ  HZ2  sing N N 211 
LYS NZ  HZ3  sing N N 212 
LYS OXT HXT  sing N N 213 
MET N   CA   sing N N 214 
MET N   H    sing N N 215 
MET N   H2   sing N N 216 
MET CA  C    sing N N 217 
MET CA  CB   sing N N 218 
MET CA  HA   sing N N 219 
MET C   O    doub N N 220 
MET C   OXT  sing N N 221 
MET CB  CG   sing N N 222 
MET CB  HB2  sing N N 223 
MET CB  HB3  sing N N 224 
MET CG  SD   sing N N 225 
MET CG  HG2  sing N N 226 
MET CG  HG3  sing N N 227 
MET SD  CE   sing N N 228 
MET CE  HE1  sing N N 229 
MET CE  HE2  sing N N 230 
MET CE  HE3  sing N N 231 
MET OXT HXT  sing N N 232 
P15 C13 O6   sing N N 233 
P15 C13 H131 sing N N 234 
P15 C13 H132 sing N N 235 
P15 C13 H133 sing N N 236 
P15 O6  C12  sing N N 237 
P15 C12 C11  sing N N 238 
P15 C12 H121 sing N N 239 
P15 C12 H122 sing N N 240 
P15 C11 O5   sing N N 241 
P15 C11 H111 sing N N 242 
P15 C11 H112 sing N N 243 
P15 O5  C10  sing N N 244 
P15 C10 C9   sing N N 245 
P15 C10 H101 sing N N 246 
P15 C10 H102 sing N N 247 
P15 C9  O4   sing N N 248 
P15 C9  H91  sing N N 249 
P15 C9  H92  sing N N 250 
P15 O4  C8   sing N N 251 
P15 C8  C7   sing N N 252 
P15 C8  H81  sing N N 253 
P15 C8  H82  sing N N 254 
P15 C7  O3   sing N N 255 
P15 C7  H71  sing N N 256 
P15 C7  H72  sing N N 257 
P15 O3  C6   sing N N 258 
P15 C6  C5   sing N N 259 
P15 C6  H61  sing N N 260 
P15 C6  H62  sing N N 261 
P15 C5  O2   sing N N 262 
P15 C5  H51  sing N N 263 
P15 C5  H52  sing N N 264 
P15 O2  C4   sing N N 265 
P15 C4  C3   sing N N 266 
P15 C4  H41  sing N N 267 
P15 C4  H42  sing N N 268 
P15 C3  O1   sing N N 269 
P15 C3  H31  sing N N 270 
P15 C3  H32  sing N N 271 
P15 O1  C2   sing N N 272 
P15 C2  C1   sing N N 273 
P15 C2  H21  sing N N 274 
P15 C2  H22  sing N N 275 
P15 C1  OXT  sing N N 276 
P15 C1  H11  sing N N 277 
P15 C1  H12  sing N N 278 
P15 OXT HOXT sing N N 279 
PHE N   CA   sing N N 280 
PHE N   H    sing N N 281 
PHE N   H2   sing N N 282 
PHE CA  C    sing N N 283 
PHE CA  CB   sing N N 284 
PHE CA  HA   sing N N 285 
PHE C   O    doub N N 286 
PHE C   OXT  sing N N 287 
PHE CB  CG   sing N N 288 
PHE CB  HB2  sing N N 289 
PHE CB  HB3  sing N N 290 
PHE CG  CD1  doub Y N 291 
PHE CG  CD2  sing Y N 292 
PHE CD1 CE1  sing Y N 293 
PHE CD1 HD1  sing N N 294 
PHE CD2 CE2  doub Y N 295 
PHE CD2 HD2  sing N N 296 
PHE CE1 CZ   doub Y N 297 
PHE CE1 HE1  sing N N 298 
PHE CE2 CZ   sing Y N 299 
PHE CE2 HE2  sing N N 300 
PHE CZ  HZ   sing N N 301 
PHE OXT HXT  sing N N 302 
PRO N   CA   sing N N 303 
PRO N   CD   sing N N 304 
PRO N   H    sing N N 305 
PRO CA  C    sing N N 306 
PRO CA  CB   sing N N 307 
PRO CA  HA   sing N N 308 
PRO C   O    doub N N 309 
PRO C   OXT  sing N N 310 
PRO CB  CG   sing N N 311 
PRO CB  HB2  sing N N 312 
PRO CB  HB3  sing N N 313 
PRO CG  CD   sing N N 314 
PRO CG  HG2  sing N N 315 
PRO CG  HG3  sing N N 316 
PRO CD  HD2  sing N N 317 
PRO CD  HD3  sing N N 318 
PRO OXT HXT  sing N N 319 
SER N   CA   sing N N 320 
SER N   H    sing N N 321 
SER N   H2   sing N N 322 
SER CA  C    sing N N 323 
SER CA  CB   sing N N 324 
SER CA  HA   sing N N 325 
SER C   O    doub N N 326 
SER C   OXT  sing N N 327 
SER CB  OG   sing N N 328 
SER CB  HB2  sing N N 329 
SER CB  HB3  sing N N 330 
SER OG  HG   sing N N 331 
SER OXT HXT  sing N N 332 
THR N   CA   sing N N 333 
THR N   H    sing N N 334 
THR N   H2   sing N N 335 
THR CA  C    sing N N 336 
THR CA  CB   sing N N 337 
THR CA  HA   sing N N 338 
THR C   O    doub N N 339 
THR C   OXT  sing N N 340 
THR CB  OG1  sing N N 341 
THR CB  CG2  sing N N 342 
THR CB  HB   sing N N 343 
THR OG1 HG1  sing N N 344 
THR CG2 HG21 sing N N 345 
THR CG2 HG22 sing N N 346 
THR CG2 HG23 sing N N 347 
THR OXT HXT  sing N N 348 
TRP N   CA   sing N N 349 
TRP N   H    sing N N 350 
TRP N   H2   sing N N 351 
TRP CA  C    sing N N 352 
TRP CA  CB   sing N N 353 
TRP CA  HA   sing N N 354 
TRP C   O    doub N N 355 
TRP C   OXT  sing N N 356 
TRP CB  CG   sing N N 357 
TRP CB  HB2  sing N N 358 
TRP CB  HB3  sing N N 359 
TRP CG  CD1  doub Y N 360 
TRP CG  CD2  sing Y N 361 
TRP CD1 NE1  sing Y N 362 
TRP CD1 HD1  sing N N 363 
TRP CD2 CE2  doub Y N 364 
TRP CD2 CE3  sing Y N 365 
TRP NE1 CE2  sing Y N 366 
TRP NE1 HE1  sing N N 367 
TRP CE2 CZ2  sing Y N 368 
TRP CE3 CZ3  doub Y N 369 
TRP CE3 HE3  sing N N 370 
TRP CZ2 CH2  doub Y N 371 
TRP CZ2 HZ2  sing N N 372 
TRP CZ3 CH2  sing Y N 373 
TRP CZ3 HZ3  sing N N 374 
TRP CH2 HH2  sing N N 375 
TRP OXT HXT  sing N N 376 
TYR N   CA   sing N N 377 
TYR N   H    sing N N 378 
TYR N   H2   sing N N 379 
TYR CA  C    sing N N 380 
TYR CA  CB   sing N N 381 
TYR CA  HA   sing N N 382 
TYR C   O    doub N N 383 
TYR C   OXT  sing N N 384 
TYR CB  CG   sing N N 385 
TYR CB  HB2  sing N N 386 
TYR CB  HB3  sing N N 387 
TYR CG  CD1  doub Y N 388 
TYR CG  CD2  sing Y N 389 
TYR CD1 CE1  sing Y N 390 
TYR CD1 HD1  sing N N 391 
TYR CD2 CE2  doub Y N 392 
TYR CD2 HD2  sing N N 393 
TYR CE1 CZ   doub Y N 394 
TYR CE1 HE1  sing N N 395 
TYR CE2 CZ   sing Y N 396 
TYR CE2 HE2  sing N N 397 
TYR CZ  OH   sing N N 398 
TYR OH  HH   sing N N 399 
TYR OXT HXT  sing N N 400 
VAL N   CA   sing N N 401 
VAL N   H    sing N N 402 
VAL N   H2   sing N N 403 
VAL CA  C    sing N N 404 
VAL CA  CB   sing N N 405 
VAL CA  HA   sing N N 406 
VAL C   O    doub N N 407 
VAL C   OXT  sing N N 408 
VAL CB  CG1  sing N N 409 
VAL CB  CG2  sing N N 410 
VAL CB  HB   sing N N 411 
VAL CG1 HG11 sing N N 412 
VAL CG1 HG12 sing N N 413 
VAL CG1 HG13 sing N N 414 
VAL CG2 HG21 sing N N 415 
VAL CG2 HG22 sing N N 416 
VAL CG2 HG23 sing N N 417 
VAL OXT HXT  sing N N 418 
# 
_pdbx_audit_support.funding_organization   'National Natural Science Foundation of China (NSFC)' 
_pdbx_audit_support.country                China 
_pdbx_audit_support.grant_number           22377107 
_pdbx_audit_support.ordinal                1 
# 
_pdbx_initial_refinement_model.id               1 
_pdbx_initial_refinement_model.entity_id_list   ? 
_pdbx_initial_refinement_model.type             'in silico model' 
_pdbx_initial_refinement_model.source_name      AlphaFold 
_pdbx_initial_refinement_model.accession_code   ? 
_pdbx_initial_refinement_model.details          ? 
# 
_atom_sites.entry_id                    9VVN 
_atom_sites.Cartn_transf_matrix[1][1]   ? 
_atom_sites.Cartn_transf_matrix[1][2]   ? 
_atom_sites.Cartn_transf_matrix[1][3]   ? 
_atom_sites.Cartn_transf_matrix[2][1]   ? 
_atom_sites.Cartn_transf_matrix[2][2]   ? 
_atom_sites.Cartn_transf_matrix[2][3]   ? 
_atom_sites.Cartn_transf_matrix[3][1]   ? 
_atom_sites.Cartn_transf_matrix[3][2]   ? 
_atom_sites.Cartn_transf_matrix[3][3]   ? 
_atom_sites.Cartn_transf_vector[1]      ? 
_atom_sites.Cartn_transf_vector[2]      ? 
_atom_sites.Cartn_transf_vector[3]      ? 
_atom_sites.Cartn_transform_axes        ? 
_atom_sites.fract_transf_matrix[1][1]   0.01021169 
_atom_sites.fract_transf_matrix[1][2]   0.00132702 
_atom_sites.fract_transf_matrix[1][3]   -0.02612906 
_atom_sites.fract_transf_matrix[2][1]   0.00418538 
_atom_sites.fract_transf_matrix[2][2]   0.01639304 
_atom_sites.fract_transf_matrix[2][3]   0.00246828 
_atom_sites.fract_transf_matrix[3][1]   0.01072200 
_atom_sites.fract_transf_matrix[3][2]   -0.00334286 
_atom_sites.fract_transf_matrix[3][3]   0.00402057 
_atom_sites.fract_transf_vector[1]      -0.273425 
_atom_sites.fract_transf_vector[2]      -0.082550 
_atom_sites.fract_transf_vector[3]      0.141052 
_atom_sites.solution_primary            ? 
_atom_sites.solution_secondary          ? 
_atom_sites.solution_hydrogens          ? 
_atom_sites.special_details             ? 
# 
loop_
_atom_type.symbol 
_atom_type.pdbx_scat_Z 
_atom_type.pdbx_N_electrons 
_atom_type.scat_Cromer_Mann_a1 
_atom_type.scat_Cromer_Mann_b1 
_atom_type.scat_Cromer_Mann_a2 
_atom_type.scat_Cromer_Mann_b2 
_atom_type.scat_Cromer_Mann_a3 
_atom_type.scat_Cromer_Mann_b3 
_atom_type.scat_Cromer_Mann_a4 
_atom_type.scat_Cromer_Mann_b4 
C 6 6 2.3103  20.8439 1.0201 10.2075 1.5888 0.5687  0.8651 51.6512 
H 1 1 0.4930  10.5109 0.3229 26.1257 0.1402 3.1424  0.0408 57.7997 
N 7 7 12.2220 0.0057  3.1346 9.8933  2.0141 28.9975 1.1672 0.5826  
O 8 8 3.0487  13.2771 2.2870 5.7011  1.5464 0.3239  0.8671 32.9089 
# 
loop_
_atom_site.group_PDB 
_atom_site.id 
_atom_site.type_symbol 
_atom_site.label_atom_id 
_atom_site.label_alt_id 
_atom_site.label_comp_id 
_atom_site.label_asym_id 
_atom_site.label_entity_id 
_atom_site.label_seq_id 
_atom_site.pdbx_PDB_ins_code 
_atom_site.Cartn_x 
_atom_site.Cartn_y 
_atom_site.Cartn_z 
_atom_site.occupancy 
_atom_site.B_iso_or_equiv 
_atom_site.pdbx_formal_charge 
_atom_site.auth_seq_id 
_atom_site.auth_comp_id 
_atom_site.auth_asym_id 
_atom_site.auth_atom_id 
_atom_site.pdbx_PDB_model_num 
_atom_site.calc_flag 
ATOM   1    N N   . GLY A 1 16  ? -16.629 -8.143  17.067  1.000 4.495  0 0   GLY A N   1 ? 
ATOM   2    C CA  . GLY A 1 16  ? -15.535 -9.056  17.325  1.000 14.626 0 0   GLY A CA  1 ? 
ATOM   3    C C   . GLY A 1 16  ? -14.507 -8.100  16.600  1.000 19.698 0 0   GLY A C   1 ? 
ATOM   4    O O   . GLY A 1 16  ? -15.034 -7.085  16.201  1.000 30.222 0 0   GLY A O   1 ? 
ATOM   5    N N   . SER A 1 17  ? -13.229 -8.247  16.149  1.000 29.130 0 1   SER A N   1 ? 
ATOM   6    C CA  . SER A 1 17  ? -12.606 -7.023  15.549  1.000 30.113 0 1   SER A CA  1 ? 
ATOM   7    C C   . SER A 1 17  ? -12.977 -6.778  14.082  1.000 32.897 0 1   SER A C   1 ? 
ATOM   8    O O   . SER A 1 17  ? -12.995 -7.698  13.274  1.000 35.522 0 1   SER A O   1 ? 
ATOM   9    C CB  . SER A 1 17  ? -11.115 -6.912  15.622  1.000 32.100 0 1   SER A CB  1 ? 
ATOM   10   O OG  . SER A 1 17  ? -10.742 -5.546  15.413  1.000 35.193 0 1   SER A OG  1 ? 
ATOM   11   N N   . ILE A 1 18  ? -13.296 -5.527  13.726  1.000 30.068 0 2   ILE A N   1 ? 
ATOM   12   C CA  . ILE A 1 18  ? -13.591 -5.209  12.331  1.000 29.199 0 2   ILE A CA  1 ? 
ATOM   13   C C   . ILE A 1 18  ? -12.588 -4.180  11.787  1.000 28.341 0 2   ILE A C   1 ? 
ATOM   14   O O   . ILE A 1 18  ? -12.794 -3.633  10.700  1.000 32.634 0 2   ILE A O   1 ? 
ATOM   15   C CB  . ILE A 1 18  ? -15.049 -4.765  12.128  1.000 29.930 0 2   ILE A CB  1 ? 
ATOM   16   C CG1 . ILE A 1 18  ? -15.384 -3.429  12.785  1.000 33.812 0 2   ILE A CG1 1 ? 
ATOM   17   C CG2 . ILE A 1 18  ? -15.985 -5.868  12.617  1.000 30.958 0 2   ILE A CG2 1 ? 
ATOM   18   C CD1 . ILE A 1 18  ? -16.677 -2.839  12.273  1.000 35.607 0 2   ILE A CD1 1 ? 
ATOM   19   N N   . LYS A 1 19  ? -11.533 -3.917  12.556  1.000 25.883 0 3   LYS A N   1 ? 
ATOM   20   C CA  . LYS A 1 19  ? -10.515 -2.961  12.136  1.000 25.045 0 3   LYS A CA  1 ? 
ATOM   21   C C   . LYS A 1 19  ? -9.596  -3.638  11.104  1.000 22.094 0 3   LYS A C   1 ? 
ATOM   22   O O   . LYS A 1 19  ? -9.055  -4.694  11.382  1.000 25.343 0 3   LYS A O   1 ? 
ATOM   23   C CB  . LYS A 1 19  ? -9.762  -2.439  13.362  1.000 28.197 0 3   LYS A CB  1 ? 
ATOM   24   C CG  . LYS A 1 19  ? -8.813  -1.295  13.086  1.000 31.741 0 3   LYS A CG  1 ? 
ATOM   25   C CD  . LYS A 1 19  ? -7.916  -0.930  14.272  1.000 33.485 0 3   LYS A CD  1 ? 
ATOM   26   C CE  . LYS A 1 19  ? -6.916  0.130   13.873  1.000 39.787 0 3   LYS A CE  1 ? 
ATOM   27   N NZ  . LYS A 1 19  ? -5.875  0.382   14.881  1.000 43.851 0 3   LYS A NZ  1 ? 
ATOM   28   N N   . PHE A 1 20  ? -9.517  -3.071  9.899   1.000 17.479 0 4   PHE A N   1 ? 
ATOM   29   C CA  . PHE A 1 20  ? -8.712  -3.679  8.842   1.000 15.385 0 4   PHE A CA  1 ? 
ATOM   30   C C   . PHE A 1 20  ? -7.745  -2.596  8.314   1.000 14.995 0 4   PHE A C   1 ? 
ATOM   31   O O   . PHE A 1 20  ? -8.176  -1.503  7.973   1.000 16.976 0 4   PHE A O   1 ? 
ATOM   32   C CB  . PHE A 1 20  ? -9.545  -4.232  7.690   1.000 15.837 0 4   PHE A CB  1 ? 
ATOM   33   C CG  . PHE A 1 20  ? -8.772  -4.722  6.477   1.000 16.347 0 4   PHE A CG  1 ? 
ATOM   34   C CD1 . PHE A 1 20  ? -8.218  -5.998  6.463   1.000 15.409 0 4   PHE A CD1 1 ? 
ATOM   35   C CD2 . PHE A 1 20  ? -8.507  -3.901  5.382   1.000 16.804 0 4   PHE A CD2 1 ? 
ATOM   36   C CE1 . PHE A 1 20  ? -7.514  -6.490  5.376   1.000 16.232 0 4   PHE A CE1 1 ? 
ATOM   37   C CE2 . PHE A 1 20  ? -7.857  -4.417  4.276   1.000 17.209 0 4   PHE A CE2 1 ? 
ATOM   38   C CZ  . PHE A 1 20  ? -7.340  -5.694  4.276   1.000 15.600 0 4   PHE A CZ  1 ? 
ATOM   39   N N   . ARG A 1 21  ? -6.457  -2.938  8.245   1.000 14.176 0 5   ARG A N   1 ? 
ATOM   40   C CA  . ARG A 1 21  ? -5.442  -2.042  7.699   1.000 15.412 0 5   ARG A CA  1 ? 
ATOM   41   C C   . ARG A 1 21  ? -4.453  -2.824  6.855   1.000 14.285 0 5   ARG A C   1 ? 
ATOM   42   O O   . ARG A 1 21  ? -4.022  -3.925  7.177   1.000 14.655 0 5   ARG A O   1 ? 
ATOM   43   C CB  . ARG A 1 21  ? -4.595  -1.322  8.763   1.000 17.518 0 5   ARG A CB  1 ? 
ATOM   44   C CG  . ARG A 1 21  ? -5.269  -0.353  9.730   1.000 22.430 0 5   ARG A CG  1 ? 
ATOM   45   C CD  . ARG A 1 21  ? -5.853  0.890   9.123   1.000 23.744 0 5   ARG A CD  1 ? 
ATOM   46   N NE  . ARG A 1 21  ? -6.641  1.632   10.113  1.000 27.665 0 5   ARG A NE  1 ? 
ATOM   47   C CZ  . ARG A 1 21  ? -7.905  1.406   10.477  1.000 28.725 0 5   ARG A CZ  1 ? 
ATOM   48   N NH1 . ARG A 1 21  ? -8.710  0.631   9.761   1.000 25.898 0 5   ARG A NH1 1 ? 
ATOM   49   N NH2 . ARG A 1 21  ? -8.407  2.095   11.496  1.000 34.841 0 5   ARG A NH2 1 ? 
ATOM   50   N N   . VAL A 1 22  ? -3.999  -2.171  5.790   1.000 13.536 0 6   VAL A N   1 ? 
ATOM   51   C CA  . VAL A 1 22  ? -2.848  -2.681  5.067   1.000 13.536 0 6   VAL A CA  1 ? 
ATOM   52   C C   . VAL A 1 22  ? -1.820  -1.567  5.027   1.000 13.947 0 6   VAL A C   1 ? 
ATOM   53   O O   . VAL A 1 22  ? -2.133  -0.464  4.612   1.000 15.088 0 6   VAL A O   1 ? 
ATOM   54   C CB  . VAL A 1 22  ? -3.175  -3.150  3.659   1.000 15.614 0 6   VAL A CB  1 ? 
ATOM   55   C CG1 . VAL A 1 22  ? -1.981  -3.699  2.962   1.000 16.224 0 6   VAL A CG1 1 ? 
ATOM   56   C CG2 . VAL A 1 22  ? -4.295  -4.176  3.665   1.000 14.795 0 6   VAL A CG2 1 ? 
ATOM   57   N N   . ILE A 1 23  ? -0.583  -1.946  5.335   1.000 14.769 0 7   ILE A N   1 ? 
ATOM   58   C CA  . ILE A 1 23  ? 0.536   -1.013  5.306   1.000 15.341 0 7   ILE A CA  1 ? 
ATOM   59   C C   . ILE A 1 23  ? 1.447   -1.448  4.165   1.000 15.181 0 7   ILE A C   1 ? 
ATOM   60   O O   . ILE A 1 23  ? 1.917   -2.582  4.075   1.000 16.433 0 7   ILE A O   1 ? 
ATOM   61   C CB  . ILE A 1 23  ? 1.287   -0.936  6.647   1.000 17.354 0 7   ILE A CB  1 ? 
ATOM   62   C CG1 . ILE A 1 23  ? 0.400   -0.587  7.853   1.000 21.651 0 7   ILE A CG1 1 ? 
ATOM   63   C CG2 . ILE A 1 23  ? 2.511   -0.001  6.565   1.000 19.060 0 7   ILE A CG2 1 ? 
ATOM   64   C CD1 . ILE A 1 23  ? 1.112   -0.741  9.198   1.000 26.710 0 7   ILE A CD1 1 ? 
ATOM   65   N N   . PHE A 1 24  ? 1.738   -0.503  3.284   1.000 15.731 0 8   PHE A N   1 ? 
ATOM   66   C CA  . PHE A 1 24  ? 2.661   -0.694  2.199   1.000 15.303 0 8   PHE A CA  1 ? 
ATOM   67   C C   . PHE A 1 24  ? 3.822   0.301   2.348   1.000 15.760 0 8   PHE A C   1 ? 
ATOM   68   O O   . PHE A 1 24  ? 3.551   1.485   2.457   1.000 16.625 0 8   PHE A O   1 ? 
ATOM   69   C CB  . PHE A 1 24  ? 1.932   -0.459  0.876   1.000 20.086 0 8   PHE A CB  1 ? 
ATOM   70   C CG  . PHE A 1 24  ? 2.852   -0.357  -0.315  1.000 21.065 0 8   PHE A CG  1 ? 
ATOM   71   C CD1 . PHE A 1 24  ? 3.429   -1.487  -0.859  1.000 23.199 0 8   PHE A CD1 1 ? 
ATOM   72   C CD2 . PHE A 1 24  ? 3.125   0.882   -0.892  1.000 25.817 0 8   PHE A CD2 1 ? 
ATOM   73   C CE1 . PHE A 1 24  ? 4.284   -1.388  -1.950  1.000 26.891 0 8   PHE A CE1 1 ? 
ATOM   74   C CE2 . PHE A 1 24  ? 3.935   0.956   -2.017  1.000 26.125 0 8   PHE A CE2 1 ? 
ATOM   75   C CZ  . PHE A 1 24  ? 4.510   -0.181  -2.532  1.000 24.346 0 8   PHE A CZ  1 ? 
ATOM   76   N N   . LYS A 1 25  ? 5.041   -0.210  2.468   1.000 13.718 0 9   LYS A N   1 ? 
ATOM   77   C CA  . LYS A 1 25  ? 6.195   0.648   2.700   1.000 15.465 0 9   LYS A CA  1 ? 
ATOM   78   C C   . LYS A 1 25  ? 7.300   0.353   1.678   1.000 17.790 0 9   LYS A C   1 ? 
ATOM   79   O O   . LYS A 1 25  ? 7.683   -0.797  1.535   1.000 18.412 0 9   LYS A O   1 ? 
ATOM   80   C CB  . LYS A 1 25  ? 6.652   0.421   4.148   1.000 19.304 0 9   LYS A CB  1 ? 
ATOM   81   C CG  . LYS A 1 25  ? 7.793   1.305   4.601   1.000 28.136 0 9   LYS A CG  1 ? 
ATOM   82   C CD  . LYS A 1 25  ? 8.110   1.201   6.099   1.000 31.832 0 9   LYS A CD  1 ? 
ATOM   83   C CE  . LYS A 1 25  ? 8.531   -0.166  6.551   1.000 38.150 0 9   LYS A CE  1 ? 
ATOM   84   N NZ  . LYS A 1 25  ? 9.358   -0.121  7.773   1.000 42.747 0 9   LYS A NZ  1 ? 
ATOM   85   N N   . VAL A 1 26  ? 7.868   1.409   1.067   1.000 16.293 0 10  VAL A N   1 ? 
ATOM   86   C CA  . VAL A 1 26  ? 9.036   1.276   0.199   1.000 18.405 0 10  VAL A CA  1 ? 
ATOM   87   C C   . VAL A 1 26  ? 10.170  2.082   0.821   1.000 17.517 0 10  VAL A C   1 ? 
ATOM   88   O O   . VAL A 1 26  ? 9.982   3.297   1.023   1.000 21.222 0 10  VAL A O   1 ? 
ATOM   89   C CB  . VAL A 1 26  ? 8.747   1.792   -1.216  1.000 21.835 0 10  VAL A CB  1 ? 
ATOM   90   C CG1 . VAL A 1 26  ? 9.923   1.582   -2.174  1.000 27.181 0 10  VAL A CG1 1 ? 
ATOM   91   C CG2 . VAL A 1 26  ? 7.495   1.140   -1.794  1.000 25.047 0 10  VAL A CG2 1 ? 
ATOM   92   N N   . THR A 1 27  ? 11.285  1.424   1.068   1.000 16.388 0 11  THR A N   1 ? 
ATOM   93   C CA  . THR A 1 27  ? 12.458  2.103   1.630   1.000 16.313 0 11  THR A CA  1 ? 
ATOM   94   C C   . THR A 1 27  ? 13.540  2.013   0.572   1.000 20.594 0 11  THR A C   1 ? 
ATOM   95   O O   . THR A 1 27  ? 13.865  0.928   0.103   1.000 19.339 0 11  THR A O   1 ? 
ATOM   96   C CB  . THR A 1 27  ? 12.943  1.522   2.950   1.000 20.182 0 11  THR A CB  1 ? 
ATOM   97   O OG1 . THR A 1 27  ? 11.808  1.491   3.832   1.000 21.076 0 11  THR A OG1 1 ? 
ATOM   98   C CG2 . THR A 1 27  ? 14.078  2.348   3.554   1.000 22.296 0 11  THR A CG2 1 ? 
ATOM   99   N N   . VAL A 1 28  ? 14.099  3.148   0.185   1.000 24.053 0 12  VAL A N   1 ? 
ATOM   100  C CA  A VAL A 1 28  ? 15.104  3.108   -0.860  0.500 26.451 0 12  VAL A CA  1 ? 
ATOM   101  C CA  B VAL A 1 28  ? 15.108  3.089   -0.863  0.500 27.505 0 12  VAL A CA  1 ? 
ATOM   102  C C   . VAL A 1 28  ? 16.448  2.868   -0.166  1.000 30.272 0 12  VAL A C   1 ? 
ATOM   103  O O   . VAL A 1 28  ? 16.738  3.446   0.884   1.000 33.687 0 12  VAL A O   1 ? 
ATOM   104  C CB  A VAL A 1 28  ? 14.988  4.362   -1.757  0.500 29.712 0 12  VAL A CB  1 ? 
ATOM   105  C CB  B VAL A 1 28  ? 15.119  4.273   -1.848  0.500 33.214 0 12  VAL A CB  1 ? 
ATOM   106  C CG1 A VAL A 1 28  ? 13.849  4.223   -2.762  0.500 31.736 0 12  VAL A CG1 1 ? 
ATOM   107  C CG1 B VAL A 1 28  ? 15.975  3.956   -3.078  0.500 30.275 0 12  VAL A CG1 1 ? 
ATOM   108  C CG2 A VAL A 1 28  ? 14.797  5.649   -0.977  0.500 27.240 0 12  VAL A CG2 1 ? 
ATOM   109  C CG2 B VAL A 1 28  ? 13.709  4.646   -2.280  0.500 35.617 0 12  VAL A CG2 1 ? 
ATOM   110  N N   . LEU A 1 29  ? 17.198  1.878   -0.658  1.000 29.443 0 13  LEU A N   1 ? 
ATOM   111  C CA  . LEU A 1 29  ? 18.467  1.494   -0.069  1.000 32.849 0 13  LEU A CA  1 ? 
ATOM   112  C C   . LEU A 1 29  ? 19.578  2.024   -0.981  1.000 31.449 0 13  LEU A C   1 ? 
ATOM   113  O O   . LEU A 1 29  ? 20.570  2.537   -0.491  1.000 35.872 0 13  LEU A O   1 ? 
ATOM   114  C CB  . LEU A 1 29  ? 18.487  -0.023  0.093   1.000 36.616 0 13  LEU A CB  1 ? 
ATOM   115  C CG  . LEU A 1 29  ? 17.349  -0.628  0.926   1.000 38.164 0 13  LEU A CG  1 ? 
ATOM   116  C CD1 . LEU A 1 29  ? 17.399  -2.146  0.903   1.000 42.799 0 13  LEU A CD1 1 ? 
ATOM   117  C CD2 . LEU A 1 29  ? 17.394  -0.104  2.366   1.000 37.815 0 13  LEU A CD2 1 ? 
ATOM   118  N N   . SER A 1 30  ? 19.347  1.931   -2.292  1.000 33.185 0 14  SER A N   1 ? 
ATOM   119  C CA  A SER A 1 30  ? 20.266  2.428   -3.306  0.500 36.657 0 14  SER A CA  1 ? 
ATOM   120  C CA  B SER A 1 30  ? 20.266  2.429   -3.309  0.500 35.068 0 14  SER A CA  1 ? 
ATOM   121  C C   . SER A 1 30  ? 19.480  2.759   -4.573  1.000 38.333 0 14  SER A C   1 ? 
ATOM   122  O O   . SER A 1 30  ? 18.270  2.569   -4.619  1.000 38.287 0 14  SER A O   1 ? 
ATOM   123  C CB  A SER A 1 30  ? 21.363  1.440   -3.572  0.500 35.913 0 14  SER A CB  1 ? 
ATOM   124  C CB  B SER A 1 30  ? 21.354  1.448   -3.613  0.500 32.437 0 14  SER A CB  1 ? 
ATOM   125  O OG  A SER A 1 30  ? 22.068  1.150   -2.371  0.500 38.302 0 14  SER A OG  1 ? 
ATOM   126  O OG  B SER A 1 30  ? 20.851  0.352   -4.362  0.500 31.584 0 14  SER A OG  1 ? 
ATOM   127  N N   . GLU A 1 31  ? 20.171  3.253   -5.617  1.000 40.014 0 15  GLU A N   1 ? 
ATOM   128  C CA  . GLU A 1 31  ? 19.451  3.729   -6.794  1.000 43.632 0 15  GLU A CA  1 ? 
ATOM   129  C C   . GLU A 1 31  ? 18.781  2.570   -7.531  1.000 43.815 0 15  GLU A C   1 ? 
ATOM   130  O O   . GLU A 1 31  ? 17.869  2.805   -8.326  1.000 40.726 0 15  GLU A O   1 ? 
ATOM   131  C CB  . GLU A 1 31  ? 20.293  4.562   -7.764  1.000 46.516 0 15  GLU A CB  1 ? 
ATOM   132  C CG  . GLU A 1 31  ? 21.074  3.754   -8.798  1.000 51.731 0 15  GLU A CG  1 ? 
ATOM   133  C CD  . GLU A 1 31  ? 22.272  2.997   -8.262  1.000 58.101 0 15  GLU A CD  1 ? 
ATOM   134  O OE1 . GLU A 1 31  ? 22.379  2.854   -7.022  1.000 60.451 0 15  GLU A OE1 1 ? 
ATOM   135  O OE2 . GLU A 1 31  ? 23.124  2.605   -9.095  1.000 63.135 0 15  GLU A OE2 1 ? 
ATOM   136  N N   . ASP A 1 32  ? 19.210  1.324   -7.249  1.000 44.511 0 16  ASP A N   1 ? 
ATOM   137  C CA  . ASP A 1 32  ? 18.637  0.158   -7.908  1.000 49.734 0 16  ASP A CA  1 ? 
ATOM   138  C C   . ASP A 1 32  ? 18.147  -0.881  -6.892  1.000 40.410 0 16  ASP A C   1 ? 
ATOM   139  O O   . ASP A 1 32  ? 17.985  -2.048  -7.244  1.000 36.470 0 16  ASP A O   1 ? 
ATOM   140  C CB  . ASP A 1 32  ? 19.641  -0.472  -8.866  1.000 54.010 0 16  ASP A CB  1 ? 
ATOM   141  C CG  . ASP A 1 32  ? 20.849  -1.116  -8.196  1.000 62.430 0 16  ASP A CG  1 ? 
ATOM   142  O OD1 . ASP A 1 32  ? 21.009  -0.941  -6.960  1.000 58.167 0 16  ASP A OD1 1 ? 
ATOM   143  O OD2 . ASP A 1 32  ? 21.613  -1.805  -8.907  1.000 76.549 0 16  ASP A OD2 1 ? 
ATOM   144  N N   . GLU A 1 33  ? 17.912  -0.482  -5.633  1.000 34.349 0 17  GLU A N   1 ? 
ATOM   145  C CA  . GLU A 1 33  ? 17.509  -1.439  -4.614  1.000 33.154 0 17  GLU A CA  1 ? 
ATOM   146  C C   . GLU A 1 33  ? 16.513  -0.783  -3.669  1.000 28.136 0 17  GLU A C   1 ? 
ATOM   147  O O   . GLU A 1 33  ? 16.785  0.257   -3.097  1.000 27.425 0 17  GLU A O   1 ? 
ATOM   148  C CB  . GLU A 1 33  ? 18.691  -1.955  -3.801  1.000 40.621 0 17  GLU A CB  1 ? 
ATOM   149  C CG  . GLU A 1 33  ? 19.545  -2.951  -4.576  1.000 47.179 0 17  GLU A CG  1 ? 
ATOM   150  C CD  . GLU A 1 33  ? 20.915  -3.151  -3.979  1.000 58.841 0 17  GLU A CD  1 ? 
ATOM   151  O OE1 . GLU A 1 33  ? 21.899  -3.060  -4.750  1.000 72.823 0 17  GLU A OE1 1 ? 
ATOM   152  O OE2 . GLU A 1 33  ? 20.984  -3.378  -2.752  1.000 66.709 0 17  GLU A OE2 1 ? 
ATOM   153  N N   . VAL A 1 34  ? 15.373  -1.435  -3.482  1.000 29.235 0 18  VAL A N   1 ? 
ATOM   154  C CA  . VAL A 1 34  ? 14.367  -0.928  -2.579  1.000 29.037 0 18  VAL A CA  1 ? 
ATOM   155  C C   . VAL A 1 34  ? 13.926  -2.118  -1.748  1.000 35.340 0 18  VAL A C   1 ? 
ATOM   156  O O   . VAL A 1 34  ? 14.184  -3.260  -2.120  1.000 36.198 0 18  VAL A O   1 ? 
ATOM   157  C CB  . VAL A 1 34  ? 13.232  -0.225  -3.346  1.000 31.943 0 18  VAL A CB  1 ? 
ATOM   158  C CG1 . VAL A 1 34  ? 13.753  1.005   -4.089  1.000 33.835 0 18  VAL A CG1 1 ? 
ATOM   159  C CG2 . VAL A 1 34  ? 12.553  -1.173  -4.328  1.000 33.246 0 18  VAL A CG2 1 ? 
ATOM   160  N N   . GLU A 1 35  ? 13.481  -1.826  -0.526  1.000 28.828 0 19  GLU A N   1 ? 
ATOM   161  C CA  . GLU A 1 35  ? 12.857  -2.811  0.329   1.000 27.794 0 19  GLU A CA  1 ? 
ATOM   162  C C   . GLU A 1 35  ? 11.361  -2.489  0.313   1.000 22.125 0 19  GLU A C   1 ? 
ATOM   163  O O   . GLU A 1 35  ? 10.985  -1.353  0.610   1.000 22.146 0 19  GLU A O   1 ? 
ATOM   164  C CB  . GLU A 1 35  ? 13.407  -2.748  1.750   1.000 26.770 0 19  GLU A CB  1 ? 
ATOM   165  C CG  . GLU A 1 35  ? 12.773  -3.781  2.680   1.000 30.225 0 19  GLU A CG  1 ? 
ATOM   166  C CD  . GLU A 1 35  ? 12.882  -3.465  4.155   1.000 40.469 0 19  GLU A CD  1 ? 
ATOM   167  O OE1 . GLU A 1 35  ? 13.466  -4.282  4.899   1.000 48.339 0 19  GLU A OE1 1 ? 
ATOM   168  O OE2 . GLU A 1 35  ? 12.331  -2.423  4.573   1.000 42.238 0 19  GLU A OE2 1 ? 
ATOM   169  N N   . VAL A 1 36  ? 10.541  -3.492  -0.027  1.000 20.778 0 20  VAL A N   1 ? 
ATOM   170  C CA  . VAL A 1 36  ? 9.105   -3.341  -0.197  1.000 20.527 0 20  VAL A CA  1 ? 
ATOM   171  C C   . VAL A 1 36  ? 8.419   -4.257  0.799   1.000 22.212 0 20  VAL A C   1 ? 
ATOM   172  O O   . VAL A 1 36  ? 8.588   -5.474  0.756   1.000 23.754 0 20  VAL A O   1 ? 
ATOM   173  C CB  . VAL A 1 36  ? 8.581   -3.619  -1.612  1.000 23.964 0 20  VAL A CB  1 ? 
ATOM   174  C CG1 . VAL A 1 36  ? 7.093   -3.331  -1.742  1.000 23.763 0 20  VAL A CG1 1 ? 
ATOM   175  C CG2 . VAL A 1 36  ? 9.411   -2.852  -2.641  1.000 26.214 0 20  VAL A CG2 1 ? 
ATOM   176  N N   . VAL A 1 37  ? 7.611   -3.646  1.670   1.000 19.408 0 21  VAL A N   1 ? 
ATOM   177  C CA  . VAL A 1 37  ? 7.020   -4.375  2.788   1.000 20.370 0 21  VAL A CA  1 ? 
ATOM   178  C C   . VAL A 1 37  ? 5.518   -4.186  2.674   1.000 19.180 0 21  VAL A C   1 ? 
ATOM   179  O O   . VAL A 1 37  ? 5.013   -3.108  2.400   1.000 18.320 0 21  VAL A O   1 ? 
ATOM   180  C CB  . VAL A 1 37  ? 7.513   -4.000  4.201   1.000 21.015 0 21  VAL A CB  1 ? 
ATOM   181  C CG1 . VAL A 1 37  ? 6.760   -4.749  5.298   1.000 22.049 0 21  VAL A CG1 1 ? 
ATOM   182  C CG2 . VAL A 1 37  ? 9.003   -4.236  4.412   1.000 25.507 0 21  VAL A CG2 1 ? 
ATOM   183  N N   . PHE A 1 38  ? 4.801   -5.310  2.819   1.000 17.986 0 22  PHE A N   1 ? 
ATOM   184  C CA  A PHE A 1 38  ? 3.335   -5.303  2.879   0.500 14.990 0 22  PHE A CA  1 ? 
ATOM   185  C CA  B PHE A 1 38  ? 3.384   -5.328  2.894   0.500 17.347 0 22  PHE A CA  1 ? 
ATOM   186  C C   . PHE A 1 38  ? 2.981   -5.990  4.199   1.000 15.230 0 22  PHE A C   1 ? 
ATOM   187  O O   . PHE A 1 38  ? 3.423   -7.118  4.475   1.000 14.397 0 22  PHE A O   1 ? 
ATOM   188  C CB  A PHE A 1 38  ? 2.358   -5.942  1.851   0.500 12.424 0 22  PHE A CB  1 ? 
ATOM   189  C CB  B PHE A 1 38  ? 3.197   -6.164  1.646   0.500 19.061 0 22  PHE A CB  1 ? 
ATOM   190  C CG  A PHE A 1 38  ? 2.346   -5.342  0.442   0.500 12.503 0 22  PHE A CG  1 ? 
ATOM   191  C CG  B PHE A 1 38  ? 1.718   -6.338  1.478   0.500 18.706 0 22  PHE A CG  1 ? 
ATOM   192  C CD1 A PHE A 1 38  ? 3.376   -5.627  -0.443  0.500 12.063 0 22  PHE A CD1 1 ? 
ATOM   193  C CD1 B PHE A 1 38  ? 0.958   -5.301  0.978   0.500 22.091 0 22  PHE A CD1 1 ? 
ATOM   194  C CD2 A PHE A 1 38  ? 1.304   -4.544  -0.030  0.500 10.913 0 22  PHE A CD2 1 ? 
ATOM   195  C CD2 B PHE A 1 38  ? 1.100   -7.511  1.865   0.500 21.643 0 22  PHE A CD2 1 ? 
ATOM   196  C CE1 A PHE A 1 38  ? 3.389   -5.075  -1.731  0.500 11.024 0 22  PHE A CE1 1 ? 
ATOM   197  C CE1 B PHE A 1 38  ? -0.403  -5.455  0.818   0.500 22.568 0 22  PHE A CE1 1 ? 
ATOM   198  C CE2 A PHE A 1 38  ? 1.329   -4.001  -1.321  0.500 11.868 0 22  PHE A CE2 1 ? 
ATOM   199  C CE2 B PHE A 1 38  ? -0.260  -7.652  1.713   0.500 20.468 0 22  PHE A CE2 1 ? 
ATOM   200  C CZ  A PHE A 1 38  ? 2.363   -4.288  -2.170  0.500 11.459 0 22  PHE A CZ  1 ? 
ATOM   201  C CZ  B PHE A 1 38  ? -1.012  -6.627  1.198   0.500 22.084 0 22  PHE A CZ  1 ? 
ATOM   202  N N   . GLU A 1 39  ? 2.165   -5.290  4.995   1.000 14.189 0 23  GLU A N   1 ? 
ATOM   203  C CA  . GLU A 1 39  ? 1.648   -5.850  6.253   1.000 13.154 0 23  GLU A CA  1 ? 
ATOM   204  C C   . GLU A 1 39  ? 0.123   -5.694  6.293   1.000 13.453 0 23  GLU A C   1 ? 
ATOM   205  O O   . GLU A 1 39  ? -0.401  -4.618  6.021   1.000 15.056 0 23  GLU A O   1 ? 
ATOM   206  C CB  . GLU A 1 39  ? 2.227   -5.168  7.488   1.000 14.620 0 23  GLU A CB  1 ? 
ATOM   207  C CG  . GLU A 1 39  ? 3.731   -5.394  7.650   1.000 17.501 0 23  GLU A CG  1 ? 
ATOM   208  C CD  . GLU A 1 39  ? 4.355   -4.569  8.753   1.000 26.316 0 23  GLU A CD  1 ? 
ATOM   209  O OE1 . GLU A 1 39  ? 5.588   -4.777  8.900   1.000 33.773 0 23  GLU A OE1 1 ? 
ATOM   210  O OE2 . GLU A 1 39  ? 3.723   -3.750  9.462   1.000 29.799 0 23  GLU A OE2 1 ? 
ATOM   211  N N   . VAL A 1 40  ? -0.560  -6.794  6.641   1.000 12.321 0 24  VAL A N   1 ? 
ATOM   212  C CA  . VAL A 1 40  ? -2.002  -6.835  6.754   1.000 12.151 0 24  VAL A CA  1 ? 
ATOM   213  C C   . VAL A 1 40  ? -2.382  -7.047  8.206   1.000 11.816 0 24  VAL A C   1 ? 
ATOM   214  O O   . VAL A 1 40  ? -1.856  -7.985  8.800   1.000 13.350 0 24  VAL A O   1 ? 
ATOM   215  C CB  . VAL A 1 40  ? -2.624  -7.934  5.882   1.000 12.339 0 24  VAL A CB  1 ? 
ATOM   216  C CG1 . VAL A 1 40  ? -4.161  -7.859  5.924   1.000 13.353 0 24  VAL A CG1 1 ? 
ATOM   217  C CG2 . VAL A 1 40  ? -2.185  -7.817  4.450   1.000 15.063 0 24  VAL A CG2 1 ? 
ATOM   218  N N   . TYR A 1 41  ? -3.273  -6.183  8.705   1.000 12.155 0 25  TYR A N   1 ? 
ATOM   219  C CA  . TYR A 1 41  ? -3.727  -6.240  10.105  1.000 13.523 0 25  TYR A CA  1 ? 
ATOM   220  C C   . TYR A 1 41  ? -5.250  -6.375  10.193  1.000 13.942 0 25  TYR A C   1 ? 
ATOM   221  O O   . TYR A 1 41  ? -6.016  -5.679  9.501   1.000 15.716 0 25  TYR A O   1 ? 
ATOM   222  C CB  . TYR A 1 41  ? -3.350  -4.980  10.897  1.000 14.820 0 25  TYR A CB  1 ? 
ATOM   223  C CG  . TYR A 1 41  ? -1.853  -4.802  11.108  1.000 16.443 0 25  TYR A CG  1 ? 
ATOM   224  C CD1 . TYR A 1 41  ? -1.060  -4.191  10.135  1.000 19.483 0 25  TYR A CD1 1 ? 
ATOM   225  C CD2 . TYR A 1 41  ? -1.223  -5.313  12.236  1.000 18.394 0 25  TYR A CD2 1 ? 
ATOM   226  C CE1 . TYR A 1 41  ? 0.306   -4.081  10.285  1.000 19.929 0 25  TYR A CE1 1 ? 
ATOM   227  C CE2 . TYR A 1 41  ? 0.140   -5.195  12.394  1.000 20.086 0 25  TYR A CE2 1 ? 
ATOM   228  C CZ  . TYR A 1 41  ? 0.900   -4.553  11.440  1.000 20.525 0 25  TYR A CZ  1 ? 
ATOM   229  O OH  . TYR A 1 41  ? 2.266   -4.532  11.671  1.000 25.569 0 25  TYR A OH  1 ? 
ATOM   230  N N   . LEU A 1 42  ? -5.676  -7.258  11.132  1.000 15.614 0 26  LEU A N   1 ? 
ATOM   231  C CA  . LEU A 1 42  ? -7.069  -7.323  11.557  1.000 16.807 0 26  LEU A CA  1 ? 
ATOM   232  C C   . LEU A 1 42  ? -7.061  -7.008  13.052  1.000 17.308 0 26  LEU A C   1 ? 
ATOM   233  O O   . LEU A 1 42  ? -6.374  -7.703  13.789  1.000 17.956 0 26  LEU A O   1 ? 
ATOM   234  C CB  . LEU A 1 42  ? -7.629  -8.707  11.268  1.000 20.934 0 26  LEU A CB  1 ? 
ATOM   235  C CG  . LEU A 1 42  ? -9.009  -8.964  11.881  1.000 23.889 0 26  LEU A CG  1 ? 
ATOM   236  C CD1 . LEU A 1 42  ? -9.979  -8.058  11.150  1.000 22.987 0 26  LEU A CD1 1 ? 
ATOM   237  C CD2 . LEU A 1 42  ? -9.352  -10.443 11.841  1.000 25.083 0 26  LEU A CD2 1 ? 
ATOM   238  N N   . GLY A 1 43  ? -7.666  -5.884  13.399  1.000 20.323 0 27  GLY A N   1 ? 
ATOM   239  C CA  . GLY A 1 43  ? -7.510  -5.292  14.714  1.000 21.435 0 27  GLY A CA  1 ? 
ATOM   240  C C   . GLY A 1 43  ? -6.040  -4.916  14.873  1.000 21.606 0 27  GLY A C   1 ? 
ATOM   241  O O   . GLY A 1 43  ? -5.453  -4.312  13.972  1.000 23.567 0 27  GLY A O   1 ? 
ATOM   242  N N   . ASP A 1 44  ? -5.465  -5.398  15.964  1.000 24.810 0 28  ASP A N   1 ? 
ATOM   243  C CA  . ASP A 1 44  ? -4.072  -5.100  16.253  1.000 27.347 0 28  ASP A CA  1 ? 
ATOM   244  C C   . ASP A 1 44  ? -3.174  -6.251  15.826  1.000 24.289 0 28  ASP A C   1 ? 
ATOM   245  O O   . ASP A 1 44  ? -1.974  -6.206  16.050  1.000 26.974 0 28  ASP A O   1 ? 
ATOM   246  C CB  . ASP A 1 44  ? -3.908  -4.731  17.721  1.000 31.502 0 28  ASP A CB  1 ? 
ATOM   247  C CG  . ASP A 1 44  ? -4.652  -3.470  18.128  1.000 33.398 0 28  ASP A CG  1 ? 
ATOM   248  O OD1 . ASP A 1 44  ? -4.424  -2.405  17.473  1.000 38.434 0 28  ASP A OD1 1 ? 
ATOM   249  O OD2 . ASP A 1 44  ? -5.484  -3.568  19.060  1.000 39.824 0 28  ASP A OD2 1 ? 
ATOM   250  N N   . GLU A 1 45  ? -3.737  -7.272  15.191  1.000 19.070 0 29  GLU A N   1 ? 
ATOM   251  C CA  . GLU A 1 45  ? -3.012  -8.491  14.869  1.000 20.449 0 29  GLU A CA  1 ? 
ATOM   252  C C   . GLU A 1 45  ? -2.501  -8.453  13.417  1.000 16.804 0 29  GLU A C   1 ? 
ATOM   253  O O   . GLU A 1 45  ? -3.297  -8.416  12.483  1.000 15.893 0 29  GLU A O   1 ? 
ATOM   254  C CB  . GLU A 1 45  ? -3.892  -9.738  15.033  1.000 24.244 0 29  GLU A CB  1 ? 
ATOM   255  C CG  . GLU A 1 45  ? -3.260  -11.080 14.642  1.000 31.949 0 29  GLU A CG  1 ? 
ATOM   256  C CD  . GLU A 1 45  ? -4.101  -12.380 14.622  1.000 40.358 0 29  GLU A CD  1 ? 
ATOM   257  O OE1 . GLU A 1 45  ? -3.519  -13.468 14.377  1.000 41.189 0 29  GLU A OE1 1 ? 
ATOM   258  O OE2 . GLU A 1 45  ? -5.346  -12.360 14.807  1.000 43.282 0 29  GLU A OE2 1 ? 
ATOM   259  N N   . LEU A 1 46  ? -1.185  -8.632  13.262  1.000 16.605 0 30  LEU A N   1 ? 
ATOM   260  C CA  . LEU A 1 46  ? -0.585  -8.923  11.971  1.000 15.736 0 30  LEU A CA  1 ? 
ATOM   261  C C   . LEU A 1 46  ? -1.060  -10.286 11.484  1.000 16.983 0 30  LEU A C   1 ? 
ATOM   262  O O   . LEU A 1 46  ? -0.906  -11.287 12.171  1.000 20.098 0 30  LEU A O   1 ? 
ATOM   263  C CB  . LEU A 1 46  ? 0.926   -8.968  12.118  1.000 16.527 0 30  LEU A CB  1 ? 
ATOM   264  C CG  . LEU A 1 46  ? 1.705   -9.208  10.824  1.000 16.674 0 30  LEU A CG  1 ? 
ATOM   265  C CD1 . LEU A 1 46  ? 1.591   -7.998  9.938   1.000 15.495 0 30  LEU A CD1 1 ? 
ATOM   266  C CD2 . LEU A 1 46  ? 3.175   -9.464  11.120  1.000 16.900 0 30  LEU A CD2 1 ? 
ATOM   267  N N   . VAL A 1 47  ? -1.641  -10.346 10.280  1.000 14.365 0 31  VAL A N   1 ? 
ATOM   268  C CA  . VAL A 1 47  ? -2.074  -11.614 9.731   1.000 14.098 0 31  VAL A CA  1 ? 
ATOM   269  C C   . VAL A 1 47  ? -1.329  -12.017 8.463   1.000 14.407 0 31  VAL A C   1 ? 
ATOM   270  O O   . VAL A 1 47  ? -1.398  -13.174 8.076   1.000 15.100 0 31  VAL A O   1 ? 
ATOM   271  C CB  . VAL A 1 47  ? -3.599  -11.664 9.503   1.000 15.471 0 31  VAL A CB  1 ? 
ATOM   272  C CG1 . VAL A 1 47  ? -4.314  -11.495 10.845  1.000 16.229 0 31  VAL A CG1 1 ? 
ATOM   273  C CG2 . VAL A 1 47  ? -4.118  -10.612 8.540   1.000 15.690 0 31  VAL A CG2 1 ? 
ATOM   274  N N   . VAL A 1 48  ? -0.683  -11.069 7.776   1.000 13.176 0 32  VAL A N   1 ? 
ATOM   275  C CA  . VAL A 1 48  ? 0.118   -11.395 6.601   1.000 14.611 0 32  VAL A CA  1 ? 
ATOM   276  C C   . VAL A 1 48  ? 1.295   -10.424 6.588   1.000 13.237 0 32  VAL A C   1 ? 
ATOM   277  O O   . VAL A 1 48  ? 1.086   -9.229  6.735   1.000 14.249 0 32  VAL A O   1 ? 
ATOM   278  C CB  . VAL A 1 48  ? -0.624  -11.228 5.267   1.000 14.593 0 32  VAL A CB  1 ? 
ATOM   279  C CG1 . VAL A 1 48  ? 0.311   -11.410 4.044   1.000 16.502 0 32  VAL A CG1 1 ? 
ATOM   280  C CG2 . VAL A 1 48  ? -1.795  -12.183 5.175   1.000 16.347 0 32  VAL A CG2 1 ? 
ATOM   281  N N   . LYS A 1 49  ? 2.495   -10.932 6.249   1.000 13.755 0 33  LYS A N   1 ? 
ATOM   282  C CA  . LYS A 1 49  ? 3.619   -10.049 5.977   1.000 13.801 0 33  LYS A CA  1 ? 
ATOM   283  C C   . LYS A 1 49  ? 4.406   -10.544 4.761   1.000 14.032 0 33  LYS A C   1 ? 
ATOM   284  O O   . LYS A 1 49  ? 4.817   -11.693 4.712   1.000 15.785 0 33  LYS A O   1 ? 
ATOM   285  C CB  . LYS A 1 49  ? 4.569   -9.938  7.167   1.000 15.037 0 33  LYS A CB  1 ? 
ATOM   286  C CG  . LYS A 1 49  ? 5.738   -8.966  6.954   1.000 17.794 0 33  LYS A CG  1 ? 
ATOM   287  C CD  . LYS A 1 49  ? 6.489   -8.654  8.230   1.000 23.208 0 33  LYS A CD  1 ? 
ATOM   288  C CE  . LYS A 1 49  ? 7.469   -7.573  8.012   1.000 26.556 0 33  LYS A CE  1 ? 
ATOM   289  N NZ  . LYS A 1 49  ? 8.089   -7.063  9.239   1.000 32.681 0 33  LYS A NZ  1 ? 
ATOM   290  N N   . LEU A 1 50  ? 4.572   -9.658  3.792   1.000 14.171 0 34  LEU A N   1 ? 
ATOM   291  C CA  . LEU A 1 50  ? 5.401   -9.904  2.602   1.000 15.264 0 34  LEU A CA  1 ? 
ATOM   292  C C   . LEU A 1 50  ? 6.600   -8.974  2.698   1.000 16.160 0 34  LEU A C   1 ? 
ATOM   293  O O   . LEU A 1 50  ? 6.378   -7.796  2.944   1.000 16.971 0 34  LEU A O   1 ? 
ATOM   294  C CB  . LEU A 1 50  ? 4.680   -9.706  1.295   1.000 19.663 0 34  LEU A CB  1 ? 
ATOM   295  C CG  . LEU A 1 50  ? 4.017   -10.961 0.729   1.000 25.675 0 34  LEU A CG  1 ? 
ATOM   296  C CD1 . LEU A 1 50  ? 2.903   -11.514 1.592   1.000 23.116 0 34  LEU A CD1 1 ? 
ATOM   297  C CD2 . LEU A 1 50  ? 3.503   -10.600 -0.639  1.000 25.790 0 34  LEU A CD2 1 ? 
ATOM   298  N N   . VAL A 1 51  ? 7.818   -9.499  2.480   1.000 16.799 0 35  VAL A N   1 ? 
ATOM   299  C CA  . VAL A 1 51  ? 9.014   -8.655  2.446   1.000 16.305 0 35  VAL A CA  1 ? 
ATOM   300  C C   . VAL A 1 51  ? 9.718   -8.917  1.116   1.000 15.834 0 35  VAL A C   1 ? 
ATOM   301  O O   . VAL A 1 51  ? 10.060  -10.064 0.825   1.000 17.834 0 35  VAL A O   1 ? 
ATOM   302  C CB  . VAL A 1 51  ? 9.944   -8.880  3.650   1.000 19.085 0 35  VAL A CB  1 ? 
ATOM   303  C CG1 . VAL A 1 51  ? 11.236  -8.054  3.498   1.000 18.571 0 35  VAL A CG1 1 ? 
ATOM   304  C CG2 . VAL A 1 51  ? 9.251   -8.588  4.976   1.000 19.238 0 35  VAL A CG2 1 ? 
ATOM   305  N N   . ASN A 1 52  ? 9.868   -7.856  0.297   1.000 15.446 0 36  ASN A N   1 ? 
ATOM   306  C CA  . ASN A 1 52  ? 10.379  -8.008  -1.064  1.000 19.827 0 36  ASN A CA  1 ? 
ATOM   307  C C   . ASN A 1 52  ? 9.623   -9.083  -1.840  1.000 18.938 0 36  ASN A C   1 ? 
ATOM   308  O O   . ASN A 1 52  ? 10.255  -9.889  -2.526  1.000 20.758 0 36  ASN A O   1 ? 
ATOM   309  C CB  . ASN A 1 52  ? 11.881  -8.299  -1.026  1.000 21.783 0 36  ASN A CB  1 ? 
ATOM   310  C CG  . ASN A 1 52  ? 12.599  -7.147  -0.387  1.000 23.176 0 36  ASN A CG  1 ? 
ATOM   311  O OD1 . ASN A 1 52  ? 12.196  -5.998  -0.622  1.000 25.953 0 36  ASN A OD1 1 ? 
ATOM   312  N ND2 . ASN A 1 52  ? 13.548  -7.438  0.491   1.000 28.963 0 36  ASN A ND2 1 ? 
ATOM   313  N N   . PHE A 1 53  ? 8.294   -9.154  -1.643  1.000 18.022 0 37  PHE A N   1 ? 
ATOM   314  C CA  . PHE A 1 53  ? 7.406   -10.052 -2.355  1.000 17.838 0 37  PHE A CA  1 ? 
ATOM   315  C C   . PHE A 1 53  ? 7.545   -11.524 -1.913  1.000 18.016 0 37  PHE A C   1 ? 
ATOM   316  O O   . PHE A 1 53  ? 6.926   -12.378 -2.547  1.000 19.767 0 37  PHE A O   1 ? 
ATOM   317  C CB  . PHE A 1 53  ? 7.555   -9.872  -3.877  1.000 21.390 0 37  PHE A CB  1 ? 
ATOM   318  C CG  . PHE A 1 53  ? 7.476   -8.404  -4.236  1.000 22.587 0 37  PHE A CG  1 ? 
ATOM   319  C CD1 . PHE A 1 53  ? 6.287   -7.706  -4.065  1.000 24.396 0 37  PHE A CD1 1 ? 
ATOM   320  C CD2 . PHE A 1 53  ? 8.614   -7.693  -4.618  1.000 26.696 0 37  PHE A CD2 1 ? 
ATOM   321  C CE1 . PHE A 1 53  ? 6.214   -6.345  -4.364  1.000 26.938 0 37  PHE A CE1 1 ? 
ATOM   322  C CE2 . PHE A 1 53  ? 8.537   -6.337  -4.880  1.000 24.322 0 37  PHE A CE2 1 ? 
ATOM   323  C CZ  . PHE A 1 53  ? 7.344   -5.667  -4.751  1.000 25.799 0 37  PHE A CZ  1 ? 
ATOM   324  N N   . VAL A 1 54  ? 8.286   -11.801 -0.838  1.000 17.080 0 38  VAL A N   1 ? 
ATOM   325  C CA  . VAL A 1 54  ? 8.414   -13.121 -0.251  1.000 16.405 0 38  VAL A CA  1 ? 
ATOM   326  C C   . VAL A 1 54  ? 7.438   -13.175 0.920   1.000 18.654 0 38  VAL A C   1 ? 
ATOM   327  O O   . VAL A 1 54  ? 7.492   -12.300 1.781   1.000 17.757 0 38  VAL A O   1 ? 
ATOM   328  C CB  . VAL A 1 54  ? 9.850   -13.408 0.215   1.000 19.639 0 38  VAL A CB  1 ? 
ATOM   329  C CG1 . VAL A 1 54  ? 9.942   -14.794 0.827   1.000 20.446 0 38  VAL A CG1 1 ? 
ATOM   330  C CG2 . VAL A 1 54  ? 10.785  -13.272 -0.961  1.000 22.152 0 38  VAL A CG2 1 ? 
ATOM   331  N N   . THR A 1 55  ? 6.604   -14.236 0.963   1.000 15.972 0 39  THR A N   1 ? 
ATOM   332  C CA  . THR A 1 55  ? 5.682   -14.376 2.071   1.000 19.669 0 39  THR A CA  1 ? 
ATOM   333  C C   . THR A 1 55  ? 6.439   -14.820 3.308   1.000 20.455 0 39  THR A C   1 ? 
ATOM   334  O O   . THR A 1 55  ? 6.975   -15.936 3.331   1.000 23.402 0 39  THR A O   1 ? 
ATOM   335  C CB  . THR A 1 55  ? 4.595   -15.367 1.674   1.000 20.157 0 39  THR A CB  1 ? 
ATOM   336  O OG1 . THR A 1 55  ? 3.887   -14.816 0.570   1.000 23.001 0 39  THR A OG1 1 ? 
ATOM   337  C CG2 . THR A 1 55  ? 3.714   -15.626 2.892   1.000 21.590 0 39  THR A CG2 1 ? 
ATOM   338  N N   . GLU A 1 56  ? 6.592   -13.946 4.316   1.000 18.016 0 40  GLU A N   1 ? 
ATOM   339  C CA  . GLU A 1 56  ? 7.367   -14.232 5.508   1.000 21.089 0 40  GLU A CA  1 ? 
ATOM   340  C C   . GLU A 1 56  ? 6.483   -14.695 6.661   1.000 19.132 0 40  GLU A C   1 ? 
ATOM   341  O O   . GLU A 1 56  ? 6.962   -15.342 7.585   1.000 23.064 0 40  GLU A O   1 ? 
ATOM   342  C CB  . GLU A 1 56  ? 8.173   -12.998 5.886   1.000 23.739 0 40  GLU A CB  1 ? 
ATOM   343  C CG  . GLU A 1 56  ? 9.098   -12.537 4.751   1.000 29.875 0 40  GLU A CG  1 ? 
ATOM   344  C CD  . GLU A 1 56  ? 10.605  -12.721 4.849   1.000 40.781 0 40  GLU A CD  1 ? 
ATOM   345  O OE1 . GLU A 1 56  ? 11.209  -11.908 5.584   1.000 51.145 0 40  GLU A OE1 1 ? 
ATOM   346  O OE2 . GLU A 1 56  ? 11.176  -13.603 4.149   1.000 43.739 0 40  GLU A OE2 1 ? 
ATOM   347  N N   . TYR A 1 57  ? 5.195   -14.348 6.634   1.000 16.947 0 41  TYR A N   1 ? 
ATOM   348  C CA  . TYR A 1 57  ? 4.289   -14.729 7.714   1.000 16.480 0 41  TYR A CA  1 ? 
ATOM   349  C C   . TYR A 1 57  ? 2.882   -14.784 7.140   1.000 16.543 0 41  TYR A C   1 ? 
ATOM   350  O O   . TYR A 1 57  ? 2.436   -13.833 6.491   1.000 16.512 0 41  TYR A O   1 ? 
ATOM   351  C CB  . TYR A 1 57  ? 4.345   -13.753 8.877   1.000 17.210 0 41  TYR A CB  1 ? 
ATOM   352  C CG  . TYR A 1 57  ? 3.385   -14.133 9.989   1.000 16.507 0 41  TYR A CG  1 ? 
ATOM   353  C CD1 . TYR A 1 57  ? 3.527   -15.344 10.647  1.000 17.823 0 41  TYR A CD1 1 ? 
ATOM   354  C CD2 . TYR A 1 57  ? 2.306   -13.327 10.353  1.000 17.285 0 41  TYR A CD2 1 ? 
ATOM   355  C CE1 . TYR A 1 57  ? 2.633   -15.711 11.639  1.000 19.617 0 41  TYR A CE1 1 ? 
ATOM   356  C CE2 . TYR A 1 57  ? 1.403   -13.682 11.336  1.000 18.882 0 41  TYR A CE2 1 ? 
ATOM   357  C CZ  . TYR A 1 57  ? 1.564   -14.901 11.961  1.000 16.969 0 41  TYR A CZ  1 ? 
ATOM   358  O OH  . TYR A 1 57  ? 0.657   -15.219 12.946  1.000 19.750 0 41  TYR A OH  1 ? 
ATOM   359  N N   . VAL A 1 58  ? 2.168   -15.859 7.483   1.000 18.003 0 42  VAL A N   1 ? 
ATOM   360  C CA  . VAL A 1 58  ? 0.734   -15.956 7.278   1.000 17.719 0 42  VAL A CA  1 ? 
ATOM   361  C C   . VAL A 1 58  ? 0.093   -16.557 8.527   1.000 18.485 0 42  VAL A C   1 ? 
ATOM   362  O O   . VAL A 1 58  ? 0.469   -17.637 8.975   1.000 20.613 0 42  VAL A O   1 ? 
ATOM   363  C CB  . VAL A 1 58  ? 0.421   -16.782 6.033   1.000 21.044 0 42  VAL A CB  1 ? 
ATOM   364  C CG1 . VAL A 1 58  ? -1.072  -16.802 5.762   1.000 21.804 0 42  VAL A CG1 1 ? 
ATOM   365  C CG2 . VAL A 1 58  ? 1.149   -16.253 4.806   1.000 23.517 0 42  VAL A CG2 1 ? 
ATOM   366  N N   . ALA A 1 59  ? -0.826  -15.824 9.137   1.000 16.048 0 43  ALA A N   1 ? 
ATOM   367  C CA  . ALA A 1 59  ? -1.525  -16.258 10.344  1.000 15.254 0 43  ALA A CA  1 ? 
ATOM   368  C C   . ALA A 1 59  ? -2.645  -17.219 9.999   1.000 15.249 0 43  ALA A C   1 ? 
ATOM   369  O O   . ALA A 1 59  ? -3.237  -17.215 8.920   1.000 15.977 0 43  ALA A O   1 ? 
ATOM   370  C CB  . ALA A 1 59  ? -2.142  -15.100 11.046  1.000 16.427 0 43  ALA A CB  1 ? 
ATOM   371  N N   . PRO A 1 60  ? -2.995  -18.117 10.947  1.000 17.581 0 44  PRO A N   1 ? 
ATOM   372  C CA  . PRO A 1 60  ? -4.190  -18.927 10.771  1.000 19.352 0 44  PRO A CA  1 ? 
ATOM   373  C C   . PRO A 1 60  ? -5.460  -18.116 10.481  1.000 17.271 0 44  PRO A C   1 ? 
ATOM   374  O O   . PRO A 1 60  ? -6.318  -18.601 9.735   1.000 21.006 0 44  PRO A O   1 ? 
ATOM   375  C CB  . PRO A 1 60  ? -4.268  -19.719 12.084  1.000 19.044 0 44  PRO A CB  1 ? 
ATOM   376  C CG  . PRO A 1 60  ? -2.816  -19.798 12.497  1.000 19.660 0 44  PRO A CG  1 ? 
ATOM   377  C CD  . PRO A 1 60  ? -2.254  -18.431 12.177  1.000 20.735 0 44  PRO A CD  1 ? 
ATOM   378  N N   . ALA A 1 61  ? -5.603  -16.943 11.078  1.000 18.981 0 45  ALA A N   1 ? 
ATOM   379  C CA  . ALA A 1 61  ? -6.724  -16.042 10.831  1.000 19.121 0 45  ALA A CA  1 ? 
ATOM   380  C C   . ALA A 1 61  ? -6.899  -15.753 9.346   1.000 20.208 0 45  ALA A C   1 ? 
ATOM   381  O O   . ALA A 1 61  ? -8.036  -15.590 8.891   1.000 24.344 0 45  ALA A O   1 ? 
ATOM   382  C CB  . ALA A 1 61  ? -6.562  -14.780 11.594  1.000 18.201 0 45  ALA A CB  1 ? 
ATOM   383  N N   . TRP A 1 62  ? -5.794  -15.686 8.592   1.000 16.461 0 46  TRP A N   1 ? 
ATOM   384  C CA  . TRP A 1 62  ? -5.893  -15.441 7.162   1.000 15.393 0 46  TRP A CA  1 ? 
ATOM   385  C C   . TRP A 1 62  ? -6.285  -16.684 6.381   1.000 15.718 0 46  TRP A C   1 ? 
ATOM   386  O O   . TRP A 1 62  ? -7.194  -16.634 5.541   1.000 15.858 0 46  TRP A O   1 ? 
ATOM   387  C CB  . TRP A 1 62  ? -4.569  -14.853 6.665   1.000 15.706 0 46  TRP A CB  1 ? 
ATOM   388  C CG  . TRP A 1 62  ? -4.517  -14.720 5.185   1.000 16.253 0 46  TRP A CG  1 ? 
ATOM   389  C CD1 . TRP A 1 62  ? -4.062  -15.631 4.299   1.000 16.862 0 46  TRP A CD1 1 ? 
ATOM   390  C CD2 . TRP A 1 62  ? -4.989  -13.597 4.423   1.000 15.549 0 46  TRP A CD2 1 ? 
ATOM   391  N NE1 . TRP A 1 62  ? -4.229  -15.161 3.019   1.000 18.234 0 46  TRP A NE1 1 ? 
ATOM   392  C CE2 . TRP A 1 62  ? -4.778  -13.921 3.072   1.000 15.699 0 46  TRP A CE2 1 ? 
ATOM   393  C CE3 . TRP A 1 62  ? -5.525  -12.363 4.772   1.000 15.938 0 46  TRP A CE3 1 ? 
ATOM   394  C CZ2 . TRP A 1 62  ? -5.098  -13.027 2.061   1.000 15.370 0 46  TRP A CZ2 1 ? 
ATOM   395  C CZ3 . TRP A 1 62  ? -5.804  -11.451 3.771   1.000 17.193 0 46  TRP A CZ3 1 ? 
ATOM   396  C CH2 . TRP A 1 62  ? -5.660  -11.835 2.440   1.000 14.798 0 46  TRP A CH2 1 ? 
ATOM   397  N N   . THR A 1 63  ? -5.604  -17.824 6.631   1.000 16.137 0 47  THR A N   1 ? 
ATOM   398  C CA  A THR A 1 63  ? -5.842  -19.020 5.844   0.500 17.687 0 47  THR A CA  1 ? 
ATOM   399  C CA  B THR A 1 63  ? -5.811  -19.066 5.922   0.500 16.515 0 47  THR A CA  1 ? 
ATOM   400  C C   . THR A 1 63  ? -7.245  -19.561 6.095   1.000 15.317 0 47  THR A C   1 ? 
ATOM   401  O O   . THR A 1 63  ? -7.840  -20.077 5.163   1.000 20.441 0 47  THR A O   1 ? 
ATOM   402  C CB  A THR A 1 63  ? -4.767  -20.097 6.012   0.500 19.987 0 47  THR A CB  1 ? 
ATOM   403  C CB  B THR A 1 63  ? -4.815  -20.113 6.423   0.500 17.587 0 47  THR A CB  1 ? 
ATOM   404  O OG1 A THR A 1 63  ? -4.688  -20.428 7.399   0.500 24.388 0 47  THR A OG1 1 ? 
ATOM   405  O OG1 B THR A 1 63  ? -3.487  -19.588 6.287   0.500 16.779 0 47  THR A OG1 1 ? 
ATOM   406  C CG2 A THR A 1 63  ? -3.437  -19.588 5.478   0.500 18.652 0 47  THR A CG2 1 ? 
ATOM   407  C CG2 B THR A 1 63  ? -4.964  -21.413 5.661   0.500 16.534 0 47  THR A CG2 1 ? 
ATOM   408  N N   . ARG A 1 64  ? -7.794  -19.402 7.297   1.000 16.745 0 48  ARG A N   1 ? 
ATOM   409  C CA  . ARG A 1 64  ? -9.146  -19.891 7.546   1.000 17.316 0 48  ARG A CA  1 ? 
ATOM   410  C C   . ARG A 1 64  ? -10.187 -18.970 6.903   1.000 18.943 0 48  ARG A C   1 ? 
ATOM   411  O O   . ARG A 1 64  ? -11.319 -19.387 6.657   1.000 23.054 0 48  ARG A O   1 ? 
ATOM   412  C CB  . ARG A 1 64  ? -9.486  -19.986 9.039   1.000 19.444 0 48  ARG A CB  1 ? 
ATOM   413  C CG  . ARG A 1 64  ? -9.814  -18.719 9.811   1.000 23.710 0 48  ARG A CG  1 ? 
ATOM   414  C CD  . ARG A 1 64  ? -10.021 -19.028 11.317  1.000 29.952 0 48  ARG A CD  1 ? 
ATOM   415  N NE  . ARG A 1 64  ? -10.214 -17.783 12.062  1.000 32.631 0 48  ARG A NE  1 ? 
ATOM   416  C CZ  . ARG A 1 64  ? -9.440  -17.369 13.048  1.000 31.261 0 48  ARG A CZ  1 ? 
ATOM   417  N NH1 . ARG A 1 64  ? -9.621  -16.173 13.569  1.000 34.120 0 48  ARG A NH1 1 ? 
ATOM   418  N NH2 . ARG A 1 64  ? -8.462  -18.140 13.503  1.000 32.731 0 48  ARG A NH2 1 ? 
ATOM   419  N N   . ALA A 1 65  ? -9.825  -17.716 6.637   1.000 17.235 0 49  ALA A N   1 ? 
ATOM   420  C CA  . ALA A 1 65  ? -10.817 -16.709 6.230   1.000 17.056 0 49  ALA A CA  1 ? 
ATOM   421  C C   . ALA A 1 65  ? -10.941 -16.577 4.708   1.000 18.074 0 49  ALA A C   1 ? 
ATOM   422  O O   . ALA A 1 65  ? -12.009 -16.217 4.171   1.000 18.512 0 49  ALA A O   1 ? 
ATOM   423  C CB  . ALA A 1 65  ? -10.500 -15.366 6.829   1.000 17.322 0 49  ALA A CB  1 ? 
ATOM   424  N N   . VAL A 1 66  ? -9.799  -16.688 4.026   1.000 17.524 0 50  VAL A N   1 ? 
ATOM   425  C CA  . VAL A 1 66  ? -9.692  -16.364 2.615   1.000 20.263 0 50  VAL A CA  1 ? 
ATOM   426  C C   . VAL A 1 66  ? -9.524  -17.647 1.806   1.000 20.780 0 50  VAL A C   1 ? 
ATOM   427  O O   . VAL A 1 66  ? -8.528  -18.312 1.882   1.000 25.411 0 50  VAL A O   1 ? 
ATOM   428  C CB  . VAL A 1 66  ? -8.571  -15.327 2.411   1.000 19.389 0 50  VAL A CB  1 ? 
ATOM   429  C CG1 . VAL A 1 66  ? -8.522  -14.847 0.963   1.000 19.980 0 50  VAL A CG1 1 ? 
ATOM   430  C CG2 . VAL A 1 66  ? -8.721  -14.124 3.354   1.000 20.526 0 50  VAL A CG2 1 ? 
ATOM   431  N N   . PRO A 1 67  ? -10.480 -18.002 0.919   1.000 26.194 0 51  PRO A N   1 ? 
ATOM   432  C CA  . PRO A 1 67  ? -10.268 -19.170 0.061   1.000 30.416 0 51  PRO A CA  1 ? 
ATOM   433  C C   . PRO A 1 67  ? -8.994  -19.118 -0.796  1.000 32.126 0 51  PRO A C   1 ? 
ATOM   434  O O   . PRO A 1 67  ? -8.628  -18.052 -1.274  1.000 27.011 0 51  PRO A O   1 ? 
ATOM   435  C CB  . PRO A 1 67  ? -11.508 -19.189 -0.801  1.000 28.522 0 51  PRO A CB  1 ? 
ATOM   436  C CG  . PRO A 1 67  ? -12.419 -18.094 -0.352  1.000 31.027 0 51  PRO A CG  1 ? 
ATOM   437  C CD  . PRO A 1 67  ? -11.700 -17.249 0.670   1.000 27.949 0 51  PRO A CD  1 ? 
ATOM   438  N N   . PRO A 1 68  ? -8.268  -20.238 -1.037  1.000 30.444 0 52  PRO A N   1 ? 
ATOM   439  C CA  . PRO A 1 68  ? -7.019  -20.225 -1.794  1.000 33.648 0 52  PRO A CA  1 ? 
ATOM   440  C C   . PRO A 1 68  ? -7.103  -19.507 -3.142  1.000 29.178 0 52  PRO A C   1 ? 
ATOM   441  O O   . PRO A 1 68  ? -6.203  -18.786 -3.527  1.000 27.194 0 52  PRO A O   1 ? 
ATOM   442  C CB  . PRO A 1 68  ? -6.690  -21.709 -2.007  1.000 37.158 0 52  PRO A CB  1 ? 
ATOM   443  C CG  . PRO A 1 68  ? -7.383  -22.352 -0.833  1.000 35.461 0 52  PRO A CG  1 ? 
ATOM   444  C CD  . PRO A 1 68  ? -8.651  -21.610 -0.645  1.000 35.339 0 52  PRO A CD  1 ? 
ATOM   445  N N   . GLU A 1 69  ? -8.190  -19.725 -3.887  1.000 26.454 0 53  GLU A N   1 ? 
ATOM   446  C CA  . GLU A 1 69  ? -8.355  -19.082 -5.185  1.000 27.100 0 53  GLU A CA  1 ? 
ATOM   447  C C   . GLU A 1 69  ? -8.365  -17.562 -5.014  1.000 22.601 0 53  GLU A C   1 ? 
ATOM   448  O O   . GLU A 1 69  ? -7.881  -16.823 -5.893  1.000 23.750 0 53  GLU A O   1 ? 
ATOM   449  C CB  . GLU A 1 69  ? -9.603  -19.584 -5.914  1.000 31.221 0 53  GLU A CB  1 ? 
ATOM   450  C CG  . GLU A 1 69  ? -10.893 -19.578 -5.099  1.000 36.109 0 53  GLU A CG  1 ? 
ATOM   451  C CD  . GLU A 1 69  ? -11.108 -20.678 -4.053  1.000 40.315 0 53  GLU A CD  1 ? 
ATOM   452  O OE1 . GLU A 1 69  ? -12.245 -20.713 -3.545  1.000 45.514 0 53  GLU A OE1 1 ? 
ATOM   453  O OE2 . GLU A 1 69  ? -10.186 -21.472 -3.725  1.000 35.194 0 53  GLU A OE2 1 ? 
ATOM   454  N N   . VAL A 1 70  ? -8.949  -17.068 -3.913  1.000 19.212 0 54  VAL A N   1 ? 
ATOM   455  C CA  . VAL A 1 70  ? -9.057  -15.644 -3.681  1.000 18.283 0 54  VAL A CA  1 ? 
ATOM   456  C C   . VAL A 1 70  ? -7.725  -15.116 -3.168  1.000 17.088 0 54  VAL A C   1 ? 
ATOM   457  O O   . VAL A 1 70  ? -7.222  -14.100 -3.662  1.000 17.690 0 54  VAL A O   1 ? 
ATOM   458  C CB  . VAL A 1 70  ? -10.183 -15.317 -2.708  1.000 19.830 0 54  VAL A CB  1 ? 
ATOM   459  C CG1 . VAL A 1 70  ? -10.174 -13.850 -2.361  1.000 21.539 0 54  VAL A CG1 1 ? 
ATOM   460  C CG2 . VAL A 1 70  ? -11.516 -15.737 -3.306  1.000 20.095 0 54  VAL A CG2 1 ? 
ATOM   461  N N   . ALA A 1 71  ? -7.115  -15.877 -2.268  1.000 17.286 0 55  ALA A N   1 ? 
ATOM   462  C CA  . ALA A 1 71  ? -5.824  -15.447 -1.724  1.000 17.651 0 55  ALA A CA  1 ? 
ATOM   463  C C   . ALA A 1 71  ? -4.778  -15.327 -2.826  1.000 18.869 0 55  ALA A C   1 ? 
ATOM   464  O O   . ALA A 1 71  ? -3.942  -14.396 -2.836  1.000 19.123 0 55  ALA A O   1 ? 
ATOM   465  C CB  . ALA A 1 71  ? -5.379  -16.449 -0.671  1.000 18.946 0 55  ALA A CB  1 ? 
ATOM   466  N N   . GLU A 1 72  ? -4.829  -16.241 -3.809  1.000 20.902 0 56  GLU A N   1 ? 
ATOM   467  C CA  . GLU A 1 72  ? -3.874  -16.241 -4.898  1.000 21.414 0 56  GLU A CA  1 ? 
ATOM   468  C C   . GLU A 1 72  ? -4.073  -15.035 -5.820  1.000 19.231 0 56  GLU A C   1 ? 
ATOM   469  O O   . GLU A 1 72  ? -3.092  -14.454 -6.289  1.000 21.022 0 56  GLU A O   1 ? 
ATOM   470  C CB  . GLU A 1 72  ? -3.956  -17.509 -5.745  1.000 30.511 0 56  GLU A CB  1 ? 
ATOM   471  C CG  . GLU A 1 72  ? -2.889  -18.519 -5.347  1.000 37.530 0 56  GLU A CG  1 ? 
ATOM   472  C CD  . GLU A 1 72  ? -1.471  -17.957 -5.338  1.000 42.069 0 56  GLU A CD  1 ? 
ATOM   473  O OE1 . GLU A 1 72  ? -0.826  -17.873 -4.260  1.000 39.525 0 56  GLU A OE1 1 ? 
ATOM   474  O OE2 . GLU A 1 72  ? -1.021  -17.559 -6.434  1.000 48.698 0 56  GLU A OE2 1 ? 
ATOM   475  N N   . ALA A 1 73  ? -5.328  -14.660 -6.053  1.000 17.301 0 57  ALA A N   1 ? 
ATOM   476  C CA  . ALA A 1 73  ? -5.615  -13.477 -6.850  1.000 16.198 0 57  ALA A CA  1 ? 
ATOM   477  C C   . ALA A 1 73  ? -5.122  -12.245 -6.110  1.000 14.396 0 57  ALA A C   1 ? 
ATOM   478  O O   . ALA A 1 73  ? -4.664  -11.292 -6.735  1.000 16.229 0 57  ALA A O   1 ? 
ATOM   479  C CB  . ALA A 1 73  ? -7.075  -13.373 -7.151  1.000 17.618 0 57  ALA A CB  1 ? 
ATOM   480  N N   . LEU A 1 74  ? -5.281  -12.210 -4.781  1.000 14.871 0 58  LEU A N   1 ? 
ATOM   481  C CA  . LEU A 1 74  ? -4.913  -11.029 -4.012  1.000 14.927 0 58  LEU A CA  1 ? 
ATOM   482  C C   . LEU A 1 74  ? -3.394  -10.898 -4.002  1.000 14.502 0 58  LEU A C   1 ? 
ATOM   483  O O   . LEU A 1 74  ? -2.839  -9.817  -4.157  1.000 16.425 0 58  LEU A O   1 ? 
ATOM   484  C CB  . LEU A 1 74  ? -5.442  -11.161 -2.592  1.000 14.106 0 58  LEU A CB  1 ? 
ATOM   485  C CG  . LEU A 1 74  ? -6.948  -10.973 -2.457  1.000 17.760 0 58  LEU A CG  1 ? 
ATOM   486  C CD1 . LEU A 1 74  ? -7.395  -11.275 -1.021  1.000 17.412 0 58  LEU A CD1 1 ? 
ATOM   487  C CD2 . LEU A 1 74  ? -7.399  -9.582  -2.810  1.000 18.157 0 58  LEU A CD2 1 ? 
ATOM   488  N N   . ARG A 1 75  ? -2.713  -12.037 -3.820  1.000 14.785 0 59  ARG A N   1 ? 
ATOM   489  C CA  . ARG A 1 75  ? -1.253  -12.041 -3.826  1.000 17.044 0 59  ARG A CA  1 ? 
ATOM   490  C C   . ARG A 1 75  ? -0.709  -11.562 -5.181  1.000 17.387 0 59  ARG A C   1 ? 
ATOM   491  O O   . ARG A 1 75  ? 0.225   -10.735 -5.257  1.000 17.371 0 59  ARG A O   1 ? 
ATOM   492  C CB  . ARG A 1 75  ? -0.793  -13.433 -3.372  1.000 18.449 0 59  ARG A CB  1 ? 
ATOM   493  C CG  . ARG A 1 75  ? 0.713   -13.506 -3.156  1.000 22.223 0 59  ARG A CG  1 ? 
ATOM   494  C CD  . ARG A 1 75  ? 1.185   -14.918 -2.723  1.000 23.997 0 59  ARG A CD  1 ? 
ATOM   495  N NE  . ARG A 1 75  ? 1.014   -15.845 -3.841  1.000 27.219 0 59  ARG A NE  1 ? 
ATOM   496  C CZ  . ARG A 1 75  ? 1.887   -15.915 -4.860  1.000 35.935 0 59  ARG A CZ  1 ? 
ATOM   497  N NH1 . ARG A 1 75  ? 3.066   -15.315 -4.780  1.000 40.936 0 59  ARG A NH1 1 ? 
ATOM   498  N NH2 . ARG A 1 75  ? 1.604   -16.640 -5.925  1.000 34.745 0 59  ARG A NH2 1 ? 
ATOM   499  N N   . LYS A 1 76  ? -1.256  -12.092 -6.276  1.000 17.359 0 60  LYS A N   1 ? 
ATOM   500  C CA  . LYS A 1 76  ? -0.877  -11.647 -7.618  1.000 19.865 0 60  LYS A CA  1 ? 
ATOM   501  C C   . LYS A 1 76  ? -1.054  -10.146 -7.801  1.000 19.155 0 60  LYS A C   1 ? 
ATOM   502  O O   . LYS A 1 76  ? -0.199  -9.456  -8.329  1.000 19.714 0 60  LYS A O   1 ? 
ATOM   503  C CB  . LYS A 1 76  ? -1.670  -12.370 -8.721  1.000 23.765 0 60  LYS A CB  1 ? 
ATOM   504  C CG  . LYS A 1 76  ? -1.262  -13.794 -9.022  1.000 34.400 0 60  LYS A CG  1 ? 
ATOM   505  C CD  . LYS A 1 76  ? -2.146  -14.465 -10.079 1.000 38.054 0 60  LYS A CD  1 ? 
ATOM   506  C CE  . LYS A 1 76  ? -1.736  -15.898 -10.333 1.000 45.665 0 60  LYS A CE  1 ? 
ATOM   507  N NZ  . LYS A 1 76  ? -2.723  -16.768 -10.977 1.000 47.610 0 60  LYS A NZ  1 ? 
ATOM   508  N N   . ALA A 1 77  ? -2.177  -9.620  -7.335  1.000 15.958 0 61  ALA A N   1 ? 
ATOM   509  C CA  . ALA A 1 77  ? -2.513  -8.218  -7.429  1.000 16.067 0 61  ALA A CA  1 ? 
ATOM   510  C C   . ALA A 1 77  ? -1.466  -7.358  -6.691  1.000 17.241 0 61  ALA A C   1 ? 
ATOM   511  O O   . ALA A 1 77  ? -0.975  -6.370  -7.237  1.000 18.120 0 61  ALA A O   1 ? 
ATOM   512  C CB  . ALA A 1 77  ? -3.900  -7.961  -6.925  1.000 18.344 0 61  ALA A CB  1 ? 
ATOM   513  N N   . VAL A 1 78  ? -1.117  -7.708  -5.444  1.000 15.103 0 62  VAL A N   1 ? 
ATOM   514  C CA  A VAL A 1 78  ? -0.210  -6.934  -4.607  0.500 14.902 0 62  VAL A CA  1 ? 
ATOM   515  C CA  B VAL A 1 78  ? -0.236  -6.848  -4.671  0.500 15.295 0 62  VAL A CA  1 ? 
ATOM   516  C C   . VAL A 1 78  ? 1.185   -6.959  -5.224  1.000 15.291 0 62  VAL A C   1 ? 
ATOM   517  O O   . VAL A 1 78  ? 1.907   -5.944  -5.258  1.000 16.403 0 62  VAL A O   1 ? 
ATOM   518  C CB  A VAL A 1 78  ? -0.179  -7.488  -3.159  0.500 14.851 0 62  VAL A CB  1 ? 
ATOM   519  C CB  B VAL A 1 78  ? -0.268  -7.069  -3.143  0.500 16.376 0 62  VAL A CB  1 ? 
ATOM   520  C CG1 A VAL A 1 78  ? 0.985   -6.907  -2.358  0.500 16.089 0 62  VAL A CG1 1 ? 
ATOM   521  C CG1 B VAL A 1 78  ? -1.652  -6.878  -2.530  0.500 17.944 0 62  VAL A CG1 1 ? 
ATOM   522  C CG2 A VAL A 1 78  ? -1.465  -7.229  -2.389  0.500 15.928 0 62  VAL A CG2 1 ? 
ATOM   523  C CG2 B VAL A 1 78  ? 0.354   -8.390  -2.746  0.500 16.432 0 62  VAL A CG2 1 ? 
ATOM   524  N N   . ILE A 1 79  ? 1.595   -8.149  -5.649  1.000 15.685 0 63  ILE A N   1 ? 
ATOM   525  C CA  . ILE A 1 79  ? 2.947   -8.278  -6.202  1.000 18.336 0 63  ILE A CA  1 ? 
ATOM   526  C C   . ILE A 1 79  ? 3.064   -7.441  -7.480  1.000 18.146 0 63  ILE A C   1 ? 
ATOM   527  O O   . ILE A 1 79  ? 4.046   -6.704  -7.642  1.000 21.064 0 63  ILE A O   1 ? 
ATOM   528  C CB  . ILE A 1 79  ? 3.333   -9.744  -6.403  1.000 21.526 0 63  ILE A CB  1 ? 
ATOM   529  C CG1 . ILE A 1 79  ? 3.460   -10.462 -5.098  1.000 22.855 0 63  ILE A CG1 1 ? 
ATOM   530  C CG2 . ILE A 1 79  ? 4.625   -9.819  -7.240  1.000 22.633 0 63  ILE A CG2 1 ? 
ATOM   531  C CD1 . ILE A 1 79  ? 3.531   -11.973 -5.255  1.000 29.056 0 63  ILE A CD1 1 ? 
ATOM   532  N N   . GLU A 1 80  ? 2.077   -7.530  -8.398  1.000 17.481 0 64  GLU A N   1 ? 
ATOM   533  C CA  . GLU A 1 80  ? 2.088   -6.785  -9.670  1.000 19.918 0 64  GLU A CA  1 ? 
ATOM   534  C C   . GLU A 1 80  ? 2.220   -5.290  -9.389  1.000 21.705 0 64  GLU A C   1 ? 
ATOM   535  O O   . GLU A 1 80  ? 3.064   -4.622  -9.978  1.000 19.778 0 64  GLU A O   1 ? 
ATOM   536  C CB  . GLU A 1 80  ? 0.838   -7.006  -10.566 1.000 21.606 0 64  GLU A CB  1 ? 
ATOM   537  C CG  . GLU A 1 80  ? 0.721   -6.126  -11.811 1.000 24.016 0 64  GLU A CG  1 ? 
ATOM   538  C CD  . GLU A 1 80  ? -0.565  -6.195  -12.654 1.000 27.568 0 64  GLU A CD  1 ? 
ATOM   539  O OE1 . GLU A 1 80  ? -1.104  -7.312  -12.811 1.000 36.992 0 64  GLU A OE1 1 ? 
ATOM   540  O OE2 . GLU A 1 80  ? -1.033  -5.171  -13.189 1.000 29.085 0 64  GLU A OE2 1 ? 
ATOM   541  N N   . TRP A 1 81  ? 1.329   -4.764  -8.535  1.000 17.908 0 65  TRP A N   1 ? 
ATOM   542  C CA  . TRP A 1 81  ? 1.231   -3.353  -8.249  1.000 16.929 0 65  TRP A CA  1 ? 
ATOM   543  C C   . TRP A 1 81  ? 2.495   -2.940  -7.494  1.000 17.786 0 65  TRP A C   1 ? 
ATOM   544  O O   . TRP A 1 81  ? 3.089   -1.912  -7.818  1.000 19.637 0 65  TRP A O   1 ? 
ATOM   545  C CB  . TRP A 1 81  ? -0.008  -3.027  -7.430  1.000 16.199 0 65  TRP A CB  1 ? 
ATOM   546  C CG  . TRP A 1 81  ? -0.212  -1.587  -7.149  1.000 16.508 0 65  TRP A CG  1 ? 
ATOM   547  C CD1 . TRP A 1 81  ? -0.818  -0.679  -7.957  1.000 16.646 0 65  TRP A CD1 1 ? 
ATOM   548  C CD2 . TRP A 1 81  ? 0.145   -0.891  -5.952  1.000 16.331 0 65  TRP A CD2 1 ? 
ATOM   549  N NE1 . TRP A 1 81  ? -0.853  0.525   -7.362  1.000 16.971 0 65  TRP A NE1 1 ? 
ATOM   550  C CE2 . TRP A 1 81  ? -0.283  0.431   -6.115  1.000 17.092 0 65  TRP A CE2 1 ? 
ATOM   551  C CE3 . TRP A 1 81  ? 0.752   -1.263  -4.747  1.000 19.463 0 65  TRP A CE3 1 ? 
ATOM   552  C CZ2 . TRP A 1 81  ? -0.115  1.402   -5.130  1.000 16.837 0 65  TRP A CZ2 1 ? 
ATOM   553  C CZ3 . TRP A 1 81  ? 0.906   -0.309  -3.777  1.000 17.843 0 65  TRP A CZ3 1 ? 
ATOM   554  C CH2 . TRP A 1 81  ? 0.467   0.993   -3.950  1.000 21.163 0 65  TRP A CH2 1 ? 
ATOM   555  N N   . GLY A 1 82  ? 2.891   -3.747  -6.507  1.000 15.969 0 66  GLY A N   1 ? 
ATOM   556  C CA  . GLY A 1 82  ? 4.045   -3.365  -5.681  1.000 16.274 0 66  GLY A CA  1 ? 
ATOM   557  C C   . GLY A 1 82  ? 5.349   -3.273  -6.472  1.000 17.386 0 66  GLY A C   1 ? 
ATOM   558  O O   . GLY A 1 82  ? 6.170   -2.368  -6.208  1.000 18.602 0 66  GLY A O   1 ? 
ATOM   559  N N   . LYS A 1 83  ? 5.534   -4.235  -7.362  1.000 18.626 0 67  LYS A N   1 ? 
ATOM   560  C CA  . LYS A 1 83  ? 6.731   -4.218  -8.220  1.000 20.369 0 67  LYS A CA  1 ? 
ATOM   561  C C   . LYS A 1 83  ? 6.733   -2.964  -9.096  1.000 23.921 0 67  LYS A C   1 ? 
ATOM   562  O O   . LYS A 1 83  ? 7.794   -2.339  -9.252  1.000 26.572 0 67  LYS A O   1 ? 
ATOM   563  C CB  . LYS A 1 83  ? 6.798   -5.465  -9.084  1.000 22.451 0 67  LYS A CB  1 ? 
ATOM   564  C CG  . LYS A 1 83  ? 7.314   -6.659  -8.362  1.000 25.338 0 67  LYS A CG  1 ? 
ATOM   565  C CD  . LYS A 1 83  ? 7.350   -8.005  -9.082  1.000 31.108 0 67  LYS A CD  1 ? 
ATOM   566  C CE  . LYS A 1 83  ? 8.085   -8.956  -8.181  1.000 34.556 0 67  LYS A CE  1 ? 
ATOM   567  N NZ  . LYS A 1 83  ? 8.081   -10.383 -8.509  1.000 41.063 0 67  LYS A NZ  1 ? 
ATOM   568  N N   . GLY A 1 84  ? 5.577   -2.583  -9.673  1.000 21.503 0 68  GLY A N   1 ? 
ATOM   569  C CA  . GLY A 1 84  ? 5.426   -1.327  -10.411 1.000 24.016 0 68  GLY A CA  1 ? 
ATOM   570  C C   . GLY A 1 84  ? 5.848   -0.097  -9.610  1.000 25.937 0 68  GLY A C   1 ? 
ATOM   571  O O   . GLY A 1 84  ? 6.628   0.734   -10.095 1.000 27.591 0 68  GLY A O   1 ? 
ATOM   572  N N   . VAL A 1 85  ? 5.360   0.015   -8.358  1.000 19.185 0 69  VAL A N   1 ? 
ATOM   573  C CA  . VAL A 1 85  ? 5.606   1.148   -7.525  1.000 19.491 0 69  VAL A CA  1 ? 
ATOM   574  C C   . VAL A 1 85  ? 7.102   1.152   -7.216  1.000 23.605 0 69  VAL A C   1 ? 
ATOM   575  O O   . VAL A 1 85  ? 7.715   2.220   -7.220  1.000 25.616 0 69  VAL A O   1 ? 
ATOM   576  C CB  . VAL A 1 85  ? 4.749   1.105   -6.239  1.000 21.912 0 69  VAL A CB  1 ? 
ATOM   577  C CG1 . VAL A 1 85  ? 5.154   2.186   -5.251  1.000 24.930 0 69  VAL A CG1 1 ? 
ATOM   578  C CG2 . VAL A 1 85  ? 3.266   1.167   -6.544  1.000 22.674 0 69  VAL A CG2 1 ? 
ATOM   579  N N   . ALA A 1 86  ? 7.670   -0.039  -6.991  1.000 24.802 0 70  ALA A N   1 ? 
ATOM   580  C CA  . ALA A 1 86  ? 9.098   -0.165  -6.687  1.000 26.444 0 70  ALA A CA  1 ? 
ATOM   581  C C   . ALA A 1 86  ? 9.941   0.428   -7.805  1.000 28.527 0 70  ALA A C   1 ? 
ATOM   582  O O   . ALA A 1 86  ? 10.856  1.219   -7.524  1.000 30.660 0 70  ALA A O   1 ? 
ATOM   583  C CB  . ALA A 1 86  ? 9.482   -1.613  -6.457  1.000 29.753 0 70  ALA A CB  1 ? 
ATOM   584  N N   . GLU A 1 87  ? 9.601   0.060   -9.034  1.000 28.328 0 71  GLU A N   1 ? 
ATOM   585  C CA  . GLU A 1 87  ? 10.333  0.519   -10.213 1.000 31.005 0 71  GLU A CA  1 ? 
ATOM   586  C C   . GLU A 1 87  ? 10.258  2.045   -10.294 1.000 38.167 0 71  GLU A C   1 ? 
ATOM   587  O O   . GLU A 1 87  ? 11.271  2.723   -10.504 1.000 33.980 0 71  GLU A O   1 ? 
ATOM   588  C CB  . GLU A 1 87  ? 9.864   -0.212  -11.466 1.000 36.316 0 71  GLU A CB  1 ? 
ATOM   589  C CG  . GLU A 1 87  ? 10.323  -1.666  -11.509 1.000 39.464 0 71  GLU A CG  1 ? 
ATOM   590  C CD  . GLU A 1 87  ? 11.816  -1.844  -11.295 1.000 45.412 0 71  GLU A CD  1 ? 
ATOM   591  O OE1 . GLU A 1 87  ? 12.238  -2.655  -10.429 1.000 49.651 0 71  GLU A OE1 1 ? 
ATOM   592  O OE2 . GLU A 1 87  ? 12.558  -1.134  -12.005 1.000 45.516 0 71  GLU A OE2 1 ? 
ATOM   593  N N   . LEU A 1 88  ? 9.075   2.616   -10.049 1.000 30.937 0 72  LEU A N   1 ? 
ATOM   594  C CA  . LEU A 1 88  ? 8.951   4.064   -10.134 1.000 33.230 0 72  LEU A CA  1 ? 
ATOM   595  C C   . LEU A 1 88  ? 9.740   4.766   -9.026  1.000 33.970 0 72  LEU A C   1 ? 
ATOM   596  O O   . LEU A 1 88  ? 10.222  5.895   -9.197  1.000 33.878 0 72  LEU A O   1 ? 
ATOM   597  C CB  . LEU A 1 88  ? 7.469   4.421   -10.091 1.000 32.319 0 72  LEU A CB  1 ? 
ATOM   598  C CG  . LEU A 1 88  ? 7.158   5.911   -10.073 1.000 35.148 0 72  LEU A CG  1 ? 
ATOM   599  C CD1 . LEU A 1 88  ? 7.803   6.594   -11.280 1.000 39.879 0 72  LEU A CD1 1 ? 
ATOM   600  C CD2 . LEU A 1 88  ? 5.650   6.123   -10.052 1.000 33.134 0 72  LEU A CD2 1 ? 
ATOM   601  N N   . PHE A 1 89  ? 9.833   4.142   -7.848  1.000 30.501 0 73  PHE A N   1 ? 
ATOM   602  C CA  . PHE A 1 89  ? 10.589  4.734   -6.753  1.000 35.282 0 73  PHE A CA  1 ? 
ATOM   603  C C   . PHE A 1 89  ? 12.083  4.677   -7.050  1.000 34.061 0 73  PHE A C   1 ? 
ATOM   604  O O   . PHE A 1 89  ? 12.801  5.568   -6.605  1.000 40.738 0 73  PHE A O   1 ? 
ATOM   605  C CB  . PHE A 1 89  ? 10.303  4.129   -5.375  1.000 35.489 0 73  PHE A CB  1 ? 
ATOM   606  C CG  . PHE A 1 89  ? 9.246   5.003   -4.746  1.000 36.427 0 73  PHE A CG  1 ? 
ATOM   607  C CD1 . PHE A 1 89  ? 7.905   4.817   -5.082  1.000 36.700 0 73  PHE A CD1 1 ? 
ATOM   608  C CD2 . PHE A 1 89  ? 9.604   6.083   -3.941  1.000 39.175 0 73  PHE A CD2 1 ? 
ATOM   609  C CE1 . PHE A 1 89  ? 6.930   5.662   -4.576  1.000 40.950 0 73  PHE A CE1 1 ? 
ATOM   610  C CE2 . PHE A 1 89  ? 8.632   6.932   -3.445  1.000 41.562 0 73  PHE A CE2 1 ? 
ATOM   611  C CZ  . PHE A 1 89  ? 7.298   6.718   -3.756  1.000 43.991 0 73  PHE A CZ  1 ? 
ATOM   612  N N   . LYS A 1 90  ? 12.533  3.669   -7.810  1.000 34.121 0 74  LYS A N   1 ? 
ATOM   613  C CA  . LYS A 1 90  ? 13.929  3.594   -8.200  1.000 35.224 0 74  LYS A CA  1 ? 
ATOM   614  C C   . LYS A 1 90  ? 14.275  4.847   -9.011  1.000 41.529 0 74  LYS A C   1 ? 
ATOM   615  O O   . LYS A 1 90  ? 15.400  5.350   -8.932  1.000 46.056 0 74  LYS A O   1 ? 
ATOM   616  C CB  . LYS A 1 90  ? 14.321  2.303   -8.928  1.000 34.760 0 74  LYS A CB  1 ? 
ATOM   617  C CG  . LYS A 1 90  ? 14.478  1.078   -8.016  1.000 39.870 0 74  LYS A CG  1 ? 
ATOM   618  C CD  . LYS A 1 90  ? 14.738  -0.213  -8.777  1.000 41.779 0 74  LYS A CD  1 ? 
ATOM   619  C CE  . LYS A 1 90  ? 14.560  -1.423  -7.922  1.000 42.001 0 74  LYS A CE  1 ? 
ATOM   620  N NZ  . LYS A 1 90  ? 14.617  -2.656  -8.710  1.000 41.746 0 74  LYS A NZ  1 ? 
ATOM   621  N N   . LYS A 1 91  ? 13.294  5.392   -9.733  1.000 37.857 0 75  LYS A N   1 ? 
ATOM   622  C CA  . LYS A 1 91  ? 13.526  6.545   -10.588 1.000 36.389 0 75  LYS A CA  1 ? 
ATOM   623  C C   . LYS A 1 91  ? 13.478  7.850   -9.792  1.000 37.064 0 75  LYS A C   1 ? 
ATOM   624  O O   . LYS A 1 91  ? 14.230  8.779   -10.080 1.000 33.745 0 75  LYS A O   1 ? 
ATOM   625  C CB  . LYS A 1 91  ? 12.542  6.519   -11.754 1.000 41.784 0 75  LYS A CB  1 ? 
ATOM   626  C CG  . LYS A 1 91  ? 12.482  7.787   -12.578 1.000 45.736 0 75  LYS A CG  1 ? 
ATOM   627  C CD  . LYS A 1 91  ? 11.451  7.734   -13.699 1.000 50.566 0 75  LYS A CD  1 ? 
ATOM   628  C CE  . LYS A 1 91  ? 11.603  8.876   -14.658 1.000 54.465 0 75  LYS A CE  1 ? 
ATOM   629  N NZ  . LYS A 1 91  ? 10.738  8.689   -15.826 1.000 61.296 0 75  LYS A NZ  1 ? 
ATOM   630  N N   . PHE A 1 92  ? 12.628  7.941   -8.774  1.000 30.312 0 76  PHE A N   1 ? 
ATOM   631  C CA  . PHE A 1 92  ? 12.619  9.121   -7.933  1.000 35.441 0 76  PHE A CA  1 ? 
ATOM   632  C C   . PHE A 1 92  ? 13.985  9.341   -7.289  1.000 37.599 0 76  PHE A C   1 ? 
ATOM   633  O O   . PHE A 1 92  ? 14.395  10.493  -7.081  1.000 37.213 0 76  PHE A O   1 ? 
ATOM   634  C CB  . PHE A 1 92  ? 11.503  9.059   -6.885  1.000 33.716 0 76  PHE A CB  1 ? 
ATOM   635  C CG  . PHE A 1 92  ? 10.105  9.177   -7.468  1.000 35.046 0 76  PHE A CG  1 ? 
ATOM   636  C CD1 . PHE A 1 92  ? 9.854   9.949   -8.595  1.000 37.309 0 76  PHE A CD1 1 ? 
ATOM   637  C CD2 . PHE A 1 92  ? 9.025   8.539   -6.854  1.000 37.466 0 76  PHE A CD2 1 ? 
ATOM   638  C CE1 . PHE A 1 92  ? 8.567   10.073  -9.099  1.000 39.463 0 76  PHE A CE1 1 ? 
ATOM   639  C CE2 . PHE A 1 92  ? 7.741   8.653   -7.380  1.000 39.247 0 76  PHE A CE2 1 ? 
ATOM   640  C CZ  . PHE A 1 92  ? 7.516   9.417   -8.498  1.000 41.892 0 76  PHE A CZ  1 ? 
ATOM   641  N N   . VAL A 1 93  ? 14.674  8.253   -6.936  1.000 37.268 0 77  VAL A N   1 ? 
ATOM   642  C CA  . VAL A 1 93  ? 15.959  8.425   -6.276  1.000 40.318 0 77  VAL A CA  1 ? 
ATOM   643  C C   . VAL A 1 93  ? 17.015  8.754   -7.320  1.000 32.417 0 77  VAL A C   1 ? 
ATOM   644  O O   . VAL A 1 93  ? 17.773  9.687   -7.111  1.000 41.904 0 77  VAL A O   1 ? 
ATOM   645  C CB  . VAL A 1 93  ? 16.405  7.249   -5.388  1.000 42.465 0 77  VAL A CB  1 ? 
ATOM   646  C CG1 . VAL A 1 93  ? 15.446  7.091   -4.218  1.000 44.657 0 77  VAL A CG1 1 ? 
ATOM   647  C CG2 . VAL A 1 93  ? 16.544  5.946   -6.162  1.000 46.027 0 77  VAL A CG2 1 ? 
ATOM   648  N N   . LYS A 1 94  ? 17.084  8.003   -8.426  1.000 31.346 0 78  LYS A N   1 ? 
ATOM   649  C CA  . LYS A 1 94  ? 18.154  8.213   -9.379  1.000 29.803 0 78  LYS A CA  1 ? 
ATOM   650  C C   . LYS A 1 94  ? 17.959  9.590   -9.993  1.000 29.395 0 78  LYS A C   1 ? 
ATOM   651  O O   . LYS A 1 94  ? 18.898  10.382  -9.980  1.000 32.151 0 78  LYS A O   1 ? 
ATOM   652  C CB  . LYS A 1 94  ? 18.254  7.101   -10.434 1.000 32.723 0 78  LYS A CB  1 ? 
ATOM   653  C CG  . LYS A 1 94  ? 19.392  7.238   -11.442 1.000 37.917 0 78  LYS A CG  1 ? 
ATOM   654  C CD  . LYS A 1 94  ? 20.800  7.229   -10.851 1.000 36.892 0 78  LYS A CD  1 ? 
ATOM   655  C CE  . LYS A 1 94  ? 21.904  6.992   -11.852 1.000 41.386 0 78  LYS A CE  1 ? 
ATOM   656  N NZ  . LYS A 1 94  ? 23.234  7.093   -11.226 1.000 45.071 0 78  LYS A NZ  1 ? 
ATOM   657  N N   . LYS A 1 95  ? 16.724  9.923   -10.398 1.000 24.761 0 79  LYS A N   1 ? 
ATOM   658  C CA  . LYS A 1 95  ? 16.474  11.133  -11.174 1.000 25.915 0 79  LYS A CA  1 ? 
ATOM   659  C C   . LYS A 1 95  ? 16.212  12.343  -10.282 1.000 22.632 0 79  LYS A C   1 ? 
ATOM   660  O O   . LYS A 1 95  ? 16.696  13.441  -10.583 1.000 23.389 0 79  LYS A O   1 ? 
ATOM   661  C CB  . LYS A 1 95  ? 15.319  11.005  -12.178 1.000 28.253 0 79  LYS A CB  1 ? 
ATOM   662  C CG  . LYS A 1 95  ? 15.017  12.323  -12.910 1.000 38.726 0 79  LYS A CG  1 ? 
ATOM   663  C CD  . LYS A 1 95  ? 14.106  12.285  -14.135 1.000 42.726 0 79  LYS A CD  1 ? 
ATOM   664  C CE  . LYS A 1 95  ? 13.847  13.677  -14.638 1.000 46.348 0 79  LYS A CE  1 ? 
ATOM   665  N NZ  . LYS A 1 95  ? 12.616  13.775  -15.427 1.000 53.827 0 79  LYS A NZ  1 ? 
ATOM   666  N N   . TYR A 1 96  ? 15.357  12.226  -9.264  1.000 22.327 0 80  TYR A N   1 ? 
ATOM   667  C CA  . TYR A 1 96  ? 14.858  13.431  -8.625  1.000 24.284 0 80  TYR A CA  1 ? 
ATOM   668  C C   . TYR A 1 96  ? 15.681  13.706  -7.372  1.000 27.182 0 80  TYR A C   1 ? 
ATOM   669  O O   . TYR A 1 96  ? 15.402  14.674  -6.675  1.000 33.486 0 80  TYR A O   1 ? 
ATOM   670  C CB  . TYR A 1 96  ? 13.331  13.273  -8.450  1.000 26.691 0 80  TYR A CB  1 ? 
ATOM   671  C CG  . TYR A 1 96  ? 12.538  13.257  -9.752  1.000 31.253 0 80  TYR A CG  1 ? 
ATOM   672  C CD1 . TYR A 1 96  ? 12.100  14.448  -10.321 1.000 35.085 0 80  TYR A CD1 1 ? 
ATOM   673  C CD2 . TYR A 1 96  ? 12.227  12.066  -10.413 1.000 37.473 0 80  TYR A CD2 1 ? 
ATOM   674  C CE1 . TYR A 1 96  ? 11.391  14.463  -11.514 1.000 37.281 0 80  TYR A CE1 1 ? 
ATOM   675  C CE2 . TYR A 1 96  ? 11.532  12.067  -11.620 1.000 40.089 0 80  TYR A CE2 1 ? 
ATOM   676  C CZ  . TYR A 1 96  ? 11.098  13.270  -12.159 1.000 40.066 0 80  TYR A CZ  1 ? 
ATOM   677  O OH  . TYR A 1 96  ? 10.395  13.285  -13.329 1.000 45.679 0 80  TYR A OH  1 ? 
ATOM   678  N N   . GLY A 1 97  ? 16.644  12.830  -7.068  1.000 28.652 0 81  GLY A N   1 ? 
ATOM   679  C CA  . GLY A 1 97  ? 17.648  13.113  -6.057  1.000 33.101 0 81  GLY A CA  1 ? 
ATOM   680  C C   . GLY A 1 97  ? 17.090  12.965  -4.647  1.000 36.548 0 81  GLY A C   1 ? 
ATOM   681  O O   . GLY A 1 97  ? 17.669  13.506  -3.712  1.000 40.708 0 81  GLY A O   1 ? 
ATOM   682  N N   . ILE A 1 98  ? 15.921  12.316  -4.556  1.000 39.646 0 82  ILE A N   1 ? 
ATOM   683  C CA  . ILE A 1 98  ? 15.336  11.843  -3.314  1.000 38.824 0 82  ILE A CA  1 ? 
ATOM   684  C C   . ILE A 1 98  ? 16.428  11.104  -2.550  1.000 33.283 0 82  ILE A C   1 ? 
ATOM   685  O O   . ILE A 1 98  ? 17.128  10.264  -3.114  1.000 35.808 0 82  ILE A O   1 ? 
ATOM   686  C CB  . ILE A 1 98  ? 14.127  10.932  -3.622  1.000 45.662 0 82  ILE A CB  1 ? 
ATOM   687  C CG1 . ILE A 1 98  ? 12.951  11.725  -4.230  1.000 43.072 0 82  ILE A CG1 1 ? 
ATOM   688  C CG2 . ILE A 1 98  ? 13.703  10.107  -2.403  1.000 51.670 0 82  ILE A CG2 1 ? 
ATOM   689  C CD1 . ILE A 1 98  ? 12.386  12.832  -3.359  1.000 43.838 0 82  ILE A CD1 1 ? 
ATOM   690  N N   . PRO A 1 99  ? 16.639  11.388  -1.241  1.000 32.035 0 83  PRO A N   1 ? 
ATOM   691  C CA  . PRO A 1 99  ? 17.740  10.769  -0.528  1.000 32.409 0 83  PRO A CA  1 ? 
ATOM   692  C C   . PRO A 1 99  ? 17.603  9.270   -0.330  1.000 32.599 0 83  PRO A C   1 ? 
ATOM   693  O O   . PRO A 1 99  ? 16.489  8.733   -0.253  1.000 30.329 0 83  PRO A O   1 ? 
ATOM   694  C CB  . PRO A 1 99  ? 17.767  11.469  0.837   1.000 31.287 0 83  PRO A CB  1 ? 
ATOM   695  C CG  . PRO A 1 99  ? 16.654  12.481  0.814   1.000 34.695 0 83  PRO A CG  1 ? 
ATOM   696  C CD  . PRO A 1 99  ? 15.865  12.349  -0.449  1.000 35.191 0 83  PRO A CD  1 ? 
ATOM   697  N N   . TYR A 1 100 ? 18.751  8.596   -0.192  1.000 31.254 0 84  TYR A N   1 ? 
ATOM   698  C CA  . TYR A 1 100 ? 18.789  7.196   0.197   1.000 33.176 0 84  TYR A CA  1 ? 
ATOM   699  C C   . TYR A 1 100 ? 18.254  7.070   1.623   1.000 31.637 0 84  TYR A C   1 ? 
ATOM   700  O O   . TYR A 1 100 ? 18.428  7.987   2.421   1.000 30.587 0 84  TYR A O   1 ? 
ATOM   701  C CB  . TYR A 1 100 ? 20.201  6.687   -0.093  1.000 41.532 0 84  TYR A CB  1 ? 
ATOM   702  C CG  . TYR A 1 100 ? 20.441  6.708   -1.601  1.000 45.673 0 84  TYR A CG  1 ? 
ATOM   703  C CD1 . TYR A 1 100 ? 19.895  5.720   -2.398  1.000 47.260 0 84  TYR A CD1 1 ? 
ATOM   704  C CD2 . TYR A 1 100 ? 21.112  7.749   -2.234  1.000 54.077 0 84  TYR A CD2 1 ? 
ATOM   705  C CE1 . TYR A 1 100 ? 20.053  5.727   -3.766  1.000 57.535 0 84  TYR A CE1 1 ? 
ATOM   706  C CE2 . TYR A 1 100 ? 21.284  7.767   -3.608  1.000 59.402 0 84  TYR A CE2 1 ? 
ATOM   707  C CZ  . TYR A 1 100 ? 20.758  6.743   -4.373  1.000 59.331 0 84  TYR A CZ  1 ? 
ATOM   708  O OH  . TYR A 1 100 ? 20.859  6.678   -5.729  1.000 65.544 0 84  TYR A OH  1 ? 
ATOM   709  N N   . GLY A 1 101 ? 17.473  6.014   1.874   1.000 25.724 0 85  GLY A N   1 ? 
ATOM   710  C CA  . GLY A 1 101 ? 16.872  5.741   3.165   1.000 25.582 0 85  GLY A CA  1 ? 
ATOM   711  C C   . GLY A 1 101 ? 15.481  6.363   3.275   1.000 22.350 0 85  GLY A C   1 ? 
ATOM   712  O O   . GLY A 1 101 ? 14.820  6.223   4.314   1.000 26.440 0 85  GLY A O   1 ? 
ATOM   713  N N   . SER A 1 102 ? 15.094  7.092   2.223   1.000 21.555 0 86  SER A N   1 ? 
ATOM   714  C CA  . SER A 1 102 ? 13.763  7.668   2.121   1.000 21.650 0 86  SER A CA  1 ? 
ATOM   715  C C   . SER A 1 102 ? 12.751  6.527   2.223   1.000 19.206 0 86  SER A C   1 ? 
ATOM   716  O O   . SER A 1 102 ? 12.974  5.440   1.677   1.000 21.539 0 86  SER A O   1 ? 
ATOM   717  C CB  . SER A 1 102 ? 13.516  8.436   0.874   1.000 25.118 0 86  SER A CB  1 ? 
ATOM   718  O OG  . SER A 1 102 ? 14.406  9.542   0.729   1.000 29.909 0 86  SER A OG  1 ? 
ATOM   719  N N   . VAL A 1 103 ? 11.651  6.823   2.904   1.000 18.260 0 87  VAL A N   1 ? 
ATOM   720  C CA  . VAL A 1 103 ? 10.528  5.896   3.086   1.000 16.756 0 87  VAL A CA  1 ? 
ATOM   721  C C   . VAL A 1 103 ? 9.253   6.518   2.519   1.000 18.472 0 87  VAL A C   1 ? 
ATOM   722  O O   . VAL A 1 103 ? 8.867   7.643   2.875   1.000 20.274 0 87  VAL A O   1 ? 
ATOM   723  C CB  . VAL A 1 103 ? 10.350  5.517   4.578   1.000 16.855 0 87  VAL A CB  1 ? 
ATOM   724  C CG1 . VAL A 1 103 ? 9.221   4.501   4.783   1.000 19.718 0 87  VAL A CG1 1 ? 
ATOM   725  C CG2 . VAL A 1 103 ? 11.584  4.943   5.244   1.000 16.581 0 87  VAL A CG2 1 ? 
ATOM   726  N N   . PHE A 1 104 ? 8.545   5.751   1.641   1.000 16.432 0 88  PHE A N   1 ? 
ATOM   727  C CA  . PHE A 1 104 ? 7.223   6.095   1.162   1.000 17.853 0 88  PHE A CA  1 ? 
ATOM   728  C C   . PHE A 1 104 ? 6.237   5.065   1.712   1.000 16.239 0 88  PHE A C   1 ? 
ATOM   729  O O   . PHE A 1 104 ? 6.470   3.875   1.540   1.000 18.818 0 88  PHE A O   1 ? 
ATOM   730  C CB  . PHE A 1 104 ? 7.220   6.121   -0.375  1.000 20.602 0 88  PHE A CB  1 ? 
ATOM   731  C CG  . PHE A 1 104 ? 5.847   6.367   -0.997  1.000 27.619 0 88  PHE A CG  1 ? 
ATOM   732  C CD1 . PHE A 1 104 ? 5.305   7.641   -1.107  1.000 29.286 0 88  PHE A CD1 1 ? 
ATOM   733  C CD2 . PHE A 1 104 ? 5.110   5.306   -1.513  1.000 34.632 0 88  PHE A CD2 1 ? 
ATOM   734  C CE1 . PHE A 1 104 ? 4.059   7.852   -1.675  1.000 32.352 0 88  PHE A CE1 1 ? 
ATOM   735  C CE2 . PHE A 1 104 ? 3.863   5.526   -2.081  1.000 39.045 0 88  PHE A CE2 1 ? 
ATOM   736  C CZ  . PHE A 1 104 ? 3.351   6.800   -2.161  1.000 33.193 0 88  PHE A CZ  1 ? 
ATOM   737  N N   . GLU A 1 105 ? 5.255   5.506   2.484   1.000 16.468 0 89  GLU A N   1 ? 
ATOM   738  C CA  . GLU A 1 105 ? 4.345   4.547   3.109   1.000 16.274 0 89  GLU A CA  1 ? 
ATOM   739  C C   . GLU A 1 105 ? 2.919   4.906   2.734   1.000 17.882 0 89  GLU A C   1 ? 
ATOM   740  O O   . GLU A 1 105 ? 2.518   6.063   2.770   1.000 19.349 0 89  GLU A O   1 ? 
ATOM   741  C CB  . GLU A 1 105 ? 4.609   4.544   4.608   1.000 19.366 0 89  GLU A CB  1 ? 
ATOM   742  C CG  . GLU A 1 105 ? 3.543   3.806   5.397   1.000 22.633 0 89  GLU A CG  1 ? 
ATOM   743  C CD  . GLU A 1 105 ? 3.694   3.963   6.887   1.000 26.649 0 89  GLU A CD  1 ? 
ATOM   744  O OE1 . GLU A 1 105 ? 2.822   4.627   7.496   1.000 33.719 0 89  GLU A OE1 1 ? 
ATOM   745  O OE2 . GLU A 1 105 ? 4.708   3.472   7.421   1.000 37.166 0 89  GLU A OE2 1 ? 
ATOM   746  N N   . ILE A 1 106 ? 2.106   3.879   2.407   1.000 16.116 0 90  ILE A N   1 ? 
ATOM   747  C CA  . ILE A 1 106 ? 0.669   4.088   2.260   1.000 19.124 0 90  ILE A CA  1 ? 
ATOM   748  C C   . ILE A 1 106 ? -0.053  3.139   3.219   1.000 19.470 0 90  ILE A C   1 ? 
ATOM   749  O O   . ILE A 1 106 ? 0.290   1.943   3.223   1.000 19.304 0 90  ILE A O   1 ? 
ATOM   750  C CB  . ILE A 1 106 ? 0.204   3.854   0.812   1.000 19.656 0 90  ILE A CB  1 ? 
ATOM   751  C CG1 . ILE A 1 106 ? 0.985   4.670   -0.192  1.000 24.327 0 90  ILE A CG1 1 ? 
ATOM   752  C CG2 . ILE A 1 106 ? -1.318  4.104   0.718   1.000 18.107 0 90  ILE A CG2 1 ? 
ATOM   753  C CD1 . ILE A 1 106 ? 0.737   4.329   -1.660  1.000 25.944 0 90  ILE A CD1 1 ? 
ATOM   754  N N   . VAL A 1 107 ? -0.958  3.673   4.067   1.000 19.712 0 91  VAL A N   1 ? 
ATOM   755  C CA  . VAL A 1 107 ? -1.860  2.840   4.836   1.000 20.087 0 91  VAL A CA  1 ? 
ATOM   756  C C   . VAL A 1 107 ? -3.234  2.890   4.167   1.000 21.459 0 91  VAL A C   1 ? 
ATOM   757  O O   . VAL A 1 107 ? -3.721  4.016   3.892   1.000 20.917 0 91  VAL A O   1 ? 
ATOM   758  C CB  . VAL A 1 107 ? -1.985  3.282   6.294   1.000 23.894 0 91  VAL A CB  1 ? 
ATOM   759  C CG1 . VAL A 1 107 ? -2.996  2.433   7.039   1.000 24.518 0 91  VAL A CG1 1 ? 
ATOM   760  C CG2 . VAL A 1 107 ? -0.642  3.235   7.003   1.000 26.437 0 91  VAL A CG2 1 ? 
ATOM   761  N N   . ILE A 1 108 ? -3.819  1.710   3.853   1.000 17.742 0 92  ILE A N   1 ? 
ATOM   762  C CA  . ILE A 1 108 ? -5.235  1.703   3.504   1.000 19.016 0 92  ILE A CA  1 ? 
ATOM   763  C C   . ILE A 1 108 ? -5.997  1.047   4.634   1.000 18.408 0 92  ILE A C   1 ? 
ATOM   764  O O   . ILE A 1 108 ? -5.496  0.168   5.349   1.000 19.497 0 92  ILE A O   1 ? 
ATOM   765  C CB  . ILE A 1 108 ? -5.561  1.143   2.111   1.000 20.126 0 92  ILE A CB  1 ? 
ATOM   766  C CG1 . ILE A 1 108 ? -5.349  -0.347  1.981   1.000 23.024 0 92  ILE A CG1 1 ? 
ATOM   767  C CG2 . ILE A 1 108 ? -4.799  1.890   1.012   1.000 22.974 0 92  ILE A CG2 1 ? 
ATOM   768  C CD1 . ILE A 1 108 ? -6.272  -0.953  0.946   1.000 23.649 0 92  ILE A CD1 1 ? 
ATOM   769  N N   . GLY A 1 109 ? -7.239  1.485   4.821   1.000 17.530 0 93  GLY A N   1 ? 
ATOM   770  C CA  . GLY A 1 109 ? -8.085  0.837   5.819   1.000 17.295 0 93  GLY A CA  1 ? 
ATOM   771  C C   . GLY A 1 109 ? -9.497  0.698   5.279   1.000 17.053 0 93  GLY A C   1 ? 
ATOM   772  O O   . GLY A 1 109 ? -9.843  1.347   4.277   1.000 15.989 0 93  GLY A O   1 ? 
ATOM   773  N N   . TYR A 1 110 ? -10.258 -0.202  5.907   1.000 15.552 0 94  TYR A N   1 ? 
ATOM   774  C CA  . TYR A 1 110 ? -11.656 -0.373  5.613   1.000 15.541 0 94  TYR A CA  1 ? 
ATOM   775  C C   . TYR A 1 110 ? -12.410 -0.630  6.919   1.000 15.722 0 94  TYR A C   1 ? 
ATOM   776  O O   . TYR A 1 110 ? -11.965 -1.450  7.724   1.000 19.266 0 94  TYR A O   1 ? 
ATOM   777  C CB  . TYR A 1 110 ? -11.902 -1.526  4.651   1.000 15.933 0 94  TYR A CB  1 ? 
ATOM   778  C CG  . TYR A 1 110 ? -13.377 -1.778  4.398   1.000 15.565 0 94  TYR A CG  1 ? 
ATOM   779  C CD1 . TYR A 1 110 ? -14.129 -0.920  3.585   1.000 15.171 0 94  TYR A CD1 1 ? 
ATOM   780  C CD2 . TYR A 1 110 ? -14.029 -2.900  4.906   1.000 15.829 0 94  TYR A CD2 1 ? 
ATOM   781  C CE1 . TYR A 1 110 ? -15.466 -1.137  3.325   1.000 17.803 0 94  TYR A CE1 1 ? 
ATOM   782  C CE2 . TYR A 1 110 ? -15.387 -3.102  4.650   1.000 16.813 0 94  TYR A CE2 1 ? 
ATOM   783  C CZ  . TYR A 1 110 ? -16.103 -2.260  3.813   1.000 17.208 0 94  TYR A CZ  1 ? 
ATOM   784  O OH  . TYR A 1 110 ? -17.469 -2.343  3.591   1.000 22.127 0 94  TYR A OH  1 ? 
ATOM   785  N N   . ASP A 1 111 ? -13.480 0.128   7.162   1.000 16.653 0 95  ASP A N   1 ? 
ATOM   786  C CA  . ASP A 1 111 ? -14.409 -0.070  8.264   1.000 15.988 0 95  ASP A CA  1 ? 
ATOM   787  C C   . ASP A 1 111 ? -15.699 -0.692  7.709   1.000 17.316 0 95  ASP A C   1 ? 
ATOM   788  O O   . ASP A 1 111 ? -16.455 -0.013  7.026   1.000 19.876 0 95  ASP A O   1 ? 
ATOM   789  C CB  . ASP A 1 111 ? -14.745 1.275   8.903   1.000 17.461 0 95  ASP A CB  1 ? 
ATOM   790  C CG  . ASP A 1 111 ? -15.738 1.211   10.056  1.000 22.646 0 95  ASP A CG  1 ? 
ATOM   791  O OD1 . ASP A 1 111 ? -15.929 0.113   10.569  1.000 28.322 0 95  ASP A OD1 1 ? 
ATOM   792  O OD2 . ASP A 1 111 ? -16.331 2.266   10.355  1.000 32.193 0 95  ASP A OD2 1 ? 
ATOM   793  N N   . ALA A 1 112 ? -15.968 -1.936  8.098   1.000 23.558 0 96  ALA A N   1 ? 
ATOM   794  C CA  . ALA A 1 112 ? -17.223 -2.589  7.698   1.000 27.846 0 96  ALA A CA  1 ? 
ATOM   795  C C   . ALA A 1 112 ? -18.466 -1.941  8.314   1.000 27.387 0 96  ALA A C   1 ? 
ATOM   796  O O   . ALA A 1 112 ? -19.553 -1.968  7.716   1.000 29.072 0 96  ALA A O   1 ? 
ATOM   797  C CB  . ALA A 1 112 ? -17.169 -4.036  8.084   1.000 32.687 0 96  ALA A CB  1 ? 
ATOM   798  N N   . ALA A 1 113 ? -18.344 -1.353  9.505   1.000 28.998 0 97  ALA A N   1 ? 
ATOM   799  C CA  . ALA A 1 113 ? -19.511 -0.791  10.179  1.000 26.069 0 97  ALA A CA  1 ? 
ATOM   800  C C   . ALA A 1 113 ? -20.157 0.367   9.420   1.000 28.403 0 97  ALA A C   1 ? 
ATOM   801  O O   . ALA A 1 113 ? -21.354 0.640   9.619   1.000 26.889 0 97  ALA A O   1 ? 
ATOM   802  C CB  . ALA A 1 113 ? -19.150 -0.345  11.575  1.000 24.914 0 97  ALA A CB  1 ? 
ATOM   803  N N   . THR A 1 114 ? -19.348 1.093   8.625   1.000 21.741 0 98  THR A N   1 ? 
ATOM   804  C CA  . THR A 1 114 ? -19.764 2.267   7.890   1.000 21.281 0 98  THR A CA  1 ? 
ATOM   805  C C   . THR A 1 114 ? -19.544 2.076   6.382   1.000 20.729 0 98  THR A C   1 ? 
ATOM   806  O O   . THR A 1 114 ? -19.885 2.980   5.648   1.000 20.505 0 98  THR A O   1 ? 
ATOM   807  C CB  . THR A 1 114 ? -19.004 3.485   8.403   1.000 26.972 0 98  THR A CB  1 ? 
ATOM   808  O OG1 . THR A 1 114 ? -17.621 3.203   8.212   1.000 23.407 0 98  THR A OG1 1 ? 
ATOM   809  C CG2 . THR A 1 114 ? -19.319 3.787   9.859   1.000 26.088 0 98  THR A CG2 1 ? 
ATOM   810  N N   . ASP A 1 115 ? -18.981 0.951   5.975   1.000 20.700 0 99  ASP A N   1 ? 
ATOM   811  C CA  . ASP A 1 115 ? -18.622 0.668   4.572   1.000 23.445 0 99  ASP A CA  1 ? 
ATOM   812  C C   . ASP A 1 115 ? -17.792 1.793   3.978   1.000 22.593 0 99  ASP A C   1 ? 
ATOM   813  O O   . ASP A 1 115 ? -18.037 2.243   2.853   1.000 22.133 0 99  ASP A O   1 ? 
ATOM   814  C CB  . ASP A 1 115 ? -19.846 0.463   3.680   1.000 23.425 0 99  ASP A CB  1 ? 
ATOM   815  C CG  . ASP A 1 115 ? -19.549 0.002   2.248   1.000 26.289 0 99  ASP A CG  1 ? 
ATOM   816  O OD1 . ASP A 1 115 ? -18.645 -0.812  2.083   1.000 25.958 0 99  ASP A OD1 1 ? 
ATOM   817  O OD2 . ASP A 1 115 ? -20.266 0.453   1.319   1.000 28.994 0 99  ASP A OD2 1 ? 
ATOM   818  N N   . THR A 1 116 ? -16.781 2.212   4.737   1.000 19.157 0 100 THR A N   1 ? 
ATOM   819  C CA  A THR A 1 116 ? -15.913 3.279   4.258   0.500 20.302 0 100 THR A CA  1 ? 
ATOM   820  C CA  B THR A 1 116 ? -15.902 3.321   4.401   0.500 19.354 0 100 THR A CA  1 ? 
ATOM   821  C C   . THR A 1 116 ? -14.462 2.831   4.249   1.000 18.739 0 100 THR A C   1 ? 
ATOM   822  O O   . THR A 1 116 ? -13.978 2.169   5.146   1.000 18.771 0 100 THR A O   1 ? 
ATOM   823  C CB  A THR A 1 116 ? -16.056 4.580   5.036   0.500 21.024 0 100 THR A CB  1 ? 
ATOM   824  C CB  B THR A 1 116 ? -15.983 4.325   5.544   0.500 18.925 0 100 THR A CB  1 ? 
ATOM   825  O OG1 A THR A 1 116 ? -15.764 4.276   6.393   0.500 20.888 0 100 THR A OG1 1 ? 
ATOM   826  O OG1 B THR A 1 116 ? -17.325 4.797   5.651   0.500 20.487 0 100 THR A OG1 1 ? 
ATOM   827  C CG2 A THR A 1 116 ? -17.414 5.218   4.821   0.500 19.393 0 100 THR A CG2 1 ? 
ATOM   828  C CG2 B THR A 1 116 ? -15.088 5.523   5.296   0.500 18.466 0 100 THR A CG2 1 ? 
ATOM   829  N N   . SER A 1 117 ? -13.768 3.272   3.177   1.000 19.176 0 101 SER A N   1 ? 
ATOM   830  C CA  . SER A 1 117 ? -12.338 3.094   3.017   1.000 19.703 0 101 SER A CA  1 ? 
ATOM   831  C C   . SER A 1 117 ? -11.619 4.413   3.308   1.000 19.618 0 101 SER A C   1 ? 
ATOM   832  O O   . SER A 1 117 ? -12.192 5.510   3.205   1.000 18.911 0 101 SER A O   1 ? 
ATOM   833  C CB  . SER A 1 117 ? -12.016 2.614   1.638   1.000 20.264 0 101 SER A CB  1 ? 
ATOM   834  O OG  . SER A 1 117 ? -12.606 1.360   1.349   1.000 23.658 0 101 SER A OG  1 ? 
ATOM   835  N N   . PHE A 1 118 ? -10.328 4.329   3.599   1.000 17.415 0 102 PHE A N   1 ? 
ATOM   836  C CA  . PHE A 1 118 ? -9.529  5.528   3.781   1.000 19.366 0 102 PHE A CA  1 ? 
ATOM   837  C C   . PHE A 1 118 ? -8.095  5.182   3.431   1.000 17.334 0 102 PHE A C   1 ? 
ATOM   838  O O   . PHE A 1 118 ? -7.765  4.007   3.354   1.000 16.523 0 102 PHE A O   1 ? 
ATOM   839  C CB  . PHE A 1 118 ? -9.577  6.111   5.199   1.000 20.627 0 102 PHE A CB  1 ? 
ATOM   840  C CG  . PHE A 1 118 ? -8.679  5.421   6.227   1.000 24.043 0 102 PHE A CG  1 ? 
ATOM   841  C CD1 . PHE A 1 118 ? -7.332  5.797   6.382   1.000 29.513 0 102 PHE A CD1 1 ? 
ATOM   842  C CD2 . PHE A 1 118 ? -9.140  4.375   6.997   1.000 29.856 0 102 PHE A CD2 1 ? 
ATOM   843  C CE1 . PHE A 1 118 ? -6.499  5.155   7.295   1.000 32.577 0 102 PHE A CE1 1 ? 
ATOM   844  C CE2 . PHE A 1 118 ? -8.309  3.738   7.919   1.000 31.414 0 102 PHE A CE2 1 ? 
ATOM   845  C CZ  . PHE A 1 118 ? -6.987  4.114   8.054   1.000 34.589 0 102 PHE A CZ  1 ? 
ATOM   846  N N   . ASN A 1 119 ? -7.275  6.204   3.181   1.000 17.633 0 103 ASN A N   1 ? 
ATOM   847  C CA  . ASN A 1 119 ? -5.841  5.990   3.045   1.000 19.794 0 103 ASN A CA  1 ? 
ATOM   848  C C   . ASN A 1 119 ? -5.093  7.134   3.738   1.000 19.949 0 103 ASN A C   1 ? 
ATOM   849  O O   . ASN A 1 119 ? -5.600  8.238   3.881   1.000 20.471 0 103 ASN A O   1 ? 
ATOM   850  C CB  . ASN A 1 119 ? -5.465  5.808   1.591   1.000 18.456 0 103 ASN A CB  1 ? 
ATOM   851  C CG  . ASN A 1 119 ? -5.402  7.118   0.863   1.000 22.014 0 103 ASN A CG  1 ? 
ATOM   852  O OD1 . ASN A 1 119 ? -4.349  7.769   0.868   1.000 21.129 0 103 ASN A OD1 1 ? 
ATOM   853  N ND2 . ASN A 1 119 ? -6.491  7.520   0.242   1.000 20.843 0 103 ASN A ND2 1 ? 
ATOM   854  N N   . GLU A 1 120 ? -3.884  6.826   4.233   1.000 21.527 0 104 GLU A N   1 ? 
ATOM   855  C CA  . GLU A 1 120 ? -2.991  7.811   4.836   1.000 21.894 0 104 GLU A CA  1 ? 
ATOM   856  C C   . GLU A 1 120 ? -1.617  7.600   4.212   1.000 21.609 0 104 GLU A C   1 ? 
ATOM   857  O O   . GLU A 1 120 ? -1.123  6.463   4.126   1.000 20.021 0 104 GLU A O   1 ? 
ATOM   858  C CB  . GLU A 1 120 ? -2.857  7.616   6.344   1.000 26.943 0 104 GLU A CB  1 ? 
ATOM   859  C CG  . GLU A 1 120 ? -4.138  7.936   7.106   1.000 35.022 0 104 GLU A CG  1 ? 
ATOM   860  C CD  . GLU A 1 120 ? -4.190  7.314   8.495   1.000 43.551 0 104 GLU A CD  1 ? 
ATOM   861  O OE1 . GLU A 1 120 ? -3.265  6.550   8.870   1.000 50.067 0 104 GLU A OE1 1 ? 
ATOM   862  O OE2 . GLU A 1 120 ? -5.183  7.597   9.205   1.000 50.275 0 104 GLU A OE2 1 ? 
ATOM   863  N N   . ILE A 1 121 ? -0.985  8.688   3.763   1.000 22.477 0 105 ILE A N   1 ? 
ATOM   864  C CA  . ILE A 1 121 ? 0.291   8.566   3.087   1.000 21.216 0 105 ILE A CA  1 ? 
ATOM   865  C C   . ILE A 1 121 ? 1.322   9.366   3.869   1.000 22.930 0 105 ILE A C   1 ? 
ATOM   866  O O   . ILE A 1 121 ? 1.000   10.460  4.329   1.000 24.818 0 105 ILE A O   1 ? 
ATOM   867  C CB  . ILE A 1 121 ? 0.182   9.059   1.644   1.000 22.236 0 105 ILE A CB  1 ? 
ATOM   868  C CG1 . ILE A 1 121 ? -0.804  8.198   0.840   1.000 27.431 0 105 ILE A CG1 1 ? 
ATOM   869  C CG2 . ILE A 1 121 ? 1.529   9.156   0.947   1.000 22.946 0 105 ILE A CG2 1 ? 
ATOM   870  C CD1 . ILE A 1 121 ? -0.996  8.665   -0.585  1.000 29.078 0 105 ILE A CD1 1 ? 
ATOM   871  N N   . LEU A 1 122 ? 2.509   8.767   4.028   1.000 19.677 0 106 LEU A N   1 ? 
ATOM   872  C CA  . LEU A 1 122 ? 3.643   9.411   4.685   1.000 20.736 0 106 LEU A CA  1 ? 
ATOM   873  C C   . LEU A 1 122 ? 4.885   9.300   3.801   1.000 20.686 0 106 LEU A C   1 ? 
ATOM   874  O O   . LEU A 1 122 ? 5.205   8.271   3.190   1.000 20.751 0 106 LEU A O   1 ? 
ATOM   875  C CB  . LEU A 1 122 ? 3.875   8.803   6.073   1.000 21.157 0 106 LEU A CB  1 ? 
ATOM   876  C CG  . LEU A 1 122 ? 2.834   9.123   7.161   1.000 26.324 0 106 LEU A CG  1 ? 
ATOM   877  C CD1 . LEU A 1 122 ? 3.097   8.266   8.374   1.000 28.092 0 106 LEU A CD1 1 ? 
ATOM   878  C CD2 . LEU A 1 122 ? 2.828   10.621  7.535   1.000 27.218 0 106 LEU A CD2 1 ? 
ATOM   879  N N   . VAL A 1 123 ? 5.622   10.423  3.649   1.000 17.821 0 107 VAL A N   1 ? 
ATOM   880  C CA  . VAL A 1 123 ? 6.912   10.418  2.983   1.000 18.797 0 107 VAL A CA  1 ? 
ATOM   881  C C   . VAL A 1 123 ? 7.954   10.818  4.036   1.000 16.624 0 107 VAL A C   1 ? 
ATOM   882  O O   . VAL A 1 123 ? 7.806   11.902  4.606   1.000 17.883 0 107 VAL A O   1 ? 
ATOM   883  C CB  . VAL A 1 123 ? 7.009   11.388  1.795   1.000 21.738 0 107 VAL A CB  1 ? 
ATOM   884  C CG1 . VAL A 1 123 ? 8.345   11.226  1.081   1.000 26.976 0 107 VAL A CG1 1 ? 
ATOM   885  C CG2 . VAL A 1 123 ? 5.859   11.148  0.822   1.000 26.070 0 107 VAL A CG2 1 ? 
ATOM   886  N N   . ASP A 1 124 ? 8.845   9.897   4.393   1.000 16.183 0 108 ASP A N   1 ? 
ATOM   887  C CA  . ASP A 1 124 ? 9.743   10.113  5.531   1.000 18.148 0 108 ASP A CA  1 ? 
ATOM   888  C C   . ASP A 1 124 ? 8.997   10.582  6.757   1.000 20.532 0 108 ASP A C   1 ? 
ATOM   889  O O   . ASP A 1 124 ? 9.466   11.485  7.455   1.000 22.727 0 108 ASP A O   1 ? 
ATOM   890  C CB  . ASP A 1 124 ? 10.824  11.108  5.155   1.000 21.218 0 108 ASP A CB  1 ? 
ATOM   891  C CG  . ASP A 1 124 ? 11.632  10.681  3.945   1.000 29.283 0 108 ASP A CG  1 ? 
ATOM   892  O OD1 . ASP A 1 124 ? 11.988  9.484   3.914   1.000 30.695 0 108 ASP A OD1 1 ? 
ATOM   893  O OD2 . ASP A 1 124 ? 11.868  11.552  3.047   1.000 39.331 0 108 ASP A OD2 1 ? 
ATOM   894  N N   . GLY A 1 125 ? 7.846   9.976   6.988   1.000 19.990 0 109 GLY A N   1 ? 
ATOM   895  C CA  . GLY A 1 125 ? 7.103   10.251  8.198   1.000 22.591 0 109 GLY A CA  1 ? 
ATOM   896  C C   . GLY A 1 125 ? 6.280   11.536  8.135   1.000 25.138 0 109 GLY A C   1 ? 
ATOM   897  O O   . GLY A 1 125 ? 5.755   11.931  9.161   1.000 24.943 0 109 GLY A O   1 ? 
ATOM   898  N N   . LYS A 1 126 ? 6.192   12.195  6.971   1.000 20.052 0 110 LYS A N   1 ? 
ATOM   899  C CA  . LYS A 1 126 ? 5.532   13.486  6.860   1.000 21.652 0 110 LYS A CA  1 ? 
ATOM   900  C C   . LYS A 1 126 ? 4.310   13.397  5.942   1.000 22.949 0 110 LYS A C   1 ? 
ATOM   901  O O   . LYS A 1 126 ? 4.353   12.752  4.899   1.000 21.793 0 110 LYS A O   1 ? 
ATOM   902  C CB  . LYS A 1 126 ? 6.466   14.506  6.224   1.000 24.930 0 110 LYS A CB  1 ? 
ATOM   903  C CG  . LYS A 1 126 ? 7.839   14.636  6.892   1.000 25.298 0 110 LYS A CG  1 ? 
ATOM   904  C CD  . LYS A 1 126 ? 8.627   15.719  6.166   1.000 34.404 0 110 LYS A CD  1 ? 
ATOM   905  C CE  . LYS A 1 126 ? 10.000  16.024  6.702   1.000 41.014 0 110 LYS A CE  1 ? 
ATOM   906  N NZ  . LYS A 1 126 ? 9.993   17.257  7.503   1.000 44.305 0 110 LYS A NZ  1 ? 
ATOM   907  N N   . PRO A 1 127 ? 3.203   14.114  6.264   1.000 26.346 0 111 PRO A N   1 ? 
ATOM   908  C CA  . PRO A 1 127 ? 2.017   14.095  5.413   1.000 27.544 0 111 PRO A CA  1 ? 
ATOM   909  C C   . PRO A 1 127 ? 2.050   15.101  4.258   1.000 28.600 0 111 PRO A C   1 ? 
ATOM   910  O O   . PRO A 1 127 ? 1.142   15.905  4.131   1.000 31.426 0 111 PRO A O   1 ? 
ATOM   911  C CB  . PRO A 1 127 ? 0.878   14.413  6.385   1.000 29.505 0 111 PRO A CB  1 ? 
ATOM   912  C CG  . PRO A 1 127 ? 1.544   15.257  7.459   1.000 31.065 0 111 PRO A CG  1 ? 
ATOM   913  C CD  . PRO A 1 127 ? 3.012   14.835  7.531   1.000 29.227 0 111 PRO A CD  1 ? 
ATOM   914  N N   . VAL A 1 128 ? 3.014   14.971  3.334   1.000 25.904 0 112 VAL A N   1 ? 
ATOM   915  C CA  . VAL A 1 128 ? 3.253   15.985  2.319   1.000 26.080 0 112 VAL A CA  1 ? 
ATOM   916  C C   . VAL A 1 128 ? 2.424   15.712  1.056   1.000 23.756 0 112 VAL A C   1 ? 
ATOM   917  O O   . VAL A 1 128 ? 2.150   16.616  0.272   1.000 25.873 0 112 VAL A O   1 ? 
ATOM   918  C CB  . VAL A 1 128 ? 4.757   16.033  2.011   1.000 28.180 0 112 VAL A CB  1 ? 
ATOM   919  C CG1 . VAL A 1 128 ? 5.543   16.654  3.162   1.000 30.238 0 112 VAL A CG1 1 ? 
ATOM   920  C CG2 . VAL A 1 128 ? 5.318   14.680  1.646   1.000 29.150 0 112 VAL A CG2 1 ? 
ATOM   921  N N   . ILE A 1 129 ? 1.922   14.486  0.900   1.000 24.501 0 113 ILE A N   1 ? 
ATOM   922  C CA  A ILE A 1 129 ? 1.144   14.043  -0.248  0.500 22.238 0 113 ILE A CA  1 ? 
ATOM   923  C CA  B ILE A 1 129 ? 1.034   14.211  -0.217  0.500 22.369 0 113 ILE A CA  1 ? 
ATOM   924  C C   . ILE A 1 129 ? -0.122  13.358  0.288   1.000 20.940 0 113 ILE A C   1 ? 
ATOM   925  O O   . ILE A 1 129 ? -0.066  12.757  1.359   1.000 25.896 0 113 ILE A O   1 ? 
ATOM   926  C CB  A ILE A 1 129 ? 2.016   13.083  -1.089  0.500 21.286 0 113 ILE A CB  1 ? 
ATOM   927  C CB  B ILE A 1 129 ? 1.742   13.590  -1.441  0.500 22.419 0 113 ILE A CB  1 ? 
ATOM   928  C CG1 A ILE A 1 129 ? 3.216   13.821  -1.729  0.500 20.935 0 113 ILE A CG1 1 ? 
ATOM   929  C CG1 B ILE A 1 129 ? 2.295   12.200  -1.178  0.500 20.588 0 113 ILE A CG1 1 ? 
ATOM   930  C CG2 A ILE A 1 129 ? 1.191   12.335  -2.137  0.500 21.136 0 113 ILE A CG2 1 ? 
ATOM   931  C CG2 B ILE A 1 129 ? 2.827   14.516  -1.978  0.500 21.642 0 113 ILE A CG2 1 ? 
ATOM   932  C CD1 A ILE A 1 129 ? 4.217   12.915  -2.424  0.500 21.598 0 113 ILE A CD1 1 ? 
ATOM   933  C CD1 B ILE A 1 129 ? 3.005   11.554  -2.354  0.500 19.531 0 113 ILE A CD1 1 ? 
ATOM   934  N N   . SER A 1 130 ? -1.239  13.466  -0.439  1.000 21.704 0 114 SER A N   1 ? 
ATOM   935  C CA  . SER A 1 130 ? -2.419  12.663  -0.151  1.000 23.290 0 114 SER A CA  1 ? 
ATOM   936  C C   . SER A 1 130 ? -2.989  12.083  -1.456  1.000 23.173 0 114 SER A C   1 ? 
ATOM   937  O O   . SER A 1 130 ? -2.574  12.420  -2.570  1.000 24.760 0 114 SER A O   1 ? 
ATOM   938  C CB  . SER A 1 130 ? -3.415  13.456  0.616   1.000 27.530 0 114 SER A CB  1 ? 
ATOM   939  O OG  . SER A 1 130 ? -3.923  14.480  -0.209  1.000 31.822 0 114 SER A OG  1 ? 
ATOM   940  N N   . PHE A 1 131 ? -3.880  11.079  -1.308  1.000 20.436 0 115 PHE A N   1 ? 
ATOM   941  C CA  . PHE A 1 131 ? -4.566  10.478  -2.434  1.000 22.689 0 115 PHE A CA  1 ? 
ATOM   942  C C   . PHE A 1 131 ? -6.060  10.649  -2.190  1.000 21.789 0 115 PHE A C   1 ? 
ATOM   943  O O   . PHE A 1 131 ? -6.582  10.186  -1.187  1.000 23.332 0 115 PHE A O   1 ? 
ATOM   944  C CB  . PHE A 1 131 ? -4.183  9.000   -2.556  1.000 21.757 0 115 PHE A CB  1 ? 
ATOM   945  C CG  . PHE A 1 131 ? -4.890  8.319   -3.720  1.000 21.720 0 115 PHE A CG  1 ? 
ATOM   946  C CD1 . PHE A 1 131 ? -4.452  8.491   -5.025  1.000 22.850 0 115 PHE A CD1 1 ? 
ATOM   947  C CD2 . PHE A 1 131 ? -5.951  7.450   -3.495  1.000 23.069 0 115 PHE A CD2 1 ? 
ATOM   948  C CE1 . PHE A 1 131 ? -5.083  7.868   -6.091  1.000 24.191 0 115 PHE A CE1 1 ? 
ATOM   949  C CE2 . PHE A 1 131 ? -6.591  6.835   -4.572  1.000 22.345 0 115 PHE A CE2 1 ? 
ATOM   950  C CZ  . PHE A 1 131 ? -6.151  7.039   -5.860  1.000 23.695 0 115 PHE A CZ  1 ? 
ATOM   951  N N   . ASP A 1 132 ? -6.765  11.308  -3.118  1.000 24.685 0 116 ASP A N   1 ? 
ATOM   952  C CA  . ASP A 1 132 ? -8.103  11.781  -2.809  1.000 25.816 0 116 ASP A CA  1 ? 
ATOM   953  C C   . ASP A 1 132 ? -9.175  10.797  -3.247  1.000 29.541 0 116 ASP A C   1 ? 
ATOM   954  O O   . ASP A 1 132 ? -10.361 11.111  -3.166  1.000 32.538 0 116 ASP A O   1 ? 
ATOM   955  C CB  . ASP A 1 132 ? -8.369  13.124  -3.455  1.000 27.434 0 116 ASP A CB  1 ? 
ATOM   956  C CG  . ASP A 1 132 ? -8.391  13.127  -4.977  1.000 28.803 0 116 ASP A CG  1 ? 
ATOM   957  O OD1 . ASP A 1 132 ? -8.324  12.048  -5.612  1.000 30.985 0 116 ASP A OD1 1 ? 
ATOM   958  O OD2 . ASP A 1 132 ? -8.438  14.246  -5.528  1.000 37.641 0 116 ASP A OD2 1 ? 
ATOM   959  N N   . GLY A 1 133 ? -8.753  9.617   -3.684  1.000 27.142 0 117 GLY A N   1 ? 
ATOM   960  C CA  . GLY A 1 133 ? -9.666  8.640   -4.240  1.000 27.882 0 117 GLY A CA  1 ? 
ATOM   961  C C   . GLY A 1 133 ? -9.448  8.489   -5.739  1.000 30.162 0 117 GLY A C   1 ? 
ATOM   962  O O   . GLY A 1 133 ? -9.718  7.431   -6.281  1.000 30.661 0 117 GLY A O   1 ? 
ATOM   963  N N   . GLU A 1 134 ? -9.026  9.560   -6.423  1.000 34.628 0 118 GLU A N   1 ? 
ATOM   964  C CA  . GLU A 1 134 ? -8.803  9.515   -7.863  1.000 35.861 0 118 GLU A CA  1 ? 
ATOM   965  C C   . GLU A 1 134 ? -7.346  9.803   -8.236  1.000 34.172 0 118 GLU A C   1 ? 
ATOM   966  O O   . GLU A 1 134 ? -6.867  9.269   -9.229  1.000 34.530 0 118 GLU A O   1 ? 
ATOM   967  C CB  . GLU A 1 134 ? -9.639  10.554  -8.619  1.000 38.513 0 118 GLU A CB  1 ? 
ATOM   968  C CG  . GLU A 1 134 ? -11.141 10.523  -8.342  1.000 43.043 0 118 GLU A CG  1 ? 
ATOM   969  C CD  . GLU A 1 134 ? -11.834 9.180   -8.468  1.000 50.002 0 118 GLU A CD  1 ? 
ATOM   970  O OE1 . GLU A 1 134 ? -11.592 8.450   -9.453  1.000 51.773 0 118 GLU A OE1 1 ? 
ATOM   971  O OE2 . GLU A 1 134 ? -12.644 8.869   -7.564  1.000 59.400 0 118 GLU A OE2 1 ? 
ATOM   972  N N   . LYS A 1 135 ? -6.658  10.658  -7.453  1.000 29.104 0 119 LYS A N   1 ? 
ATOM   973  C CA  . LYS A 1 135 ? -5.352  11.177  -7.827  1.000 29.974 0 119 LYS A CA  1 ? 
ATOM   974  C C   . LYS A 1 135 ? -4.556  11.534  -6.572  1.000 23.055 0 119 LYS A C   1 ? 
ATOM   975  O O   . LYS A 1 135 ? -5.122  11.852  -5.524  1.000 23.716 0 119 LYS A O   1 ? 
ATOM   976  C CB  . LYS A 1 135 ? -5.452  12.405  -8.740  1.000 31.041 0 119 LYS A CB  1 ? 
ATOM   977  C CG  . LYS A 1 135 ? -6.123  13.615  -8.103  1.000 34.323 0 119 LYS A CG  1 ? 
ATOM   978  C CD  . LYS A 1 135 ? -6.252  14.870  -8.962  1.000 37.829 0 119 LYS A CD  1 ? 
ATOM   979  C CE  . LYS A 1 135 ? -6.969  15.911  -8.140  1.000 41.854 0 119 LYS A CE  1 ? 
ATOM   980  N NZ  . LYS A 1 135 ? -7.298  17.129  -8.885  1.000 49.965 0 119 LYS A NZ  1 ? 
ATOM   981  N N   . PHE A 1 136 ? -3.224  11.585  -6.741  1.000 27.725 0 120 PHE A N   1 ? 
ATOM   982  C CA  . PHE A 1 136 ? -2.347  12.205  -5.766  1.000 25.026 0 120 PHE A CA  1 ? 
ATOM   983  C C   . PHE A 1 136 ? -2.390  13.724  -5.894  1.000 26.335 0 120 PHE A C   1 ? 
ATOM   984  O O   . PHE A 1 136 ? -2.517  14.269  -6.998  1.000 25.961 0 120 PHE A O   1 ? 
ATOM   985  C CB  . PHE A 1 136 ? -0.930  11.663  -5.925  1.000 22.690 0 120 PHE A CB  1 ? 
ATOM   986  C CG  . PHE A 1 136 ? -0.798  10.196  -5.532  1.000 21.367 0 120 PHE A CG  1 ? 
ATOM   987  C CD1 . PHE A 1 136 ? -0.551  9.840   -4.226  1.000 23.224 0 120 PHE A CD1 1 ? 
ATOM   988  C CD2 . PHE A 1 136 ? -0.920  9.194   -6.488  1.000 24.113 0 120 PHE A CD2 1 ? 
ATOM   989  C CE1 . PHE A 1 136 ? -0.395  8.498   -3.872  1.000 24.635 0 120 PHE A CE1 1 ? 
ATOM   990  C CE2 . PHE A 1 136 ? -0.763  7.863   -6.118  1.000 22.427 0 120 PHE A CE2 1 ? 
ATOM   991  C CZ  . PHE A 1 136 ? -0.526  7.537   -4.816  1.000 23.375 0 120 PHE A CZ  1 ? 
ATOM   992  N N   . VAL A 1 137 ? -2.209  14.368  -4.742  1.000 25.646 0 121 VAL A N   1 ? 
ATOM   993  C CA  . VAL A 1 137 ? -2.092  15.814  -4.633  1.000 27.624 0 121 VAL A CA  1 ? 
ATOM   994  C C   . VAL A 1 137 ? -0.990  16.144  -3.626  1.000 27.846 0 121 VAL A C   1 ? 
ATOM   995  O O   . VAL A 1 137 ? -0.892  15.526  -2.563  1.000 24.211 0 121 VAL A O   1 ? 
ATOM   996  C CB  . VAL A 1 137 ? -3.431  16.456  -4.199  1.000 30.956 0 121 VAL A CB  1 ? 
ATOM   997  C CG1 . VAL A 1 137 ? -4.589  16.029  -5.089  1.000 29.559 0 121 VAL A CG1 1 ? 
ATOM   998  C CG2 . VAL A 1 137 ? -3.774  16.153  -2.764  1.000 32.424 0 121 VAL A CG2 1 ? 
ATOM   999  N N   . VAL A 1 138 ? -0.225  17.214  -3.922  1.000 28.623 0 122 VAL A N   1 ? 
ATOM   1000 C CA  . VAL A 1 138 ? 0.636   17.838  -2.924  1.000 29.975 0 122 VAL A CA  1 ? 
ATOM   1001 C C   . VAL A 1 138 ? -0.217  18.651  -1.961  1.000 29.716 0 122 VAL A C   1 ? 
ATOM   1002 O O   . VAL A 1 138 ? -0.994  19.520  -2.382  1.000 32.032 0 122 VAL A O   1 ? 
ATOM   1003 C CB  . VAL A 1 138 ? 1.712   18.742  -3.555  1.000 26.912 0 122 VAL A CB  1 ? 
ATOM   1004 C CG1 . VAL A 1 138 ? 2.658   19.357  -2.527  1.000 31.856 0 122 VAL A CG1 1 ? 
ATOM   1005 C CG2 . VAL A 1 138 ? 2.500   18.023  -4.636  1.000 30.111 0 122 VAL A CG2 1 ? 
ATOM   1006 N N   . ASN A 1 139 ? -0.053  18.388  -0.666  1.000 29.398 0 123 ASN A N   1 ? 
ATOM   1007 C CA  . ASN A 1 139 ? -0.880  19.045  0.330   1.000 30.230 0 123 ASN A CA  1 ? 
ATOM   1008 C C   . ASN A 1 139 ? -0.400  20.476  0.541   1.000 34.472 0 123 ASN A C   1 ? 
ATOM   1009 O O   . ASN A 1 139 ? 0.716   20.803  0.156   1.000 34.889 0 123 ASN A O   1 ? 
ATOM   1010 C CB  . ASN A 1 139 ? -0.902  18.311  1.653   1.000 31.521 0 123 ASN A CB  1 ? 
ATOM   1011 C CG  . ASN A 1 139 ? -1.595  16.980  1.526   1.000 26.259 0 123 ASN A CG  1 ? 
ATOM   1012 O OD1 . ASN A 1 139 ? -2.560  16.843  0.761   1.000 32.521 0 123 ASN A OD1 1 ? 
ATOM   1013 N ND2 . ASN A 1 139 ? -1.078  15.988  2.227   1.000 31.425 0 123 ASN A ND2 1 ? 
ATOM   1014 N N   . GLU A 1 140 ? -1.267  21.274  1.172   1.000 37.763 0 124 GLU A N   1 ? 
ATOM   1015 C CA  . GLU A 1 140 ? -1.014  22.695  1.407   1.000 42.541 0 124 GLU A CA  1 ? 
ATOM   1016 C C   . GLU A 1 140 ? 0.179   22.896  2.326   1.000 42.307 0 124 GLU A C   1 ? 
ATOM   1017 O O   . GLU A 1 140 ? 0.168   22.413  3.455   1.000 44.119 0 124 GLU A O   1 ? 
ATOM   1018 C CB  . GLU A 1 140 ? -2.191  23.353  2.131   1.000 50.696 0 124 GLU A CB  1 ? 
ATOM   1019 C CG  . GLU A 1 140 ? -3.436  23.478  1.261   1.000 56.617 0 124 GLU A CG  1 ? 
ATOM   1020 C CD  . GLU A 1 140 ? -3.120  24.083  -0.093  1.000 65.070 0 124 GLU A CD  1 ? 
ATOM   1021 O OE1 . GLU A 1 140 ? -3.604  23.555  -1.120  1.000 76.219 0 124 GLU A OE1 1 ? 
ATOM   1022 O OE2 . GLU A 1 140 ? -2.348  25.068  -0.118  1.000 71.541 0 124 GLU A OE2 1 ? 
ATOM   1023 N N   . GLY A 1 141 ? 1.174   23.659  1.849   1.000 43.010 0 125 GLY A N   1 ? 
ATOM   1024 C CA  . GLY A 1 141 ? 2.313   24.035  2.665   1.000 43.005 0 125 GLY A CA  1 ? 
ATOM   1025 C C   . GLY A 1 141 ? 3.483   23.085  2.443   1.000 46.161 0 125 GLY A C   1 ? 
ATOM   1026 O O   . GLY A 1 141 ? 4.596   23.364  2.870   1.000 49.972 0 125 GLY A O   1 ? 
ATOM   1027 N N   . ALA A 1 142 ? 3.232   21.963  1.757   1.000 45.430 0 126 ALA A N   1 ? 
ATOM   1028 C CA  . ALA A 1 142 ? 4.254   20.952  1.560   1.000 45.404 0 126 ALA A CA  1 ? 
ATOM   1029 C C   . ALA A 1 142 ? 5.311   21.442  0.570   1.000 44.724 0 126 ALA A C   1 ? 
ATOM   1030 O O   . ALA A 1 142 ? 5.037   22.276  -0.290  1.000 41.206 0 126 ALA A O   1 ? 
ATOM   1031 C CB  . ALA A 1 142 ? 3.609   19.655  1.086   1.000 47.749 0 126 ALA A CB  1 ? 
ATOM   1032 N N   . PRO A 1 143 ? 6.550   20.913  0.657   1.000 45.202 0 127 PRO A N   1 ? 
ATOM   1033 C CA  . PRO A 1 143 ? 7.618   21.313  -0.251  1.000 44.475 0 127 PRO A CA  1 ? 
ATOM   1034 C C   . PRO A 1 143 ? 7.219   21.237  -1.723  1.000 45.283 0 127 PRO A C   1 ? 
ATOM   1035 O O   . PRO A 1 143 ? 6.504   20.335  -2.153  1.000 40.367 0 127 PRO A O   1 ? 
ATOM   1036 C CB  . PRO A 1 143 ? 8.750   20.342  0.061   1.000 45.517 0 127 PRO A CB  1 ? 
ATOM   1037 C CG  . PRO A 1 143 ? 8.479   19.900  1.486   1.000 45.958 0 127 PRO A CG  1 ? 
ATOM   1038 C CD  . PRO A 1 143 ? 6.981   19.886  1.623   1.000 46.795 0 127 PRO A CD  1 ? 
ATOM   1039 N N   . LYS A 1 144 ? 7.728   22.200  -2.489  1.000 44.151 0 128 LYS A N   1 ? 
ATOM   1040 C CA  . LYS A 1 144 ? 7.417   22.335  -3.897  1.000 46.665 0 128 LYS A CA  1 ? 
ATOM   1041 C C   . LYS A 1 144 ? 8.068   21.186  -4.655  1.000 41.390 0 128 LYS A C   1 ? 
ATOM   1042 O O   . LYS A 1 144 ? 7.637   20.864  -5.752  1.000 42.600 0 128 LYS A O   1 ? 
ATOM   1043 C CB  . LYS A 1 144 ? 7.907   23.715  -4.367  1.000 52.915 0 128 LYS A CB  1 ? 
ATOM   1044 C CG  . LYS A 1 144 ? 7.178   24.287  -5.575  1.000 61.018 0 128 LYS A CG  1 ? 
ATOM   1045 C CD  . LYS A 1 144 ? 7.579   25.716  -5.928  1.000 69.744 0 128 LYS A CD  1 ? 
ATOM   1046 C CE  . LYS A 1 144 ? 6.718   26.273  -7.023  1.000 75.494 0 128 LYS A CE  1 ? 
ATOM   1047 N NZ  . LYS A 1 144 ? 7.061   27.663  -7.336  1.000 79.792 0 128 LYS A NZ  1 ? 
ATOM   1048 N N   . GLU A 1 145 ? 9.093   20.557  -4.069  1.000 37.941 0 129 GLU A N   1 ? 
ATOM   1049 C CA  . GLU A 1 145 ? 9.824   19.486  -4.739  1.000 44.334 0 129 GLU A CA  1 ? 
ATOM   1050 C C   . GLU A 1 145 ? 8.975   18.216  -4.898  1.000 45.127 0 129 GLU A C   1 ? 
ATOM   1051 O O   . GLU A 1 145 ? 9.361   17.299  -5.633  1.000 43.265 0 129 GLU A O   1 ? 
ATOM   1052 C CB  . GLU A 1 145 ? 11.142  19.127  -4.046  1.000 49.346 0 129 GLU A CB  1 ? 
ATOM   1053 C CG  . GLU A 1 145 ? 11.083  19.124  -2.521  1.000 56.786 0 129 GLU A CG  1 ? 
ATOM   1054 C CD  . GLU A 1 145 ? 11.571  20.423  -1.902  1.000 61.608 0 129 GLU A CD  1 ? 
ATOM   1055 O OE1 . GLU A 1 145 ? 12.543  20.328  -1.122  1.000 68.701 0 129 GLU A OE1 1 ? 
ATOM   1056 O OE2 . GLU A 1 145 ? 11.000  21.506  -2.185  1.000 57.906 0 129 GLU A OE2 1 ? 
ATOM   1057 N N   . PHE A 1 146 ? 7.811   18.174  -4.236  1.000 41.103 0 130 PHE A N   1 ? 
ATOM   1058 C CA  . PHE A 1 146 ? 6.898   17.050  -4.398  1.000 37.055 0 130 PHE A CA  1 ? 
ATOM   1059 C C   . PHE A 1 146 ? 6.006   17.184  -5.632  1.000 40.281 0 130 PHE A C   1 ? 
ATOM   1060 O O   . PHE A 1 146 ? 5.369   16.214  -6.031  1.000 38.818 0 130 PHE A O   1 ? 
ATOM   1061 C CB  . PHE A 1 146 ? 6.115   16.857  -3.102  1.000 32.645 0 130 PHE A CB  1 ? 
ATOM   1062 C CG  . PHE A 1 146 ? 7.008   16.178  -2.079  1.000 32.403 0 130 PHE A CG  1 ? 
ATOM   1063 C CD1 . PHE A 1 146 ? 7.451   14.873  -2.284  1.000 31.747 0 130 PHE A CD1 1 ? 
ATOM   1064 C CD2 . PHE A 1 146 ? 7.419   16.849  -0.936  1.000 34.959 0 130 PHE A CD2 1 ? 
ATOM   1065 C CE1 . PHE A 1 146 ? 8.274   14.254  -1.349  1.000 35.552 0 130 PHE A CE1 1 ? 
ATOM   1066 C CE2 . PHE A 1 146 ? 8.265   16.232  -0.025  1.000 34.316 0 130 PHE A CE2 1 ? 
ATOM   1067 C CZ  . PHE A 1 146 ? 8.681   14.943  -0.228  1.000 33.314 0 130 PHE A CZ  1 ? 
ATOM   1068 N N   . GLU A 1 147 ? 5.965   18.361  -6.262  1.000 41.288 0 131 GLU A N   1 ? 
ATOM   1069 C CA  . GLU A 1 147 ? 5.113   18.548  -7.425  1.000 42.579 0 131 GLU A CA  1 ? 
ATOM   1070 C C   . GLU A 1 147 ? 5.512   17.589  -8.553  1.000 41.232 0 131 GLU A C   1 ? 
ATOM   1071 O O   . GLU A 1 147 ? 4.634   16.935  -9.107  1.000 35.021 0 131 GLU A O   1 ? 
ATOM   1072 C CB  . GLU A 1 147 ? 5.045   20.029  -7.792  1.000 46.927 0 131 GLU A CB  1 ? 
ATOM   1073 C CG  . GLU A 1 147 ? 4.221   20.833  -6.787  1.000 52.144 0 131 GLU A CG  1 ? 
ATOM   1074 C CD  . GLU A 1 147 ? 4.351   22.345  -6.895  1.000 63.561 0 131 GLU A CD  1 ? 
ATOM   1075 O OE1 . GLU A 1 147 ? 5.139   22.826  -7.741  1.000 66.761 0 131 GLU A OE1 1 ? 
ATOM   1076 O OE2 . GLU A 1 147 ? 3.665   23.047  -6.118  1.000 73.108 0 131 GLU A OE2 1 ? 
ATOM   1077 N N   . PRO A 1 148 ? 6.808   17.424  -8.914  1.000 39.374 0 132 PRO A N   1 ? 
ATOM   1078 C CA  . PRO A 1 148 ? 7.192   16.485  -9.972  1.000 38.307 0 132 PRO A CA  1 ? 
ATOM   1079 C C   . PRO A 1 148 ? 6.914   15.011  -9.661  1.000 42.019 0 132 PRO A C   1 ? 
ATOM   1080 O O   . PRO A 1 148 ? 6.685   14.205  -10.570 1.000 37.378 0 132 PRO A O   1 ? 
ATOM   1081 C CB  . PRO A 1 148 ? 8.683   16.793  -10.181 1.000 39.281 0 132 PRO A CB  1 ? 
ATOM   1082 C CG  . PRO A 1 148 ? 9.128   17.417  -8.871  1.000 39.197 0 132 PRO A CG  1 ? 
ATOM   1083 C CD  . PRO A 1 148 ? 7.962   18.183  -8.380  1.000 36.247 0 132 PRO A CD  1 ? 
ATOM   1084 N N   . VAL A 1 149 ? 6.935   14.673  -8.366  1.000 32.314 0 133 VAL A N   1 ? 
ATOM   1085 C CA  . VAL A 1 149 ? 6.713   13.322  -7.903  1.000 39.511 0 133 VAL A CA  1 ? 
ATOM   1086 C C   . VAL A 1 149 ? 5.234   12.998  -8.082  1.000 36.660 0 133 VAL A C   1 ? 
ATOM   1087 O O   . VAL A 1 149 ? 4.905   11.930  -8.590  1.000 34.222 0 133 VAL A O   1 ? 
ATOM   1088 C CB  . VAL A 1 149 ? 7.155   13.190  -6.436  1.000 39.894 0 133 VAL A CB  1 ? 
ATOM   1089 C CG1 . VAL A 1 149 ? 6.720   11.872  -5.799  1.000 40.290 0 133 VAL A CG1 1 ? 
ATOM   1090 C CG2 . VAL A 1 149 ? 8.664   13.354  -6.303  1.000 43.352 0 133 VAL A CG2 1 ? 
ATOM   1091 N N   . VAL A 1 150 ? 4.360   13.906  -7.625  1.000 36.148 0 134 VAL A N   1 ? 
ATOM   1092 C CA  . VAL A 1 150 ? 2.917   13.702  -7.746  1.000 33.523 0 134 VAL A CA  1 ? 
ATOM   1093 C C   . VAL A 1 150 ? 2.566   13.597  -9.230  1.000 34.158 0 134 VAL A C   1 ? 
ATOM   1094 O O   . VAL A 1 150 ? 1.772   12.746  -9.618  1.000 27.254 0 134 VAL A O   1 ? 
ATOM   1095 C CB  . VAL A 1 150 ? 2.086   14.787  -7.022  1.000 32.901 0 134 VAL A CB  1 ? 
ATOM   1096 C CG1 . VAL A 1 150 ? 0.643   14.856  -7.505  1.000 35.721 0 134 VAL A CG1 1 ? 
ATOM   1097 C CG2 . VAL A 1 150 ? 2.119   14.610  -5.504  1.000 34.685 0 134 VAL A CG2 1 ? 
ATOM   1098 N N   . GLU A 1 151 ? 3.183   14.427  -10.075 1.000 31.545 0 135 GLU A N   1 ? 
ATOM   1099 C CA  . GLU A 1 151 ? 2.959   14.373  -11.512 1.000 36.732 0 135 GLU A CA  1 ? 
ATOM   1100 C C   . GLU A 1 151 ? 3.330   12.996  -12.055 1.000 33.876 0 135 GLU A C   1 ? 
ATOM   1101 O O   . GLU A 1 151 ? 2.592   12.414  -12.841 1.000 36.148 0 135 GLU A O   1 ? 
ATOM   1102 C CB  . GLU A 1 151 ? 3.739   15.523  -12.152 1.000 41.189 0 135 GLU A CB  1 ? 
ATOM   1103 C CG  . GLU A 1 151 ? 3.131   16.883  -11.809 1.000 49.299 0 135 GLU A CG  1 ? 
ATOM   1104 C CD  . GLU A 1 151 ? 4.006   18.105  -12.066 1.000 58.762 0 135 GLU A CD  1 ? 
ATOM   1105 O OE1 . GLU A 1 151 ? 5.117   17.933  -12.627 1.000 61.226 0 135 GLU A OE1 1 ? 
ATOM   1106 O OE2 . GLU A 1 151 ? 3.577   19.230  -11.697 1.000 58.591 0 135 GLU A OE2 1 ? 
ATOM   1107 N N   . GLU A 1 152 ? 4.480   12.461  -11.618 1.000 32.022 0 136 GLU A N   1 ? 
ATOM   1108 C CA  . GLU A 1 152 ? 4.954   11.166  -12.074 1.000 31.388 0 136 GLU A CA  1 ? 
ATOM   1109 C C   . GLU A 1 152 ? 4.054   10.049  -11.540 1.000 31.474 0 136 GLU A C   1 ? 
ATOM   1110 O O   . GLU A 1 152 ? 3.841   9.053   -12.219 1.000 28.413 0 136 GLU A O   1 ? 
ATOM   1111 C CB  . GLU A 1 152 ? 6.357   10.901  -11.532 1.000 35.156 0 136 GLU A CB  1 ? 
ATOM   1112 C CG  . GLU A 1 152 ? 7.476   11.539  -12.341 1.000 37.687 0 136 GLU A CG  1 ? 
ATOM   1113 C CD  . GLU A 1 152 ? 7.983   10.701  -13.491 1.000 43.323 0 136 GLU A CD  1 ? 
ATOM   1114 O OE1 . GLU A 1 152 ? 9.077   11.016  -14.016 1.000 48.036 0 136 GLU A OE1 1 ? 
ATOM   1115 O OE2 . GLU A 1 152 ? 7.295   9.744   -13.876 1.000 49.297 0 136 GLU A OE2 1 ? 
ATOM   1116 N N   . LEU A 1 153 ? 3.571   10.187  -10.308 1.000 26.540 0 137 LEU A N   1 ? 
ATOM   1117 C CA  . LEU A 1 153 ? 2.590   9.236   -9.798  1.000 26.280 0 137 LEU A CA  1 ? 
ATOM   1118 C C   . LEU A 1 153 ? 1.321   9.264   -10.654 1.000 25.594 0 137 LEU A C   1 ? 
ATOM   1119 O O   . LEU A 1 153 ? 0.824   8.203   -11.012 1.000 26.709 0 137 LEU A O   1 ? 
ATOM   1120 C CB  . LEU A 1 153 ? 2.269   9.456   -8.324  1.000 24.785 0 137 LEU A CB  1 ? 
ATOM   1121 C CG  . LEU A 1 153 ? 3.390   9.119   -7.338  1.000 24.871 0 137 LEU A CG  1 ? 
ATOM   1122 C CD1 . LEU A 1 153 ? 3.045   9.591   -5.966  1.000 22.849 0 137 LEU A CD1 1 ? 
ATOM   1123 C CD2 . LEU A 1 153 ? 3.660   7.626   -7.244  1.000 27.107 0 137 LEU A CD2 1 ? 
ATOM   1124 N N   . ASN A 1 154 ? 0.774   10.447  -10.930 1.000 26.216 0 138 ASN A N   1 ? 
ATOM   1125 C CA  . ASN A 1 154 ? -0.537  10.521  -11.575 1.000 27.662 0 138 ASN A CA  1 ? 
ATOM   1126 C C   . ASN A 1 154 ? -0.422  10.135  -13.049 1.000 33.209 0 138 ASN A C   1 ? 
ATOM   1127 O O   . ASN A 1 154 ? -1.388  9.675   -13.665 1.000 31.436 0 138 ASN A O   1 ? 
ATOM   1128 C CB  . ASN A 1 154 ? -1.189  11.888  -11.417 1.000 28.825 0 138 ASN A CB  1 ? 
ATOM   1129 C CG  . ASN A 1 154 ? -1.612  12.202  -10.004 1.000 27.686 0 138 ASN A CG  1 ? 
ATOM   1130 O OD1 . ASN A 1 154 ? -1.999  11.322  -9.222  1.000 30.323 0 138 ASN A OD1 1 ? 
ATOM   1131 N ND2 . ASN A 1 154 ? -1.499  13.462  -9.617  1.000 32.708 0 138 ASN A ND2 1 ? 
ATOM   1132 N N   . ALA A 1 155 ? 0.796   10.250  -13.591 1.000 31.962 0 139 ALA A N   1 ? 
ATOM   1133 C CA  . ALA A 1 155 ? 1.070   9.847   -14.956 1.000 29.995 0 139 ALA A CA  1 ? 
ATOM   1134 C C   . ALA A 1 155 ? 0.999   8.330   -15.119 1.000 28.179 0 139 ALA A C   1 ? 
ATOM   1135 O O   . ALA A 1 155 ? 0.769   7.870   -16.236 1.000 28.454 0 139 ALA A O   1 ? 
ATOM   1136 C CB  . ALA A 1 155 ? 2.423   10.386  -15.419 1.000 30.086 0 139 ALA A CB  1 ? 
ATOM   1137 N N   . ASN A 1 156 ? 1.188   7.561   -14.022 1.000 26.805 0 140 ASN A N   1 ? 
ATOM   1138 C CA  . ASN A 1 156 ? 1.247   6.114   -14.091 1.000 25.564 0 140 ASN A CA  1 ? 
ATOM   1139 C C   . ASN A 1 156 ? -0.184  5.613   -13.893 1.000 24.013 0 140 ASN A C   1 ? 
ATOM   1140 O O   . ASN A 1 156 ? -0.627  5.539   -12.762 1.000 22.091 0 140 ASN A O   1 ? 
ATOM   1141 C CB  . ASN A 1 156 ? 2.224   5.535   -13.076 1.000 25.347 0 140 ASN A CB  1 ? 
ATOM   1142 C CG  . ASN A 1 156 ? 2.404   4.040   -13.205 1.000 28.868 0 140 ASN A CG  1 ? 
ATOM   1143 O OD1 . ASN A 1 156 ? 1.486   3.329   -13.619 1.000 27.534 0 140 ASN A OD1 1 ? 
ATOM   1144 N ND2 . ASN A 1 156 ? 3.614   3.542   -12.974 1.000 30.644 0 140 ASN A ND2 1 ? 
ATOM   1145 N N   . LYS A 1 157 ? -0.952  5.455   -14.981 1.000 24.033 0 141 LYS A N   1 ? 
ATOM   1146 C CA  . LYS A 1 157 ? -2.380  5.231   -14.886 1.000 26.146 0 141 LYS A CA  1 ? 
ATOM   1147 C C   . LYS A 1 157 ? -2.650  3.851   -14.285 1.000 23.835 0 141 LYS A C   1 ? 
ATOM   1148 O O   . LYS A 1 157 ? -3.651  3.721   -13.589 1.000 23.219 0 141 LYS A O   1 ? 
ATOM   1149 C CB  . LYS A 1 157 ? -3.154  5.277   -16.212 1.000 26.473 0 141 LYS A CB  1 ? 
ATOM   1150 C CG  . LYS A 1 157 ? -3.072  6.580   -16.974 1.000 31.578 0 141 LYS A CG  1 ? 
ATOM   1151 C CD  . LYS A 1 157 ? -3.371  7.818   -16.150 1.000 37.653 0 141 LYS A CD  1 ? 
ATOM   1152 C CE  . LYS A 1 157 ? -3.468  9.005   -17.059 1.000 46.044 0 141 LYS A CE  1 ? 
ATOM   1153 N NZ  . LYS A 1 157 ? -4.062  10.151  -16.363 1.000 49.567 0 141 LYS A NZ  1 ? 
ATOM   1154 N N   . GLU A 1 158 ? -1.770  2.870   -14.521 1.000 21.479 0 142 GLU A N   1 ? 
ATOM   1155 C CA  . GLU A 1 158 ? -1.877  1.542   -13.916 1.000 24.194 0 142 GLU A CA  1 ? 
ATOM   1156 C C   . GLU A 1 158 ? -1.729  1.634   -12.386 1.000 21.103 0 142 GLU A C   1 ? 
ATOM   1157 O O   . GLU A 1 158 ? -2.489  0.993   -11.631 1.000 20.715 0 142 GLU A O   1 ? 
ATOM   1158 C CB  . GLU A 1 158 ? -0.941  0.455   -14.479 1.000 26.096 0 142 GLU A CB  1 ? 
ATOM   1159 C CG  . GLU A 1 158 ? -1.285  -0.007  -15.901 1.000 31.401 0 142 GLU A CG  1 ? 
ATOM   1160 C CD  . GLU A 1 158 ? -0.453  -1.145  -16.505 1.000 33.981 0 142 GLU A CD  1 ? 
ATOM   1161 O OE1 . GLU A 1 158 ? -0.929  -1.812  -17.454 1.000 31.790 0 142 GLU A OE1 1 ? 
ATOM   1162 O OE2 . GLU A 1 158 ? 0.681   -1.406  -16.020 1.000 37.262 0 142 GLU A OE2 1 ? 
ATOM   1163 N N   . LEU A 1 159 ? -0.701  2.333   -11.883 1.000 19.972 0 143 LEU A N   1 ? 
ATOM   1164 C CA  . LEU A 1 159 ? -0.545  2.522   -10.432 1.000 19.351 0 143 LEU A CA  1 ? 
ATOM   1165 C C   . LEU A 1 159 ? -1.822  3.102   -9.800  1.000 19.457 0 143 LEU A C   1 ? 
ATOM   1166 O O   . LEU A 1 159 ? -2.283  2.661   -8.729  1.000 16.397 0 143 LEU A O   1 ? 
ATOM   1167 C CB  . LEU A 1 159 ? 0.674   3.425   -10.217 1.000 20.376 0 143 LEU A CB  1 ? 
ATOM   1168 C CG  . LEU A 1 159 ? 1.202   3.648   -8.795  1.000 21.184 0 143 LEU A CG  1 ? 
ATOM   1169 C CD1 . LEU A 1 159 ? 2.653   4.101   -8.901  1.000 21.920 0 143 LEU A CD1 1 ? 
ATOM   1170 C CD2 . LEU A 1 159 ? 0.365   4.634   -8.049  1.000 21.260 0 143 LEU A CD2 1 ? 
ATOM   1171 N N   . ILE A 1 160 ? -2.397  4.146   -10.395 1.000 17.919 0 144 ILE A N   1 ? 
ATOM   1172 C CA  . ILE A 1 160 ? -3.584  4.816   -9.902  1.000 18.944 0 144 ILE A CA  1 ? 
ATOM   1173 C C   . ILE A 1 160 ? -4.785  3.875   -9.940  1.000 18.143 0 144 ILE A C   1 ? 
ATOM   1174 O O   . ILE A 1 160 ? -5.468  3.762   -8.937  1.000 17.240 0 144 ILE A O   1 ? 
ATOM   1175 C CB  . ILE A 1 160 ? -3.831  6.127   -10.683 1.000 23.685 0 144 ILE A CB  1 ? 
ATOM   1176 C CG1 . ILE A 1 160 ? -2.667  7.099   -10.444 1.000 24.706 0 144 ILE A CG1 1 ? 
ATOM   1177 C CG2 . ILE A 1 160 ? -5.175  6.731   -10.306 1.000 25.805 0 144 ILE A CG2 1 ? 
ATOM   1178 C CD1 . ILE A 1 160 ? -2.596  7.714   -9.063  1.000 29.168 0 144 ILE A CD1 1 ? 
ATOM   1179 N N   . GLU A 1 161 ? -4.997  3.196   -11.077 1.000 17.528 0 145 GLU A N   1 ? 
ATOM   1180 C CA  . GLU A 1 161 ? -6.113  2.267   -11.214 1.000 16.899 0 145 GLU A CA  1 ? 
ATOM   1181 C C   . GLU A 1 161 ? -5.989  1.184   -10.139 1.000 16.465 0 145 GLU A C   1 ? 
ATOM   1182 O O   . GLU A 1 161 ? -6.999  0.800   -9.514  1.000 14.665 0 145 GLU A O   1 ? 
ATOM   1183 C CB  . GLU A 1 161 ? -6.123  1.649   -12.610 1.000 18.150 0 145 GLU A CB  1 ? 
ATOM   1184 C CG  . GLU A 1 161 ? -7.388  0.845   -12.905 1.000 19.796 0 145 GLU A CG  1 ? 
ATOM   1185 C CD  . GLU A 1 161 ? -7.314  -0.597  -12.482 1.000 19.844 0 145 GLU A CD  1 ? 
ATOM   1186 O OE1 . GLU A 1 161 ? -6.240  -1.090  -12.095 1.000 19.333 0 145 GLU A OE1 1 ? 
ATOM   1187 O OE2 . GLU A 1 161 ? -8.417  -1.254  -12.526 1.000 18.378 0 145 GLU A OE2 1 ? 
ATOM   1188 N N   . GLY A 1 162 ? -4.756  0.695   -9.925  1.000 15.194 0 146 GLY A N   1 ? 
ATOM   1189 C CA  . GLY A 1 162 ? -4.541  -0.402  -8.988  1.000 14.194 0 146 GLY A CA  1 ? 
ATOM   1190 C C   . GLY A 1 162 ? -4.858  0.044   -7.574  1.000 14.938 0 146 GLY A C   1 ? 
ATOM   1191 O O   . GLY A 1 162 ? -5.482  -0.727  -6.804  1.000 14.667 0 146 GLY A O   1 ? 
ATOM   1192 N N   . LEU A 1 163 ? -4.414  1.257   -7.213  1.000 14.462 0 147 LEU A N   1 ? 
ATOM   1193 C CA  . LEU A 1 163 ? -4.657  1.727   -5.849  1.000 13.635 0 147 LEU A CA  1 ? 
ATOM   1194 C C   . LEU A 1 163 ? -6.150  1.871   -5.606  1.000 14.870 0 147 LEU A C   1 ? 
ATOM   1195 O O   . LEU A 1 163 ? -6.674  1.482   -4.567  1.000 14.828 0 147 LEU A O   1 ? 
ATOM   1196 C CB  . LEU A 1 163 ? -3.887  3.048   -5.639  1.000 15.703 0 147 LEU A CB  1 ? 
ATOM   1197 C CG  . LEU A 1 163 ? -4.049  3.700   -4.260  1.000 16.524 0 147 LEU A CG  1 ? 
ATOM   1198 C CD1 . LEU A 1 163 ? -3.774  2.714   -3.137  1.000 17.093 0 147 LEU A CD1 1 ? 
ATOM   1199 C CD2 . LEU A 1 163 ? -3.084  4.856   -4.139  1.000 18.573 0 147 LEU A CD2 1 ? 
ATOM   1200 N N   . LYS A 1 164 ? -6.872  2.447   -6.589  1.000 14.811 0 148 LYS A N   1 ? 
ATOM   1201 C CA  A LYS A 1 164 ? -8.307  2.589   -6.501  0.500 14.615 0 148 LYS A CA  1 ? 
ATOM   1202 C CA  B LYS A 1 164 ? -8.312  2.590   -6.501  0.500 15.465 0 148 LYS A CA  1 ? 
ATOM   1203 C C   . LYS A 1 164 ? -8.968  1.215   -6.345  1.000 13.054 0 148 LYS A C   1 ? 
ATOM   1204 O O   . LYS A 1 164 ? -9.890  1.062   -5.541  1.000 15.095 0 148 LYS A O   1 ? 
ATOM   1205 C CB  A LYS A 1 164 ? -8.835  3.339   -7.720  0.500 15.579 0 148 LYS A CB  1 ? 
ATOM   1206 C CB  B LYS A 1 164 ? -8.886  3.345   -7.702  0.500 17.873 0 148 LYS A CB  1 ? 
ATOM   1207 C CG  A LYS A 1 164 ? -10.230 3.819   -7.489  0.500 15.730 0 148 LYS A CG  1 ? 
ATOM   1208 C CG  B LYS A 1 164 ? -8.487  4.807   -7.771  0.500 19.724 0 148 LYS A CG  1 ? 
ATOM   1209 C CD  A LYS A 1 164 ? -10.861 4.534   -8.682  0.500 18.757 0 148 LYS A CD  1 ? 
ATOM   1210 C CD  B LYS A 1 164 ? -9.335  5.550   -8.807  0.500 25.213 0 148 LYS A CD  1 ? 
ATOM   1211 C CE  A LYS A 1 164 ? -12.275 4.974   -8.424  0.500 22.399 0 148 LYS A CE  1 ? 
ATOM   1212 C CE  B LYS A 1 164 ? -8.848  5.579   -10.212 0.500 28.392 0 148 LYS A CE  1 ? 
ATOM   1213 N NZ  A LYS A 1 164 ? -12.712 5.889   -9.484  0.500 25.976 0 148 LYS A NZ  1 ? 
ATOM   1214 N NZ  B LYS A 1 164 ? -9.723  6.404   -11.060 0.500 28.662 0 148 LYS A NZ  1 ? 
ATOM   1215 N N   . PHE A 1 165 ? -8.494  0.225   -7.071  1.000 13.195 0 149 PHE A N   1 ? 
ATOM   1216 C CA  . PHE A 1 165 ? -9.101  -1.087  -6.988  1.000 13.135 0 149 PHE A CA  1 ? 
ATOM   1217 C C   . PHE A 1 165 ? -8.818  -1.708  -5.621  1.000 14.515 0 149 PHE A C   1 ? 
ATOM   1218 O O   . PHE A 1 165 ? -9.685  -2.389  -5.081  1.000 13.163 0 149 PHE A O   1 ? 
ATOM   1219 C CB  . PHE A 1 165 ? -8.589  -1.939  -8.149  1.000 12.655 0 149 PHE A CB  1 ? 
ATOM   1220 C CG  . PHE A 1 165 ? -9.362  -3.207  -8.368  1.000 13.539 0 149 PHE A CG  1 ? 
ATOM   1221 C CD1 . PHE A 1 165 ? -10.670 -3.141  -8.811  1.000 13.036 0 149 PHE A CD1 1 ? 
ATOM   1222 C CD2 . PHE A 1 165 ? -8.759  -4.395  -8.122  1.000 14.543 0 149 PHE A CD2 1 ? 
ATOM   1223 C CE1 . PHE A 1 165 ? -11.356 -4.328  -9.038  1.000 16.208 0 149 PHE A CE1 1 ? 
ATOM   1224 C CE2 . PHE A 1 165 ? -9.457  -5.555  -8.344  1.000 17.573 0 149 PHE A CE2 1 ? 
ATOM   1225 C CZ  . PHE A 1 165 ? -10.715 -5.498  -8.803  1.000 14.075 0 149 PHE A CZ  1 ? 
ATOM   1226 N N   . PHE A 1 166 ? -7.617  -1.532  -5.063  1.000 12.223 0 150 PHE A N   1 ? 
ATOM   1227 C CA  . PHE A 1 166 ? -7.389  -2.013  -3.697  1.000 13.671 0 150 PHE A CA  1 ? 
ATOM   1228 C C   . PHE A 1 166 ? -8.293  -1.300  -2.702  1.000 12.763 0 150 PHE A C   1 ? 
ATOM   1229 O O   . PHE A 1 166 ? -8.890  -1.913  -1.793  1.000 13.144 0 150 PHE A O   1 ? 
ATOM   1230 C CB  . PHE A 1 166 ? -5.929  -1.753  -3.289  1.000 13.146 0 150 PHE A CB  1 ? 
ATOM   1231 C CG  . PHE A 1 166 ? -4.911  -2.648  -3.940  1.000 14.667 0 150 PHE A CG  1 ? 
ATOM   1232 C CD1 . PHE A 1 166 ? -5.141  -3.999  -4.078  1.000 15.541 0 150 PHE A CD1 1 ? 
ATOM   1233 C CD2 . PHE A 1 166 ? -3.721  -2.136  -4.451  1.000 17.997 0 150 PHE A CD2 1 ? 
ATOM   1234 C CE1 . PHE A 1 166 ? -4.208  -4.843  -4.648  1.000 17.910 0 150 PHE A CE1 1 ? 
ATOM   1235 C CE2 . PHE A 1 166 ? -2.807  -2.965  -5.046  1.000 16.704 0 150 PHE A CE2 1 ? 
ATOM   1236 C CZ  . PHE A 1 166 ? -3.011  -4.301  -5.141  1.000 17.438 0 150 PHE A CZ  1 ? 
ATOM   1237 N N   . LEU A 1 167 ? -8.364  0.031   -2.777  1.000 12.836 0 151 LEU A N   1 ? 
ATOM   1238 C CA  . LEU A 1 167 ? -9.124  0.821   -1.818  1.000 14.113 0 151 LEU A CA  1 ? 
ATOM   1239 C C   . LEU A 1 167 ? -10.580 0.403   -1.809  1.000 16.562 0 151 LEU A C   1 ? 
ATOM   1240 O O   . LEU A 1 167 ? -11.186 0.326   -0.740  1.000 16.459 0 151 LEU A O   1 ? 
ATOM   1241 C CB  . LEU A 1 167 ? -9.016  2.320   -2.092  1.000 18.590 0 151 LEU A CB  1 ? 
ATOM   1242 C CG  . LEU A 1 167 ? -7.936  3.063   -1.339  1.000 23.101 0 151 LEU A CG  1 ? 
ATOM   1243 C CD1 . LEU A 1 167 ? -7.732  4.424   -2.015  1.000 22.627 0 151 LEU A CD1 1 ? 
ATOM   1244 C CD2 . LEU A 1 167 ? -8.298  3.263   0.100   1.000 20.252 0 151 LEU A CD2 1 ? 
ATOM   1245 N N   . ASN A 1 168 ? -11.166 0.264   -2.996  1.000 15.118 0 152 ASN A N   1 ? 
ATOM   1246 C CA  . ASN A 1 168 ? -12.615 0.178   -3.101  1.000 14.574 0 152 ASN A CA  1 ? 
ATOM   1247 C C   . ASN A 1 168 ? -13.129 -1.248  -3.287  1.000 15.986 0 152 ASN A C   1 ? 
ATOM   1248 O O   . ASN A 1 168 ? -14.325 -1.478  -3.103  1.000 17.835 0 152 ASN A O   1 ? 
ATOM   1249 C CB  . ASN A 1 168 ? -13.054 1.023   -4.294  1.000 15.826 0 152 ASN A CB  1 ? 
ATOM   1250 C CG  . ASN A 1 168 ? -12.914 2.509   -4.073  1.000 20.966 0 152 ASN A CG  1 ? 
ATOM   1251 O OD1 . ASN A 1 168 ? -12.592 2.955   -2.985  1.000 23.907 0 152 ASN A OD1 1 ? 
ATOM   1252 N ND2 . ASN A 1 168 ? -13.038 3.299   -5.125  1.000 26.250 0 152 ASN A ND2 1 ? 
ATOM   1253 N N   . VAL A 1 169 ? -12.277 -2.189  -3.702  1.000 13.066 0 153 VAL A N   1 ? 
ATOM   1254 C CA  . VAL A 1 169 ? -12.725 -3.535  -4.029  1.000 13.706 0 153 VAL A CA  1 ? 
ATOM   1255 C C   . VAL A 1 169 ? -11.958 -4.576  -3.222  1.000 12.736 0 153 VAL A C   1 ? 
ATOM   1256 O O   . VAL A 1 169 ? -12.571 -5.280  -2.384  1.000 14.063 0 153 VAL A O   1 ? 
ATOM   1257 C CB  . VAL A 1 169 ? -12.668 -3.825  -5.539  1.000 13.954 0 153 VAL A CB  1 ? 
ATOM   1258 C CG1 . VAL A 1 169 ? -13.358 -5.129  -5.837  1.000 14.084 0 153 VAL A CG1 1 ? 
ATOM   1259 C CG2 . VAL A 1 169 ? -13.315 -2.733  -6.360  1.000 15.985 0 153 VAL A CG2 1 ? 
ATOM   1260 N N   . LEU A 1 170 ? -10.636 -4.706  -3.412  1.000 12.096 0 154 LEU A N   1 ? 
ATOM   1261 C CA  . LEU A 1 170 ? -9.924  -5.878  -2.871  1.000 11.642 0 154 LEU A CA  1 ? 
ATOM   1262 C C   . LEU A 1 170 ? -9.689  -5.738  -1.371  1.000 12.521 0 154 LEU A C   1 ? 
ATOM   1263 O O   . LEU A 1 170 ? -9.801  -6.726  -0.657  1.000 13.050 0 154 LEU A O   1 ? 
ATOM   1264 C CB  . LEU A 1 170 ? -8.620  -6.174  -3.589  1.000 11.989 0 154 LEU A CB  1 ? 
ATOM   1265 C CG  . LEU A 1 170 ? -8.719  -6.459  -5.085  1.000 13.018 0 154 LEU A CG  1 ? 
ATOM   1266 C CD1 . LEU A 1 170 ? -7.379  -6.786  -5.689  1.000 13.951 0 154 LEU A CD1 1 ? 
ATOM   1267 C CD2 . LEU A 1 170 ? -9.648  -7.585  -5.353  1.000 15.122 0 154 LEU A CD2 1 ? 
ATOM   1268 N N   . GLY A 1 171 ? -9.363  -4.539  -0.880  1.000 12.001 0 155 GLY A N   1 ? 
ATOM   1269 C CA  . GLY A 1 171 ? -9.160  -4.361  0.562   1.000 12.868 0 155 GLY A CA  1 ? 
ATOM   1270 C C   . GLY A 1 171 ? -10.475 -4.654  1.290   1.000 13.884 0 155 GLY A C   1 ? 
ATOM   1271 O O   . GLY A 1 171 ? -10.481 -5.485  2.213   1.000 14.150 0 155 GLY A O   1 ? 
ATOM   1272 N N   . PRO A 1 172 ? -11.607 -4.058  0.903   1.000 13.658 0 156 PRO A N   1 ? 
ATOM   1273 C CA  . PRO A 1 172 ? -12.889 -4.385  1.545   1.000 13.109 0 156 PRO A CA  1 ? 
ATOM   1274 C C   . PRO A 1 172 ? -13.226 -5.887  1.486   1.000 15.151 0 156 PRO A C   1 ? 
ATOM   1275 O O   . PRO A 1 172 ? -13.732 -6.473  2.458   1.000 14.399 0 156 PRO A O   1 ? 
ATOM   1276 C CB  . PRO A 1 172 ? -13.867 -3.463  0.836   1.000 15.195 0 156 PRO A CB  1 ? 
ATOM   1277 C CG  . PRO A 1 172 ? -13.030 -2.261  0.462   1.000 15.116 0 156 PRO A CG  1 ? 
ATOM   1278 C CD  . PRO A 1 172 ? -11.749 -2.922  -0.021  1.000 13.223 0 156 PRO A CD  1 ? 
ATOM   1279 N N   . LEU A 1 173 ? -12.981 -6.530  0.329   1.000 12.772 0 157 LEU A N   1 ? 
ATOM   1280 C CA  . LEU A 1 173 ? -13.297 -7.941  0.167   1.000 14.074 0 157 LEU A CA  1 ? 
ATOM   1281 C C   . LEU A 1 173 ? -12.536 -8.791  1.184   1.000 14.864 0 157 LEU A C   1 ? 
ATOM   1282 O O   . LEU A 1 173 ? -13.113 -9.630  1.888   1.000 13.695 0 157 LEU A O   1 ? 
ATOM   1283 C CB  . LEU A 1 173 ? -12.997 -8.317  -1.292  1.000 18.357 0 157 LEU A CB  1 ? 
ATOM   1284 C CG  . LEU A 1 173 ? -13.176 -9.774  -1.716  1.000 21.625 0 157 LEU A CG  1 ? 
ATOM   1285 C CD1 . LEU A 1 173 ? -13.236 -9.717  -3.266  1.000 25.493 0 157 LEU A CD1 1 ? 
ATOM   1286 C CD2 . LEU A 1 173 ? -12.125 -10.753 -1.269  1.000 22.013 0 157 LEU A CD2 1 ? 
ATOM   1287 N N   . ALA A 1 174 ? -11.235 -8.510  1.360   1.000 12.699 0 158 ALA A N   1 ? 
ATOM   1288 C CA  . ALA A 1 174 ? -10.406 -9.247  2.296   1.000 13.011 0 158 ALA A CA  1 ? 
ATOM   1289 C C   . ALA A 1 174 ? -10.862 -8.926  3.727   1.000 12.974 0 158 ALA A C   1 ? 
ATOM   1290 O O   . ALA A 1 174 ? -10.909 -9.839  4.565   1.000 13.624 0 158 ALA A O   1 ? 
ATOM   1291 C CB  . ALA A 1 174 ? -8.925  -8.918  2.133   1.000 14.646 0 158 ALA A CB  1 ? 
ATOM   1292 N N   . ALA A 1 175 ? -11.112 -7.650  4.002   1.000 13.034 0 159 ALA A N   1 ? 
ATOM   1293 C CA  . ALA A 1 175 ? -11.572 -7.215  5.311   1.000 12.430 0 159 ALA A CA  1 ? 
ATOM   1294 C C   . ALA A 1 175 ? -12.800 -7.994  5.725   1.000 12.991 0 159 ALA A C   1 ? 
ATOM   1295 O O   . ALA A 1 175 ? -12.886 -8.421  6.889   1.000 14.515 0 159 ALA A O   1 ? 
ATOM   1296 C CB  . ALA A 1 175 ? -11.863 -5.750  5.339   1.000 12.694 0 159 ALA A CB  1 ? 
ATOM   1297 N N   . ARG A 1 176 ? -13.787 -8.068  4.828   1.000 12.574 0 160 ARG A N   1 ? 
ATOM   1298 C CA  . ARG A 1 176 ? -15.021 -8.726  5.221   1.000 12.267 0 160 ARG A CA  1 ? 
ATOM   1299 C C   . ARG A 1 176 ? -14.806 -10.196 5.482   1.000 13.405 0 160 ARG A C   1 ? 
ATOM   1300 O O   . ARG A 1 176 ? -15.421 -10.746 6.406   1.000 13.026 0 160 ARG A O   1 ? 
ATOM   1301 C CB  . ARG A 1 176 ? -16.016 -8.673  4.074   1.000 12.226 0 160 ARG A CB  1 ? 
ATOM   1302 C CG  . ARG A 1 176 ? -16.647 -7.332  4.013   1.000 14.104 0 160 ARG A CG  1 ? 
ATOM   1303 C CD  . ARG A 1 176 ? -17.449 -6.971  2.780   1.000 15.975 0 160 ARG A CD  1 ? 
ATOM   1304 N NE  . ARG A 1 176 ? -18.517 -7.953  2.594   1.000 19.003 0 160 ARG A NE  1 ? 
ATOM   1305 C CZ  . ARG A 1 176 ? -19.811 -7.712  2.789   1.000 21.010 0 160 ARG A CZ  1 ? 
ATOM   1306 N NH1 . ARG A 1 176 ? -20.173 -6.535  3.274   1.000 23.099 0 160 ARG A NH1 1 ? 
ATOM   1307 N NH2 . ARG A 1 176 ? -20.689 -8.667  2.524   1.000 20.432 0 160 ARG A NH2 1 ? 
ATOM   1308 N N   . ARG A 1 177 ? -13.967 -10.848 4.687   1.000 13.311 0 161 ARG A N   1 ? 
ATOM   1309 C CA  . ARG A 1 177 ? -13.680 -12.270 4.901   1.000 13.272 0 161 ARG A CA  1 ? 
ATOM   1310 C C   . ARG A 1 177 ? -13.023 -12.461 6.265   1.000 14.566 0 161 ARG A C   1 ? 
ATOM   1311 O O   . ARG A 1 177 ? -13.380 -13.365 7.056   1.000 14.254 0 161 ARG A O   1 ? 
ATOM   1312 C CB  . ARG A 1 177 ? -12.764 -12.886 3.824   1.000 15.106 0 161 ARG A CB  1 ? 
ATOM   1313 C CG  . ARG A 1 177 ? -13.424 -13.070 2.473   1.000 19.448 0 161 ARG A CG  1 ? 
ATOM   1314 C CD  . ARG A 1 177 ? -14.465 -14.074 2.596   1.000 25.262 0 161 ARG A CD  1 ? 
ATOM   1315 N NE  . ARG A 1 177 ? -14.766 -14.599 1.259   1.000 31.901 0 161 ARG A NE  1 ? 
ATOM   1316 C CZ  . ARG A 1 177 ? -15.661 -15.523 1.051   1.000 29.606 0 161 ARG A CZ  1 ? 
ATOM   1317 N NH1 . ARG A 1 177 ? -16.312 -16.053 2.074   1.000 33.084 0 161 ARG A NH1 1 ? 
ATOM   1318 N NH2 . ARG A 1 177 ? -15.892 -15.922 -0.175  1.000 35.401 0 161 ARG A NH2 1 ? 
ATOM   1319 N N   . LEU A 1 178 ? -11.990 -11.687 6.535   1.000 12.900 0 162 LEU A N   1 ? 
ATOM   1320 C CA  . LEU A 1 178 ? -11.300 -11.776 7.826   1.000 12.812 0 162 LEU A CA  1 ? 
ATOM   1321 C C   . LEU A 1 178 ? -12.275 -11.552 9.000   1.000 14.528 0 162 LEU A C   1 ? 
ATOM   1322 O O   . LEU A 1 178 ? -12.230 -12.301 9.969   1.000 15.681 0 162 LEU A O   1 ? 
ATOM   1323 C CB  . LEU A 1 178 ? -10.147 -10.788 7.890   1.000 15.066 0 162 LEU A CB  1 ? 
ATOM   1324 C CG  . LEU A 1 178 ? -8.932  -11.097 7.018   1.000 15.426 0 162 LEU A CG  1 ? 
ATOM   1325 C CD1 . LEU A 1 178 ? -8.085  -9.860  6.787   1.000 15.929 0 162 LEU A CD1 1 ? 
ATOM   1326 C CD2 . LEU A 1 178 ? -8.170  -12.216 7.737   1.000 17.786 0 162 LEU A CD2 1 ? 
ATOM   1327 N N   . ALA A 1 179 ? -13.119 -10.517 8.922   1.000 14.038 0 163 ALA A N   1 ? 
ATOM   1328 C CA  . ALA A 1 179 ? -14.053 -10.222 10.017  1.000 16.590 0 163 ALA A CA  1 ? 
ATOM   1329 C C   . ALA A 1 179 ? -15.014 -11.385 10.273  1.000 16.798 0 163 ALA A C   1 ? 
ATOM   1330 O O   . ALA A 1 179 ? -15.304 -11.687 11.450  1.000 18.822 0 163 ALA A O   1 ? 
ATOM   1331 C CB  . ALA A 1 179 ? -14.782 -8.942  9.758   1.000 16.103 0 163 ALA A CB  1 ? 
ATOM   1332 N N   . ALA A 1 180 ? -15.492 -12.034 9.207   1.000 14.423 0 164 ALA A N   1 ? 
ATOM   1333 C CA  . ALA A 1 180 ? -16.551 -13.039 9.236   1.000 15.789 0 164 ALA A CA  1 ? 
ATOM   1334 C C   . ALA A 1 180 ? -15.998 -14.351 9.789   1.000 22.091 0 164 ALA A C   1 ? 
ATOM   1335 O O   . ALA A 1 180 ? -16.756 -15.195 10.241  1.000 24.244 0 164 ALA A O   1 ? 
ATOM   1336 C CB  . ALA A 1 180 ? -17.148 -13.245 7.886   1.000 17.335 0 164 ALA A CB  1 ? 
ATOM   1337 N N   . ALA A 1 181 ? -14.666 -14.495 9.779   1.000 19.758 0 165 ALA A N   1 ? 
ATOM   1338 C CA  . ALA A 1 181 ? -14.032 -15.707 10.291  1.000 22.130 0 165 ALA A CA  1 ? 
ATOM   1339 C C   . ALA A 1 181 ? -13.441 -15.496 11.694  1.000 26.763 0 165 ALA A C   1 ? 
ATOM   1340 O O   . ALA A 1 181 ? -12.911 -16.461 12.245  1.000 33.712 0 165 ALA A O   1 ? 
ATOM   1341 C CB  . ALA A 1 181 ? -13.008 -16.213 9.260   1.000 22.122 0 165 ALA A CB  1 ? 
ATOM   1342 N N   . ALA A 1 182 ? -13.534 -14.302 12.302  1.000 30.939 0 166 ALA A N   1 ? 
ATOM   1343 C CA  . ALA A 1 182 ? -12.930 -14.012 13.598  1.000 34.177 0 166 ALA A CA  1 ? 
ATOM   1344 C C   . ALA A 1 182 ? -13.950 -14.169 14.732  1.000 41.326 0 166 ALA A C   1 ? 
ATOM   1345 O O   . ALA A 1 182 ? -14.752 -15.119 14.632  1.000 42.048 0 166 ALA A O   1 ? 
ATOM   1346 C CB  . ALA A 1 182 ? -12.330 -12.634 13.650  1.000 36.809 0 166 ALA A CB  1 ? 
HETATM 1347 C C1  . EDO B 2 .   ? -2.417  -1.130  11.640  1.000 51.253 0 201 EDO A C1  1 ? 
HETATM 1348 O O1  . EDO B 2 .   ? -1.686  -0.073  12.222  1.000 54.102 0 201 EDO A O1  1 ? 
HETATM 1349 C C2  . EDO B 2 .   ? -3.702  -1.432  12.319  1.000 49.022 0 201 EDO A C2  1 ? 
HETATM 1350 O O2  . EDO B 2 .   ? -3.544  -2.241  13.450  1.000 48.562 0 201 EDO A O2  1 ? 
HETATM 1351 C C1  . EDO C 2 .   ? 3.477   24.106  -2.497  1.000 62.013 0 202 EDO A C1  1 ? 
HETATM 1352 O O1  . EDO C 2 .   ? 4.055   22.883  -2.906  1.000 60.653 0 202 EDO A O1  1 ? 
HETATM 1353 C C2  . EDO C 2 .   ? 2.284   23.947  -1.631  1.000 60.567 0 202 EDO A C2  1 ? 
HETATM 1354 O O2  . EDO C 2 .   ? 1.179   23.394  -2.319  1.000 63.498 0 202 EDO A O2  1 ? 
HETATM 1355 C C13 . P15 D 3 .   ? -2.475  -16.767 1.234   1.000 30.257 0 203 P15 A C13 1 ? 
HETATM 1356 O O6  . P15 D 3 .   ? -1.147  -17.008 0.779   1.000 43.317 0 203 P15 A O6  1 ? 
HETATM 1357 C C12 . P15 D 3 .   ? -0.593  -15.834 0.306   1.000 44.733 0 203 P15 A C12 1 ? 
HETATM 1358 C C11 . P15 D 3 .   ? -0.514  -14.833 1.414   1.000 44.044 0 203 P15 A C11 1 ? 
HETATM 1359 O O5  . P15 D 3 .   ? -0.326  -13.541 0.855   1.000 43.169 0 203 P15 A O5  1 ? 
HETATM 1360 C C10 . P15 D 3 .   ? -1.532  -12.869 0.514   1.000 29.998 0 203 P15 A C10 1 ? 
HETATM 1361 C C9  . P15 D 3 .   ? -1.176  -11.472 0.170   1.000 32.360 0 203 P15 A C9  1 ? 
HETATM 1362 O O4  . P15 D 3 .   ? -2.318  -10.717 -0.219  1.000 34.460 0 203 P15 A O4  1 ? 
HETATM 1363 C C8  . P15 D 3 .   ? -2.954  -10.040 0.861   1.000 30.755 0 203 P15 A C8  1 ? 
HETATM 1364 C C7  . P15 D 3 .   ? -3.810  -8.945  0.331   1.000 30.633 0 203 P15 A C7  1 ? 
HETATM 1365 O O3  . P15 D 3 .   ? -4.280  -8.091  1.371   1.000 40.002 0 203 P15 A O3  1 ? 
HETATM 1366 C C6  . P15 D 3 .   ? -5.559  -7.497  1.150   1.000 36.245 0 203 P15 A C6  1 ? 
HETATM 1367 C C5  . P15 D 3 .   ? -5.768  -7.023  -0.250  1.000 35.059 0 203 P15 A C5  1 ? 
HETATM 1368 O O2  . P15 D 3 .   ? -5.613  -5.615  -0.314  1.000 34.263 0 203 P15 A O2  1 ? 
HETATM 1369 C C4  . P15 D 3 .   ? -4.300  -5.231  -0.732  1.000 32.868 0 203 P15 A C4  1 ? 
HETATM 1370 C C3  . P15 D 3 .   ? -4.137  -3.796  -0.444  1.000 28.268 0 203 P15 A C3  1 ? 
HETATM 1371 O O1  . P15 D 3 .   ? -2.939  -3.263  -1.013  1.000 31.062 0 203 P15 A O1  1 ? 
HETATM 1372 C C2  . P15 D 3 .   ? -2.764  -1.929  -0.534  1.000 28.356 0 203 P15 A C2  1 ? 
HETATM 1373 C C1  . P15 D 3 .   ? -1.506  -1.333  -0.949  1.000 29.745 0 203 P15 A C1  1 ? 
HETATM 1374 O OXT . P15 D 3 .   ? -1.438  0.075   -0.621  1.000 29.994 0 203 P15 A OXT 1 ? 
HETATM 1375 O O   . HOH E 4 .   ? -16.333 -15.661 13.273  1.000 35.463 0 301 HOH A O   1 ? 
HETATM 1376 O O   . HOH E 4 .   ? -16.710 -14.940 4.104   1.000 30.115 0 302 HOH A O   1 ? 
HETATM 1377 O O   . HOH E 4 .   ? -13.790 -3.483  8.535   1.000 28.686 0 303 HOH A O   1 ? 
HETATM 1378 O O   . HOH E 4 .   ? -1.105  -13.621 14.466  1.000 45.152 0 304 HOH A O   1 ? 
HETATM 1379 O O   . HOH E 4 .   ? 10.404  1.994   8.406   1.000 47.148 0 305 HOH A O   1 ? 
HETATM 1380 O O   . HOH E 4 .   ? -11.104 -0.659  9.880   1.000 29.354 0 306 HOH A O   1 ? 
HETATM 1381 O O   . HOH E 4 .   ? -6.786  -20.008 2.363   1.000 41.198 0 307 HOH A O   1 ? 
HETATM 1382 O O   . HOH E 4 .   ? -6.159  -5.567  20.393  1.000 43.797 0 308 HOH A O   1 ? 
HETATM 1383 O O   . HOH E 4 .   ? -1.251  -1.723  14.372  1.000 58.539 0 309 HOH A O   1 ? 
HETATM 1384 O O   . HOH E 4 .   ? -20.780 -3.263  5.923   1.000 31.919 0 310 HOH A O   1 ? 
HETATM 1385 O O   . HOH E 4 .   ? 4.612   -5.057  -11.951 1.000 35.627 0 311 HOH A O   1 ? 
HETATM 1386 O O   . HOH E 4 .   ? 23.391  4.153   -5.069  1.000 51.037 0 312 HOH A O   1 ? 
HETATM 1387 O O   . HOH E 4 .   ? -10.132 -0.045  -11.043 1.000 31.286 0 313 HOH A O   1 ? 
HETATM 1388 O O   . HOH E 4 .   ? -8.264  8.709   -11.330 1.000 40.243 0 314 HOH A O   1 ? 
HETATM 1389 O O   . HOH E 4 .   ? 5.132   7.993   -14.196 1.000 39.224 0 315 HOH A O   1 ? 
HETATM 1390 O O   . HOH E 4 .   ? -10.847 1.855   8.935   1.000 44.572 0 316 HOH A O   1 ? 
HETATM 1391 O O   . HOH E 4 .   ? 10.969  13.825  2.139   1.000 41.347 0 317 HOH A O   1 ? 
HETATM 1392 O O   . HOH E 4 .   ? -21.945 4.560   5.924   1.000 31.046 0 318 HOH A O   1 ? 
HETATM 1393 O O   . HOH E 4 .   ? 24.859  2.894   -6.174  1.000 45.534 0 319 HOH A O   1 ? 
HETATM 1394 O O   . HOH E 4 .   ? 0.615   -0.491  13.411  1.000 56.377 0 320 HOH A O   1 ? 
HETATM 1395 O O   . HOH E 4 .   ? -18.862 -4.381  4.502   1.000 24.837 0 321 HOH A O   1 ? 
HETATM 1396 O O   . HOH E 4 .   ? -16.669 2.406   12.970  1.000 33.066 0 322 HOH A O   1 ? 
HETATM 1397 O O   . HOH E 4 .   ? -4.943  -15.888 -9.817  1.000 42.554 0 323 HOH A O   1 ? 
HETATM 1398 O O   . HOH E 4 .   ? 12.209  1.583   6.456   1.000 40.267 0 324 HOH A O   1 ? 
HETATM 1399 O O   . HOH E 4 .   ? 6.723   1.600   -12.605 1.000 36.773 0 325 HOH A O   1 ? 
HETATM 1400 O O   . HOH E 4 .   ? -4.299  10.374  1.399   1.000 22.854 0 326 HOH A O   1 ? 
HETATM 1401 O O   . HOH E 4 .   ? -6.066  -21.853 9.183   1.000 26.990 0 327 HOH A O   1 ? 
HETATM 1402 O O   . HOH E 4 .   ? -5.698  -10.466 -9.063  1.000 28.771 0 328 HOH A O   1 ? 
HETATM 1403 O O   . HOH E 4 .   ? -6.325  -3.089  11.754  1.000 30.330 0 329 HOH A O   1 ? 
HETATM 1404 O O   . HOH E 4 .   ? 0.588   13.657  -14.119 1.000 41.238 0 330 HOH A O   1 ? 
HETATM 1405 O O   . HOH E 4 .   ? -6.848  -6.910  17.715  1.000 42.581 0 331 HOH A O   1 ? 
HETATM 1406 O O   . HOH E 4 .   ? 10.411  -0.798  3.553   1.000 19.573 0 332 HOH A O   1 ? 
HETATM 1407 O O   . HOH E 4 .   ? -1.875  -20.740 8.127   1.000 36.930 0 333 HOH A O   1 ? 
HETATM 1408 O O   . HOH E 4 .   ? -3.560  -1.473  -12.271 1.000 20.683 0 334 HOH A O   1 ? 
HETATM 1409 O O   . HOH E 4 .   ? -8.986  -1.627  -15.153 1.000 19.888 0 335 HOH A O   1 ? 
HETATM 1410 O O   . HOH E 4 .   ? -8.203  16.704  -4.398  1.000 48.807 0 336 HOH A O   1 ? 
HETATM 1411 O O   . HOH E 4 .   ? -0.862  13.157  3.925   1.000 47.633 0 337 HOH A O   1 ? 
HETATM 1412 O O   . HOH E 4 .   ? 15.701  4.724   6.406   1.000 32.196 0 338 HOH A O   1 ? 
HETATM 1413 O O   . HOH E 4 .   ? -1.711  2.026   10.491  1.000 53.797 0 339 HOH A O   1 ? 
HETATM 1414 O O   . HOH E 4 .   ? -6.509  14.520  -1.058  1.000 37.040 0 340 HOH A O   1 ? 
HETATM 1415 O O   . HOH E 4 .   ? -2.615  16.824  -7.933  1.000 35.963 0 341 HOH A O   1 ? 
HETATM 1416 O O   . HOH E 4 .   ? 0.547   -11.880 14.404  1.000 37.142 0 342 HOH A O   1 ? 
HETATM 1417 O O   . HOH E 4 .   ? -0.108  -20.095 10.012  1.000 40.426 0 343 HOH A O   1 ? 
HETATM 1418 O O   . HOH E 4 .   ? 12.334  -16.012 3.574   1.000 52.302 0 344 HOH A O   1 ? 
HETATM 1419 O O   . HOH E 4 .   ? 19.322  10.683  -4.692  1.000 49.964 0 345 HOH A O   1 ? 
HETATM 1420 O O   . HOH E 4 .   ? 2.703   12.322  2.723   1.000 28.965 0 346 HOH A O   1 ? 
HETATM 1421 O O   . HOH E 4 .   ? -13.842 -18.737 -4.574  1.000 46.313 0 347 HOH A O   1 ? 
HETATM 1422 O O   . HOH E 4 .   ? -0.030  -4.273  16.149  1.000 42.487 0 348 HOH A O   1 ? 
HETATM 1423 O O   . HOH E 4 .   ? 1.597   -10.475 -10.141 1.000 38.052 0 349 HOH A O   1 ? 
HETATM 1424 O O   . HOH E 4 .   ? 17.107  9.119   4.561   1.000 34.265 0 350 HOH A O   1 ? 
HETATM 1425 O O   . HOH E 4 .   ? 2.316   -17.033 0.066   1.000 27.261 0 351 HOH A O   1 ? 
HETATM 1426 O O   . HOH E 4 .   ? 6.697   -7.104  -0.438  1.000 20.518 0 352 HOH A O   1 ? 
HETATM 1427 O O   . HOH E 4 .   ? 8.778   -4.419  8.683   1.000 54.345 0 353 HOH A O   1 ? 
HETATM 1428 O O   . HOH E 4 .   ? 8.150   17.439  9.592   1.000 52.932 0 354 HOH A O   1 ? 
HETATM 1429 O O   . HOH E 4 .   ? -6.023  5.180   -13.836 1.000 29.895 0 355 HOH A O   1 ? 
HETATM 1430 O O   . HOH E 4 .   ? -0.746  11.590  6.198   1.000 39.901 0 356 HOH A O   1 ? 
HETATM 1431 O O   . HOH E 4 .   ? -11.922 6.094   -5.194  1.000 31.774 0 357 HOH A O   1 ? 
HETATM 1432 O O   . HOH E 4 .   ? 0.946   6.266   6.218   1.000 29.955 0 358 HOH A O   1 ? 
HETATM 1433 O O   . HOH E 4 .   ? 23.801  -1.318  -6.982  1.000 47.974 0 359 HOH A O   1 ? 
HETATM 1434 O O   . HOH E 4 .   ? -1.097  18.612  -6.217  1.000 42.229 0 360 HOH A O   1 ? 
HETATM 1435 O O   . HOH E 4 .   ? 3.468   12.564  10.699  1.000 41.691 0 361 HOH A O   1 ? 
HETATM 1436 O O   . HOH E 4 .   ? -10.242 -14.161 10.747  1.000 24.395 0 362 HOH A O   1 ? 
HETATM 1437 O O   . HOH E 4 .   ? 12.134  -11.488 2.127   1.000 31.601 0 363 HOH A O   1 ? 
HETATM 1438 O O   . HOH E 4 .   ? -2.780  -4.875  -8.835  1.000 22.031 0 364 HOH A O   1 ? 
HETATM 1439 O O   . HOH E 4 .   ? -14.640 -15.662 5.945   1.000 24.083 0 365 HOH A O   1 ? 
HETATM 1440 O O   . HOH E 4 .   ? -4.290  -16.376 13.548  1.000 25.356 0 366 HOH A O   1 ? 
HETATM 1441 O O   . HOH E 4 .   ? 4.747   -14.165 -2.080  1.000 24.859 0 367 HOH A O   1 ? 
HETATM 1442 O O   . HOH E 4 .   ? 0.355   5.039   -17.489 1.000 33.780 0 368 HOH A O   1 ? 
HETATM 1443 O O   . HOH E 4 .   ? 11.715  -5.494  -3.416  1.000 46.151 0 369 HOH A O   1 ? 
HETATM 1444 O O   . HOH E 4 .   ? 7.147   7.516   5.664   1.000 18.527 0 370 HOH A O   1 ? 
HETATM 1445 O O   . HOH E 4 .   ? 9.018   14.317  3.595   1.000 35.529 0 371 HOH A O   1 ? 
HETATM 1446 O O   . HOH E 4 .   ? 11.748  -1.859  7.357   1.000 52.298 0 372 HOH A O   1 ? 
HETATM 1447 O O   . HOH E 4 .   ? 3.411   0.723   -12.304 1.000 30.463 0 373 HOH A O   1 ? 
HETATM 1448 O O   . HOH E 4 .   ? -7.497  -9.904  15.319  1.000 37.446 0 374 HOH A O   1 ? 
HETATM 1449 O O   . HOH E 4 .   ? -15.206 -9.678  13.563  1.000 24.908 0 375 HOH A O   1 ? 
HETATM 1450 O O   . HOH E 4 .   ? -2.486  11.174  3.410   1.000 25.200 0 376 HOH A O   1 ? 
HETATM 1451 O O   . HOH E 4 .   ? 0.465   -8.832  15.701  1.000 30.137 0 377 HOH A O   1 ? 
HETATM 1452 O O   . HOH E 4 .   ? -15.369 -12.638 -0.867  1.000 28.584 0 378 HOH A O   1 ? 
HETATM 1453 O O   . HOH E 4 .   ? -9.715  -0.383  1.755   1.000 20.822 0 379 HOH A O   1 ? 
HETATM 1454 O O   . HOH E 4 .   ? -8.606  8.861   2.890   1.000 28.396 0 380 HOH A O   1 ? 
HETATM 1455 O O   . HOH E 4 .   ? -20.557 3.489   1.794   1.000 47.639 0 381 HOH A O   1 ? 
HETATM 1456 O O   . HOH E 4 .   ? 21.543  9.717   -0.102  1.000 47.578 0 382 HOH A O   1 ? 
HETATM 1457 O O   . HOH E 4 .   ? 6.337   -6.567  11.643  1.000 50.235 0 383 HOH A O   1 ? 
HETATM 1458 O O   . HOH E 4 .   ? 7.252   -16.231 10.456  1.000 44.398 0 384 HOH A O   1 ? 
HETATM 1459 O O   . HOH E 4 .   ? -15.498 -14.638 -2.884  1.000 39.371 0 385 HOH A O   1 ? 
HETATM 1460 O O   . HOH E 4 .   ? -9.476  7.081   0.496   1.000 30.799 0 386 HOH A O   1 ? 
HETATM 1461 O O   . HOH E 4 .   ? -12.557 8.134   4.691   1.000 45.755 0 387 HOH A O   1 ? 
HETATM 1462 O O   . HOH E 4 .   ? -12.123 3.652   7.081   1.000 38.095 0 388 HOH A O   1 ? 
HETATM 1463 O O   . HOH E 4 .   ? -13.181 -0.561  11.750  1.000 38.585 0 389 HOH A O   1 ? 
HETATM 1464 O O   . HOH E 4 .   ? 6.466   11.403  12.099  1.000 36.152 0 390 HOH A O   1 ? 
HETATM 1465 O O   . HOH E 4 .   ? 14.634  -3.602  -5.541  1.000 42.844 0 391 HOH A O   1 ? 
HETATM 1466 O O   . HOH E 4 .   ? -5.237  -3.646  -7.808  1.000 22.083 0 392 HOH A O   1 ? 
HETATM 1467 O O   . HOH E 4 .   ? 12.728  3.670   -13.096 1.000 46.911 0 393 HOH A O   1 ? 
HETATM 1468 O O   . HOH E 4 .   ? 14.575  -5.745  -9.190  1.000 55.120 0 394 HOH A O   1 ? 
HETATM 1469 O O   . HOH E 4 .   ? -0.625  15.335  -11.990 1.000 40.928 0 395 HOH A O   1 ? 
HETATM 1470 O O   . HOH E 4 .   ? -16.376 -17.654 12.194  1.000 44.209 0 396 HOH A O   1 ? 
HETATM 1471 O O   . HOH E 4 .   ? -22.695 -5.623  1.590   1.000 37.087 0 397 HOH A O   1 ? 
HETATM 1472 O O   . HOH E 4 .   ? -14.802 -6.013  7.692   1.000 38.239 0 398 HOH A O   1 ? 
HETATM 1473 O O   . HOH E 4 .   ? 12.937  13.839  5.051   1.000 47.137 0 399 HOH A O   1 ? 
HETATM 1474 O O   . HOH E 4 .   ? -21.712 -2.424  1.473   1.000 39.127 0 400 HOH A O   1 ? 
HETATM 1475 O O   . HOH E 4 .   ? 1.852   0.008   -10.094 1.000 27.239 0 401 HOH A O   1 ? 
HETATM 1476 O O   . HOH E 4 .   ? -6.667  5.673   11.367  1.000 50.450 0 402 HOH A O   1 ? 
HETATM 1477 O O   . HOH E 4 .   ? 15.284  -1.237  5.253   1.000 51.594 0 403 HOH A O   1 ? 
HETATM 1478 O O   . HOH E 4 .   ? 6.934   5.847   7.501   1.000 34.501 0 404 HOH A O   1 ? 
HETATM 1479 O O   . HOH E 4 .   ? -6.736  10.879  2.253   1.000 33.870 0 405 HOH A O   1 ? 
HETATM 1480 O O   . HOH E 4 .   ? 4.124   -18.486 6.933   1.000 49.100 0 406 HOH A O   1 ? 
HETATM 1481 O O   . HOH E 4 .   ? -4.608  -14.975 17.152  1.000 49.260 0 407 HOH A O   1 ? 
HETATM 1482 O O   . HOH E 4 .   ? -0.776  12.447  -15.776 1.000 47.122 0 408 HOH A O   1 ? 
HETATM 1483 O O   . HOH E 4 .   ? -2.090  -2.944  -10.643 1.000 30.230 0 409 HOH A O   1 ? 
HETATM 1484 O O   . HOH E 4 .   ? -12.864 -19.642 3.053   1.000 44.159 0 410 HOH A O   1 ? 
HETATM 1485 O O   . HOH E 4 .   ? 5.663   13.370  -15.057 1.000 53.687 0 411 HOH A O   1 ? 
HETATM 1486 O O   . HOH E 4 .   ? 6.852   7.368   9.512   1.000 29.169 0 412 HOH A O   1 ? 
HETATM 1487 O O   . HOH E 4 .   ? -8.367  -1.831  2.738   1.000 42.444 0 413 HOH A O   1 ? 
HETATM 1488 O O   . HOH E 4 .   ? 7.973   3.452   -13.691 1.000 50.688 0 414 HOH A O   1 ? 
HETATM 1489 O O   . HOH E 4 .   ? 0.180   -1.839  -11.455 1.000 28.636 0 415 HOH A O   1 ? 
HETATM 1490 O O   . HOH E 4 .   ? 4.653   7.953   -17.013 1.000 46.291 0 416 HOH A O   1 ? 
HETATM 1491 O O   . HOH E 4 .   ? 8.956   3.835   8.363   1.000 40.731 0 417 HOH A O   1 ? 
HETATM 1492 O O   . HOH E 4 .   ? -9.482  3.750   15.053  1.000 50.239 0 418 HOH A O   1 ? 
HETATM 1493 O O   . HOH E 4 .   ? 8.897   -11.189 8.877   1.000 52.232 0 419 HOH A O   1 ? 
HETATM 1494 O O   . HOH E 4 .   ? -4.187  -9.175  18.805  1.000 46.397 0 420 HOH A O   1 ? 
HETATM 1495 O O   . HOH E 4 .   ? -14.419 4.432   13.306  1.000 48.316 0 421 HOH A O   1 ? 
HETATM 1496 O O   . HOH E 4 .   ? -3.718  -6.994  20.896  1.000 44.377 0 422 HOH A O   1 ? 
HETATM 1497 O O   . HOH E 4 .   ? -12.479 -19.186 15.571  1.000 46.422 0 423 HOH A O   1 ? 
HETATM 1498 O O   . HOH E 4 .   ? -3.012  13.789  -14.201 1.000 49.830 0 424 HOH A O   1 ? 
HETATM 1499 O O   . HOH E 4 .   ? -9.773  13.667  -9.845  1.000 48.818 0 425 HOH A O   1 ? 
HETATM 1500 O O   . HOH E 4 .   ? -7.014  -22.783 11.373  1.000 35.055 0 426 HOH A O   1 ? 
HETATM 1501 O O   . HOH E 4 .   ? 2.204   -13.193 -9.343  1.000 49.514 0 427 HOH A O   1 ? 
HETATM 1502 O O   . HOH E 4 .   ? -14.668 -16.475 -4.533  1.000 39.451 0 428 HOH A O   1 ? 
HETATM 1503 O O   . HOH E 4 .   ? -0.921  -11.757 17.905  1.000 50.827 0 429 HOH A O   1 ? 
HETATM 1504 O O   . HOH E 4 .   ? 7.075   15.030  -16.186 1.000 48.015 0 430 HOH A O   1 ? 
HETATM 1505 O O   . HOH E 4 .   ? 5.906   16.617  9.900   1.000 50.400 0 431 HOH A O   1 ? 
HETATM 1506 O O   . HOH E 4 .   ? 4.529   6.614   11.459  1.000 50.601 0 432 HOH A O   1 ? 
HETATM 1507 O O   . HOH E 4 .   ? -10.232 -23.836 8.084   1.000 48.303 0 433 HOH A O   1 ? 
HETATM 1508 O O   . HOH E 4 .   ? 7.567   18.244  11.807  1.000 46.574 0 434 HOH A O   1 ? 
HETATM 1509 O O   . HOH E 4 .   ? -8.635  -25.269 0.546   1.000 45.859 0 435 HOH A O   1 ? 
# 
